data_2JBU
#
_entry.id   2JBU
#
_cell.length_a   263.277
_cell.length_b   263.277
_cell.length_c   90.735
_cell.angle_alpha   90.00
_cell.angle_beta   90.00
_cell.angle_gamma   120.00
#
_symmetry.space_group_name_H-M   'P 65'
#
loop_
_entity.id
_entity.type
_entity.pdbx_description
1 polymer 'INSULIN-DEGRADING ENZYME'
2 polymer 'CO-PURIFIED PEPTIDE'
3 non-polymer '1,4-DIETHYLENE DIOXIDE'
4 water water
#
loop_
_entity_poly.entity_id
_entity_poly.type
_entity_poly.pdbx_seq_one_letter_code
_entity_poly.pdbx_strand_id
1 'polypeptide(L)'
;MHHHHHHAAGIPMNNPAIKRIGNHITKSPEDKREYRGLELANGIKVLLISDPTTDKSSAALDVHIGSLSDPPNIAGLSHF
CQHMLFLGTKKYPKENEYSQFLSEHAGSSNAFTSGEHTNYYFDVSHEHLEGALDRFAQFFLCPLFDESCKDREVNAVDSE
HEKNVMNDAWRLFQLEKATGNPKHPFSKFGTGNKYTLETRPNQEGIDVRQELLKFHSAYYSSNLMAVCVLGRESLDDLTN
LVVKLFSEVENKNVPLPEFPEHPFQEEHLKQLYKIVPIKDIRNLYVTFPIPDLQKYYKSNPGHYLGHLIGHEGPGSLLSE
LKSKGWVNTLVGGQKEGARGFMFFIINVDLTEEGLLHVEDIILHMFQYIQKLRAEGPQEWVFQECKDLNAVAFRFKDKER
PRGYTSKIAGILHYYPLEEVLTAEYLLEEFRPDLIEMVLDKLRPENVRVAIVSKSFEGKTDRTEEWYGTQYKQEAIPDEV
IKKWQNADLNGKFKLPTKNEFIPTNFEILPLEKEATPYPALIKDTAMSKLWFKQDDKFFLPKACLNFEFFSPFAYVDPLH
CNMAYLYLELLKDSLNEYAYAAELAGLSYDLQNTIYGMYLSVKGYNDKQPILLKKIIEKMATFEIDEKRFEIIKEAYMRS
LNNFRAEQPHQHAMYYLRLLMTEVAWTKDELKEALDDVTLPRLKAFIPQLLSRLHIEALLHGNITKQAALGIMQMVEDTL
IEHAHTKPLLPSQLVRYREVQLPDRGWFVYQQRNEVHNNCGIEIYYQTDMQSTSENMFLELFCQIISEPCFNTLRTKEQL
GYIVFSGPRRANGIQGLRFIIQSEKPPHYLESRVEAFLITMEKSIEDMTEEAFQKHIQALAIRRLDKPKKLSAECAKYWG
EIISQQYNFDRDNTEVAYLKTLTKEDIIKFYKEMLAVDAPRRHKVSVHVLAREMDSCPVVGEFPCQNDINLSQAPALPQP
EVIQNMTEFKRGLPLFPLVKPHINFMAAKL
;
A,B
2 'polypeptide(L)' AAAAAAAAAAAA C,D
#
loop_
_chem_comp.id
_chem_comp.type
_chem_comp.name
_chem_comp.formula
DIO non-polymer '1,4-DIETHYLENE DIOXIDE' 'C4 H8 O2'
#
# COMPACT_ATOMS: atom_id res chain seq x y z
N ASN A 15 -32.67 11.76 2.00
CA ASN A 15 -33.90 12.48 2.33
C ASN A 15 -33.95 12.83 3.84
N PRO A 16 -33.76 11.82 4.70
CA PRO A 16 -33.80 12.15 6.12
C PRO A 16 -32.34 12.44 6.53
N ALA A 17 -31.39 12.17 5.64
CA ALA A 17 -30.00 12.45 6.03
C ALA A 17 -29.75 13.93 5.71
N ILE A 18 -30.53 14.45 4.77
CA ILE A 18 -30.40 15.85 4.34
C ILE A 18 -31.40 16.71 5.08
N LYS A 19 -30.95 17.81 5.68
CA LYS A 19 -31.86 18.69 6.41
C LYS A 19 -32.46 19.76 5.53
N ARG A 20 -31.69 20.23 4.56
CA ARG A 20 -32.13 21.32 3.70
C ARG A 20 -31.34 21.40 2.40
N ILE A 21 -31.99 21.86 1.34
CA ILE A 21 -31.34 22.03 0.06
C ILE A 21 -31.52 23.49 -0.28
N GLY A 22 -30.42 24.23 -0.28
CA GLY A 22 -30.50 25.63 -0.60
C GLY A 22 -31.03 25.78 -1.99
N ASN A 23 -31.44 26.99 -2.35
CA ASN A 23 -31.96 27.23 -3.68
C ASN A 23 -30.82 27.71 -4.57
N HIS A 24 -31.09 27.81 -5.87
CA HIS A 24 -30.09 28.24 -6.84
C HIS A 24 -28.95 29.03 -6.23
N ILE A 25 -27.72 28.54 -6.37
CA ILE A 25 -26.57 29.26 -5.82
C ILE A 25 -26.16 30.34 -6.82
N THR A 26 -26.33 31.59 -6.42
CA THR A 26 -25.99 32.68 -7.33
C THR A 26 -24.55 32.63 -7.78
N LYS A 27 -24.37 32.45 -9.08
CA LYS A 27 -23.02 32.41 -9.65
C LYS A 27 -22.92 33.41 -10.81
N SER A 28 -21.73 33.59 -11.36
CA SER A 28 -21.63 34.50 -12.49
C SER A 28 -22.14 33.77 -13.73
N PRO A 29 -22.68 34.53 -14.70
CA PRO A 29 -23.21 33.95 -15.94
C PRO A 29 -22.09 33.41 -16.80
N GLU A 30 -20.85 33.60 -16.35
CA GLU A 30 -19.67 33.12 -17.07
C GLU A 30 -19.25 31.77 -16.49
N ASP A 31 -19.48 31.56 -15.19
CA ASP A 31 -19.13 30.31 -14.54
C ASP A 31 -20.06 29.20 -15.01
N LYS A 32 -19.49 28.25 -15.75
CA LYS A 32 -20.26 27.13 -16.31
C LYS A 32 -20.38 25.95 -15.33
N ARG A 33 -19.70 26.04 -14.19
CA ARG A 33 -19.76 24.97 -13.21
C ARG A 33 -21.14 24.93 -12.58
N GLU A 34 -21.57 23.74 -12.16
CA GLU A 34 -22.88 23.54 -11.55
C GLU A 34 -22.77 23.57 -10.02
N TYR A 35 -23.73 24.20 -9.35
CA TYR A 35 -23.70 24.30 -7.90
C TYR A 35 -24.96 23.87 -7.16
N ARG A 36 -24.77 23.36 -5.95
CA ARG A 36 -25.87 22.94 -5.09
C ARG A 36 -25.49 23.12 -3.63
N GLY A 37 -26.28 23.92 -2.91
CA GLY A 37 -25.99 24.13 -1.51
C GLY A 37 -26.86 23.19 -0.71
N LEU A 38 -26.47 22.84 0.51
CA LEU A 38 -27.28 21.96 1.33
C LEU A 38 -26.74 21.75 2.74
N GLU A 39 -27.64 21.45 3.66
CA GLU A 39 -27.25 21.21 5.05
C GLU A 39 -27.64 19.81 5.37
N LEU A 40 -26.76 19.09 6.05
CA LEU A 40 -27.06 17.73 6.43
C LEU A 40 -27.83 17.69 7.77
N ALA A 41 -28.32 16.50 8.09
CA ALA A 41 -29.05 16.30 9.33
C ALA A 41 -28.16 16.65 10.53
N ASN A 42 -26.90 16.25 10.47
CA ASN A 42 -25.98 16.54 11.57
C ASN A 42 -25.63 18.01 11.62
N GLY A 43 -26.09 18.75 10.62
CA GLY A 43 -25.83 20.17 10.60
C GLY A 43 -24.60 20.65 9.85
N ILE A 44 -23.99 19.78 9.06
CA ILE A 44 -22.82 20.17 8.30
C ILE A 44 -23.30 20.91 7.08
N LYS A 45 -22.73 22.09 6.84
CA LYS A 45 -23.09 22.89 5.67
C LYS A 45 -22.19 22.44 4.50
N VAL A 46 -22.79 22.24 3.34
CA VAL A 46 -22.09 21.71 2.16
C VAL A 46 -22.37 22.45 0.86
N LEU A 47 -21.33 22.66 0.06
CA LEU A 47 -21.49 23.27 -1.26
C LEU A 47 -20.91 22.21 -2.22
N LEU A 48 -21.74 21.71 -3.12
CA LEU A 48 -21.27 20.72 -4.08
C LEU A 48 -21.01 21.41 -5.40
N ILE A 49 -19.89 21.05 -6.04
CA ILE A 49 -19.52 21.68 -7.29
C ILE A 49 -19.31 20.68 -8.41
N SER A 50 -20.03 20.85 -9.51
CA SER A 50 -19.89 19.93 -10.62
C SER A 50 -19.23 20.57 -11.82
N ASP A 51 -18.09 19.99 -12.19
CA ASP A 51 -17.31 20.46 -13.32
C ASP A 51 -16.88 19.26 -14.14
N PRO A 52 -17.70 18.86 -15.11
CA PRO A 52 -17.47 17.73 -16.02
C PRO A 52 -16.15 17.76 -16.75
N THR A 53 -15.47 18.90 -16.73
CA THR A 53 -14.21 19.02 -17.44
C THR A 53 -12.96 18.97 -16.59
N THR A 54 -13.09 19.12 -15.27
CA THR A 54 -11.93 19.13 -14.39
C THR A 54 -11.08 17.88 -14.49
N ASP A 55 -9.77 18.09 -14.41
CA ASP A 55 -8.84 16.98 -14.51
C ASP A 55 -8.49 16.54 -13.14
N LYS A 56 -8.76 17.39 -12.16
CA LYS A 56 -8.50 17.06 -10.76
C LYS A 56 -9.74 17.40 -9.95
N SER A 57 -10.16 16.49 -9.09
CA SER A 57 -11.32 16.77 -8.23
C SER A 57 -10.80 17.27 -6.87
N SER A 58 -11.70 17.72 -6.02
CA SER A 58 -11.26 18.28 -4.75
C SER A 58 -12.30 18.27 -3.64
N ALA A 59 -11.84 18.28 -2.39
CA ALA A 59 -12.75 18.33 -1.26
C ALA A 59 -12.02 19.08 -0.17
N ALA A 60 -12.78 19.73 0.69
CA ALA A 60 -12.20 20.48 1.80
C ALA A 60 -13.19 20.56 2.91
N LEU A 61 -12.69 20.52 4.13
CA LEU A 61 -13.53 20.60 5.30
C LEU A 61 -12.96 21.63 6.26
N ASP A 62 -13.79 22.59 6.64
CA ASP A 62 -13.39 23.62 7.58
C ASP A 62 -14.13 23.38 8.89
N VAL A 63 -13.39 23.33 9.99
CA VAL A 63 -13.99 23.12 11.30
C VAL A 63 -13.83 24.49 11.89
N HIS A 64 -14.91 25.00 12.48
CA HIS A 64 -14.85 26.32 13.05
C HIS A 64 -14.19 26.42 14.41
N ILE A 65 -13.13 25.64 14.62
CA ILE A 65 -12.42 25.73 15.88
C ILE A 65 -10.96 25.92 15.60
N GLY A 66 -10.27 26.67 16.47
CA GLY A 66 -8.83 26.89 16.28
C GLY A 66 -8.06 27.37 17.50
N SER A 67 -6.83 27.82 17.28
CA SER A 67 -5.97 28.31 18.36
C SER A 67 -6.70 28.99 19.53
N LEU A 68 -7.70 29.80 19.26
CA LEU A 68 -8.38 30.48 20.34
C LEU A 68 -8.99 29.50 21.36
N SER A 69 -9.39 28.32 20.88
CA SER A 69 -9.97 27.31 21.74
C SER A 69 -8.88 26.38 22.27
N ASP A 70 -7.65 26.84 22.23
CA ASP A 70 -6.58 26.00 22.73
C ASP A 70 -6.62 26.04 24.25
N PRO A 71 -6.68 24.84 24.87
CA PRO A 71 -6.70 24.76 26.34
C PRO A 71 -5.48 25.50 26.83
N PRO A 72 -5.65 26.37 27.83
CA PRO A 72 -4.58 27.19 28.41
C PRO A 72 -3.30 26.45 28.78
N ASN A 73 -3.43 25.23 29.27
CA ASN A 73 -2.26 24.45 29.68
C ASN A 73 -1.50 23.72 28.55
N ILE A 74 -1.97 23.81 27.32
CA ILE A 74 -1.30 23.14 26.20
C ILE A 74 -1.47 23.98 24.95
N ALA A 75 -0.57 24.93 24.75
CA ALA A 75 -0.64 25.81 23.61
C ALA A 75 -0.42 25.04 22.33
N GLY A 76 -1.23 25.36 21.32
CA GLY A 76 -1.11 24.72 20.03
C GLY A 76 -1.66 23.31 19.91
N LEU A 77 -2.60 22.94 20.78
CA LEU A 77 -3.15 21.60 20.66
C LEU A 77 -3.98 21.50 19.38
N SER A 78 -4.72 22.57 19.06
CA SER A 78 -5.55 22.56 17.85
C SER A 78 -4.66 22.40 16.61
N HIS A 79 -3.51 23.09 16.60
CA HIS A 79 -2.60 22.99 15.46
C HIS A 79 -2.00 21.60 15.40
N PHE A 80 -1.67 21.06 16.57
CA PHE A 80 -1.06 19.73 16.66
C PHE A 80 -2.06 18.69 16.21
N CYS A 81 -3.30 18.82 16.68
CA CYS A 81 -4.36 17.89 16.30
C CYS A 81 -4.45 17.85 14.77
N GLN A 82 -4.32 19.05 14.17
CA GLN A 82 -4.38 19.22 12.72
C GLN A 82 -3.35 18.34 12.06
N HIS A 83 -2.12 18.39 12.56
CA HIS A 83 -1.06 17.56 12.03
C HIS A 83 -1.39 16.09 12.16
N MET A 84 -1.79 15.69 13.37
CA MET A 84 -2.10 14.30 13.66
C MET A 84 -3.17 13.60 12.82
N LEU A 85 -4.23 14.31 12.41
CA LEU A 85 -5.25 13.63 11.63
C LEU A 85 -4.73 12.99 10.34
N PHE A 86 -3.64 13.52 9.81
CA PHE A 86 -3.06 12.96 8.59
C PHE A 86 -2.27 11.70 8.87
N LEU A 87 -2.10 11.35 10.13
CA LEU A 87 -1.30 10.19 10.45
C LEU A 87 -1.98 8.87 10.75
N GLY A 88 -3.23 8.72 10.33
CA GLY A 88 -3.89 7.44 10.56
C GLY A 88 -5.24 7.39 11.25
N THR A 89 -6.12 6.58 10.69
CA THR A 89 -7.44 6.39 11.26
C THR A 89 -7.70 4.89 11.42
N LYS A 90 -8.74 4.57 12.19
CA LYS A 90 -9.13 3.20 12.43
C LYS A 90 -9.39 2.46 11.12
N LYS A 91 -10.10 3.13 10.22
CA LYS A 91 -10.43 2.55 8.93
C LYS A 91 -9.17 2.39 8.04
N TYR A 92 -8.26 3.36 8.09
CA TYR A 92 -7.02 3.31 7.31
C TYR A 92 -5.88 3.70 8.24
N PRO A 93 -5.35 2.69 8.96
CA PRO A 93 -4.26 2.72 9.94
C PRO A 93 -2.90 3.26 9.51
N LYS A 94 -2.47 2.96 8.30
CA LYS A 94 -1.16 3.38 7.78
C LYS A 94 -0.87 4.89 7.96
N GLU A 95 0.11 5.23 8.79
CA GLU A 95 0.43 6.63 9.03
C GLU A 95 0.46 7.48 7.76
N ASN A 96 0.84 6.90 6.64
CA ASN A 96 0.89 7.68 5.42
C ASN A 96 -0.08 7.19 4.34
N GLU A 97 -1.10 6.43 4.73
CA GLU A 97 -2.08 5.96 3.75
C GLU A 97 -2.75 7.12 2.96
N TYR A 98 -3.07 8.21 3.65
CA TYR A 98 -3.72 9.35 3.00
C TYR A 98 -2.79 9.97 1.96
N SER A 99 -1.65 10.46 2.43
CA SER A 99 -0.66 11.05 1.53
C SER A 99 -0.26 10.09 0.40
N GLN A 100 0.08 8.85 0.71
CA GLN A 100 0.47 7.92 -0.34
C GLN A 100 -0.63 7.71 -1.39
N PHE A 101 -1.87 7.67 -0.94
CA PHE A 101 -2.97 7.47 -1.85
C PHE A 101 -3.13 8.65 -2.81
N LEU A 102 -2.83 9.85 -2.35
CA LEU A 102 -2.96 11.01 -3.21
C LEU A 102 -1.87 11.07 -4.28
N SER A 103 -0.60 10.99 -3.86
CA SER A 103 0.51 11.06 -4.81
C SER A 103 0.40 10.03 -5.92
N GLU A 104 -0.05 8.84 -5.56
CA GLU A 104 -0.22 7.79 -6.55
C GLU A 104 -1.37 8.09 -7.50
N HIS A 105 -2.22 9.04 -7.13
CA HIS A 105 -3.33 9.41 -7.99
C HIS A 105 -3.33 10.90 -8.33
N ALA A 106 -2.12 11.43 -8.51
CA ALA A 106 -1.89 12.81 -8.89
C ALA A 106 -2.47 13.87 -7.94
N GLY A 107 -2.68 13.50 -6.68
CA GLY A 107 -3.24 14.46 -5.76
C GLY A 107 -2.24 15.12 -4.84
N SER A 108 -2.71 16.11 -4.12
CA SER A 108 -1.90 16.85 -3.17
C SER A 108 -2.82 17.20 -2.02
N SER A 109 -2.26 17.72 -0.94
CA SER A 109 -3.07 18.05 0.20
C SER A 109 -2.37 18.94 1.22
N ASN A 110 -3.16 19.55 2.08
CA ASN A 110 -2.60 20.37 3.13
C ASN A 110 -3.70 20.88 4.02
N ALA A 111 -3.29 21.54 5.08
CA ALA A 111 -4.23 22.06 6.05
C ALA A 111 -3.58 23.22 6.78
N PHE A 112 -4.39 24.04 7.45
CA PHE A 112 -3.86 25.12 8.24
C PHE A 112 -4.81 25.33 9.39
N THR A 113 -4.34 26.07 10.39
CA THR A 113 -5.12 26.35 11.58
C THR A 113 -5.00 27.84 11.85
N SER A 114 -6.12 28.50 12.09
CA SER A 114 -6.12 29.93 12.42
C SER A 114 -6.74 30.04 13.81
N GLY A 115 -7.03 31.24 14.27
CA GLY A 115 -7.61 31.37 15.60
C GLY A 115 -8.99 30.75 15.78
N GLU A 116 -9.78 30.66 14.71
CA GLU A 116 -11.13 30.12 14.80
C GLU A 116 -11.43 29.06 13.76
N HIS A 117 -10.42 28.58 13.06
CA HIS A 117 -10.70 27.56 12.04
C HIS A 117 -9.60 26.57 11.83
N THR A 118 -10.01 25.42 11.31
CA THR A 118 -9.08 24.38 10.96
C THR A 118 -9.62 23.88 9.64
N ASN A 119 -8.84 24.13 8.60
CA ASN A 119 -9.22 23.84 7.24
C ASN A 119 -8.31 22.76 6.63
N TYR A 120 -8.92 21.68 6.17
CA TYR A 120 -8.18 20.57 5.58
C TYR A 120 -8.69 20.45 4.16
N TYR A 121 -7.80 20.18 3.21
CA TYR A 121 -8.22 20.07 1.82
C TYR A 121 -7.24 19.24 1.03
N PHE A 122 -7.67 18.83 -0.17
CA PHE A 122 -6.84 18.02 -1.05
C PHE A 122 -7.40 18.06 -2.46
N ASP A 123 -6.64 17.47 -3.38
CA ASP A 123 -7.08 17.32 -4.76
C ASP A 123 -6.53 15.95 -5.17
N VAL A 124 -7.11 15.35 -6.20
CA VAL A 124 -6.67 14.05 -6.64
C VAL A 124 -7.14 13.95 -8.09
N SER A 125 -6.65 12.96 -8.84
CA SER A 125 -7.11 12.80 -10.21
C SER A 125 -8.63 12.72 -10.14
N HIS A 126 -9.30 13.34 -11.11
CA HIS A 126 -10.76 13.36 -11.11
C HIS A 126 -11.41 11.99 -10.97
N GLU A 127 -10.64 10.95 -11.26
CA GLU A 127 -11.13 9.58 -11.15
C GLU A 127 -10.97 8.89 -9.80
N HIS A 128 -10.66 9.63 -8.74
CA HIS A 128 -10.47 9.00 -7.44
C HIS A 128 -10.94 9.88 -6.29
N LEU A 129 -12.00 10.64 -6.56
CA LEU A 129 -12.57 11.50 -5.56
C LEU A 129 -12.96 10.65 -4.34
N GLU A 130 -13.71 9.59 -4.60
CA GLU A 130 -14.16 8.73 -3.52
C GLU A 130 -13.02 8.12 -2.68
N GLY A 131 -12.13 7.36 -3.33
CA GLY A 131 -11.03 6.75 -2.61
C GLY A 131 -10.40 7.83 -1.77
N ALA A 132 -10.24 8.98 -2.42
CA ALA A 132 -9.66 10.13 -1.76
C ALA A 132 -10.53 10.59 -0.60
N LEU A 133 -11.75 10.99 -0.93
CA LEU A 133 -12.69 11.51 0.05
C LEU A 133 -12.99 10.57 1.22
N ASP A 134 -13.11 9.28 0.91
CA ASP A 134 -13.37 8.26 1.92
C ASP A 134 -12.26 8.32 2.97
N ARG A 135 -11.02 8.19 2.50
CA ARG A 135 -9.88 8.25 3.39
C ARG A 135 -9.87 9.55 4.19
N PHE A 136 -10.21 10.63 3.48
CA PHE A 136 -10.27 11.96 4.06
C PHE A 136 -11.30 12.08 5.16
N ALA A 137 -12.47 11.49 4.95
CA ALA A 137 -13.52 11.63 5.96
C ALA A 137 -13.15 11.03 7.32
N GLN A 138 -12.32 10.00 7.29
CA GLN A 138 -11.95 9.35 8.53
C GLN A 138 -11.25 10.29 9.48
N PHE A 139 -10.58 11.31 8.94
CA PHE A 139 -9.88 12.29 9.78
C PHE A 139 -10.82 12.82 10.85
N PHE A 140 -12.11 12.81 10.53
CA PHE A 140 -13.15 13.37 11.41
C PHE A 140 -14.12 12.32 11.96
N LEU A 141 -13.67 11.08 12.05
CA LEU A 141 -14.54 10.02 12.55
C LEU A 141 -13.78 9.08 13.47
N CYS A 142 -12.50 8.86 13.17
CA CYS A 142 -11.71 7.94 13.94
C CYS A 142 -10.23 8.17 13.82
N PRO A 143 -9.77 9.33 14.27
CA PRO A 143 -8.33 9.56 14.17
C PRO A 143 -7.71 8.59 15.17
N LEU A 144 -6.58 7.99 14.86
CA LEU A 144 -5.96 7.09 15.84
C LEU A 144 -5.09 7.86 16.81
N PHE A 145 -4.59 9.01 16.38
CA PHE A 145 -3.68 9.78 17.22
C PHE A 145 -2.66 8.79 17.80
N ASP A 146 -2.04 7.96 16.96
CA ASP A 146 -1.07 6.98 17.43
C ASP A 146 -0.05 7.53 18.42
N GLU A 147 0.39 6.69 19.36
CA GLU A 147 1.36 7.15 20.36
C GLU A 147 2.74 7.42 19.79
N SER A 148 3.17 6.60 18.83
CA SER A 148 4.48 6.77 18.19
C SER A 148 4.47 7.95 17.21
N CYS A 149 3.35 8.15 16.53
CA CYS A 149 3.28 9.25 15.60
C CYS A 149 3.34 10.56 16.38
N LYS A 150 2.71 10.56 17.55
CA LYS A 150 2.68 11.74 18.39
C LYS A 150 4.04 12.25 18.81
N ASP A 151 4.94 11.35 19.16
CA ASP A 151 6.25 11.79 19.61
C ASP A 151 7.06 12.30 18.44
N ARG A 152 6.92 11.61 17.31
CA ARG A 152 7.64 12.00 16.12
C ARG A 152 7.19 13.37 15.60
N GLU A 153 5.88 13.52 15.42
CA GLU A 153 5.29 14.74 14.89
C GLU A 153 5.42 15.98 15.76
N VAL A 154 5.57 15.81 17.06
CA VAL A 154 5.70 16.97 17.94
C VAL A 154 6.91 17.74 17.43
N ASN A 155 7.82 17.01 16.79
CA ASN A 155 9.06 17.57 16.22
C ASN A 155 8.79 18.47 15.04
N ALA A 156 7.98 17.99 14.11
CA ALA A 156 7.65 18.78 12.92
C ALA A 156 7.14 20.15 13.36
N VAL A 157 6.16 20.16 14.26
CA VAL A 157 5.61 21.41 14.76
C VAL A 157 6.72 22.31 15.32
N ASP A 158 7.50 21.76 16.25
CA ASP A 158 8.61 22.52 16.83
C ASP A 158 9.39 23.16 15.72
N SER A 159 9.82 22.35 14.75
CA SER A 159 10.58 22.86 13.60
C SER A 159 9.84 24.01 12.90
N GLU A 160 8.55 23.84 12.64
CA GLU A 160 7.75 24.88 12.01
C GLU A 160 7.90 26.15 12.84
N HIS A 161 7.65 26.06 14.15
CA HIS A 161 7.78 27.27 14.98
C HIS A 161 9.19 27.81 14.95
N GLU A 162 10.15 26.91 14.79
CA GLU A 162 11.54 27.30 14.78
C GLU A 162 11.83 28.30 13.66
N LYS A 163 11.38 27.97 12.45
CA LYS A 163 11.61 28.83 11.31
C LYS A 163 11.02 30.21 11.49
N ASN A 164 9.96 30.31 12.29
CA ASN A 164 9.30 31.59 12.53
C ASN A 164 9.92 32.49 13.58
N VAL A 165 10.70 31.91 14.47
CA VAL A 165 11.29 32.70 15.53
C VAL A 165 12.09 33.92 15.14
N MET A 166 12.90 33.80 14.10
CA MET A 166 13.72 34.93 13.67
C MET A 166 13.03 35.75 12.59
N ASN A 167 11.74 35.58 12.45
CA ASN A 167 10.99 36.30 11.46
C ASN A 167 10.26 37.51 12.05
N ASP A 168 10.60 38.69 11.54
CA ASP A 168 10.01 39.93 12.01
C ASP A 168 8.49 39.97 12.01
N ALA A 169 7.88 39.38 10.98
CA ALA A 169 6.41 39.34 10.86
C ALA A 169 5.81 38.52 12.00
N TRP A 170 6.25 37.28 12.12
CA TRP A 170 5.73 36.42 13.18
C TRP A 170 5.92 37.02 14.57
N ARG A 171 7.08 37.64 14.81
CA ARG A 171 7.38 38.24 16.09
C ARG A 171 6.45 39.40 16.44
N LEU A 172 6.08 40.20 15.44
CA LEU A 172 5.19 41.33 15.68
C LEU A 172 3.77 40.83 15.80
N PHE A 173 3.43 39.81 15.04
CA PHE A 173 2.10 39.24 15.09
C PHE A 173 1.80 38.79 16.51
N GLN A 174 2.75 38.11 17.13
CA GLN A 174 2.58 37.60 18.48
C GLN A 174 2.76 38.70 19.53
N LEU A 175 3.69 39.63 19.29
CA LEU A 175 3.89 40.71 20.25
C LEU A 175 2.61 41.50 20.43
N GLU A 176 1.74 41.53 19.43
CA GLU A 176 0.49 42.26 19.58
C GLU A 176 -0.30 41.49 20.61
N LYS A 177 -0.56 40.21 20.31
CA LYS A 177 -1.32 39.35 21.22
C LYS A 177 -0.83 39.48 22.66
N ALA A 178 0.45 39.82 22.81
CA ALA A 178 1.07 39.93 24.12
C ALA A 178 0.92 41.30 24.77
N THR A 179 0.55 42.30 23.99
CA THR A 179 0.40 43.65 24.53
C THR A 179 -1.03 43.99 24.95
N GLY A 180 -1.97 43.10 24.64
CA GLY A 180 -3.34 43.32 25.02
C GLY A 180 -3.69 42.55 26.29
N ASN A 181 -4.95 42.58 26.68
CA ASN A 181 -5.39 41.89 27.89
C ASN A 181 -4.99 40.42 27.96
N PRO A 182 -4.03 40.10 28.84
CA PRO A 182 -3.51 38.76 29.04
C PRO A 182 -4.61 37.73 29.23
N LYS A 183 -5.68 38.14 29.90
CA LYS A 183 -6.81 37.24 30.14
C LYS A 183 -7.52 36.80 28.87
N HIS A 184 -7.54 37.65 27.85
CA HIS A 184 -8.21 37.37 26.59
C HIS A 184 -7.53 36.26 25.83
N PRO A 185 -8.29 35.26 25.35
CA PRO A 185 -7.69 34.15 24.60
C PRO A 185 -6.88 34.62 23.39
N PHE A 186 -7.01 35.89 23.05
CA PHE A 186 -6.28 36.46 21.94
C PHE A 186 -4.76 36.48 22.20
N SER A 187 -4.39 36.40 23.47
CA SER A 187 -2.98 36.42 23.84
C SER A 187 -2.28 35.09 23.65
N LYS A 188 -3.06 34.05 23.38
CA LYS A 188 -2.51 32.71 23.18
C LYS A 188 -1.43 32.54 22.09
N PHE A 189 -0.65 31.48 22.26
CA PHE A 189 0.42 31.15 21.31
C PHE A 189 -0.12 29.97 20.49
N GLY A 190 -0.59 30.29 19.29
CA GLY A 190 -1.18 29.29 18.44
C GLY A 190 -0.36 28.19 17.81
N THR A 191 0.92 28.44 17.55
CA THR A 191 1.69 27.39 16.90
C THR A 191 2.08 26.23 17.79
N GLY A 192 2.54 26.54 18.99
CA GLY A 192 2.98 25.50 19.89
C GLY A 192 4.38 25.08 19.43
N ASN A 193 4.98 24.15 20.17
CA ASN A 193 6.30 23.65 19.81
C ASN A 193 6.62 22.45 20.69
N LYS A 194 7.89 22.08 20.76
CA LYS A 194 8.29 20.92 21.55
C LYS A 194 8.04 21.12 23.02
N TYR A 195 8.34 22.30 23.50
CA TYR A 195 8.15 22.58 24.90
C TYR A 195 6.70 22.47 25.33
N THR A 196 5.81 23.22 24.66
CA THR A 196 4.40 23.23 25.03
C THR A 196 3.61 21.99 24.63
N LEU A 197 4.12 21.23 23.66
CA LEU A 197 3.41 20.05 23.18
C LEU A 197 3.88 18.69 23.71
N GLU A 198 5.02 18.69 24.40
CA GLU A 198 5.58 17.45 24.94
C GLU A 198 6.28 17.74 26.27
N THR A 199 7.46 18.36 26.21
CA THR A 199 8.20 18.73 27.41
C THR A 199 7.28 19.09 28.59
N ARG A 200 6.73 20.29 28.56
CA ARG A 200 5.84 20.75 29.63
C ARG A 200 4.77 19.72 29.98
N PRO A 201 3.97 19.28 29.00
CA PRO A 201 2.92 18.29 29.27
C PRO A 201 3.41 17.14 30.14
N ASN A 202 4.58 16.62 29.78
CA ASN A 202 5.22 15.53 30.52
C ASN A 202 5.47 16.02 31.94
N GLN A 203 6.38 16.99 32.06
CA GLN A 203 6.72 17.53 33.35
C GLN A 203 5.53 18.24 33.99
N GLU A 204 4.36 17.59 33.90
CA GLU A 204 3.10 18.08 34.48
C GLU A 204 2.08 16.94 34.42
N GLY A 205 2.57 15.75 34.09
CA GLY A 205 1.73 14.56 34.00
C GLY A 205 0.53 14.66 33.09
N ILE A 206 0.74 14.84 31.79
CA ILE A 206 -0.37 14.94 30.84
C ILE A 206 -0.26 13.93 29.71
N ASP A 207 -1.22 13.02 29.61
CA ASP A 207 -1.21 12.04 28.52
C ASP A 207 -1.78 12.78 27.31
N VAL A 208 -0.90 13.27 26.45
CA VAL A 208 -1.37 14.02 25.29
C VAL A 208 -2.31 13.22 24.38
N ARG A 209 -1.93 12.00 23.99
CA ARG A 209 -2.80 11.18 23.15
C ARG A 209 -4.25 11.27 23.63
N GLN A 210 -4.44 11.55 24.91
CA GLN A 210 -5.78 11.67 25.47
C GLN A 210 -6.27 13.08 25.21
N GLU A 211 -5.39 14.06 25.44
CA GLU A 211 -5.69 15.47 25.22
C GLU A 211 -6.16 15.68 23.78
N LEU A 212 -5.44 15.06 22.85
CA LEU A 212 -5.81 15.12 21.46
C LEU A 212 -7.18 14.47 21.33
N LEU A 213 -7.30 13.23 21.76
CA LEU A 213 -8.58 12.53 21.72
C LEU A 213 -9.67 13.38 22.38
N LYS A 214 -9.34 14.04 23.50
CA LYS A 214 -10.29 14.87 24.21
C LYS A 214 -10.81 16.00 23.33
N PHE A 215 -9.89 16.86 22.94
CA PHE A 215 -10.18 18.02 22.11
C PHE A 215 -10.93 17.64 20.83
N HIS A 216 -10.45 16.63 20.11
CA HIS A 216 -11.10 16.22 18.87
C HIS A 216 -12.57 15.88 19.06
N SER A 217 -12.86 15.20 20.16
CA SER A 217 -14.23 14.79 20.49
C SER A 217 -15.08 15.96 20.97
N ALA A 218 -14.45 16.85 21.74
CA ALA A 218 -15.12 18.01 22.27
C ALA A 218 -15.49 19.01 21.19
N TYR A 219 -14.63 19.14 20.17
CA TYR A 219 -14.90 20.12 19.13
C TYR A 219 -15.16 19.69 17.72
N TYR A 220 -14.66 18.56 17.29
CA TYR A 220 -14.94 18.22 15.91
C TYR A 220 -16.38 17.76 15.72
N SER A 221 -17.30 18.59 16.18
CA SER A 221 -18.75 18.34 16.07
C SER A 221 -19.28 18.73 14.68
N SER A 222 -20.13 17.90 14.11
CA SER A 222 -20.68 18.19 12.80
C SER A 222 -21.37 19.56 12.71
N ASN A 223 -21.95 20.01 13.82
CA ASN A 223 -22.65 21.29 13.80
C ASN A 223 -21.67 22.42 13.56
N LEU A 224 -20.37 22.14 13.65
CA LEU A 224 -19.37 23.17 13.44
C LEU A 224 -18.50 22.97 12.19
N MET A 225 -19.00 22.18 11.24
CA MET A 225 -18.28 21.86 10.02
C MET A 225 -18.92 22.23 8.69
N ALA A 226 -18.09 22.69 7.76
CA ALA A 226 -18.53 23.02 6.42
C ALA A 226 -17.65 22.22 5.46
N VAL A 227 -18.27 21.68 4.42
CA VAL A 227 -17.55 20.88 3.45
C VAL A 227 -17.85 21.37 2.03
N CYS A 228 -16.84 21.34 1.19
CA CYS A 228 -17.05 21.71 -0.19
C CYS A 228 -16.43 20.62 -1.06
N VAL A 229 -17.19 20.08 -1.99
CA VAL A 229 -16.64 19.04 -2.83
C VAL A 229 -16.85 19.43 -4.28
N LEU A 230 -15.84 19.16 -5.11
CA LEU A 230 -15.90 19.49 -6.53
C LEU A 230 -15.38 18.31 -7.35
N GLY A 231 -16.08 17.98 -8.43
CA GLY A 231 -15.66 16.87 -9.26
C GLY A 231 -16.51 16.81 -10.50
N ARG A 232 -16.25 15.84 -11.36
CA ARG A 232 -17.00 15.71 -12.60
C ARG A 232 -18.38 15.11 -12.40
N GLU A 233 -18.59 14.44 -11.27
CA GLU A 233 -19.88 13.83 -11.01
C GLU A 233 -21.03 14.83 -11.02
N SER A 234 -22.23 14.32 -11.32
CA SER A 234 -23.44 15.11 -11.34
C SER A 234 -23.70 15.63 -9.91
N LEU A 235 -24.50 16.68 -9.78
CA LEU A 235 -24.77 17.21 -8.46
C LEU A 235 -25.46 16.13 -7.62
N ASP A 236 -26.30 15.34 -8.27
CA ASP A 236 -26.99 14.27 -7.59
C ASP A 236 -25.96 13.28 -7.06
N ASP A 237 -25.12 12.79 -7.95
CA ASP A 237 -24.09 11.86 -7.54
C ASP A 237 -23.23 12.47 -6.42
N LEU A 238 -22.81 13.72 -6.59
CA LEU A 238 -22.02 14.37 -5.54
C LEU A 238 -22.79 14.39 -4.22
N THR A 239 -24.10 14.64 -4.28
CA THR A 239 -24.90 14.67 -3.06
C THR A 239 -24.86 13.35 -2.30
N ASN A 240 -25.21 12.26 -2.99
CA ASN A 240 -25.20 10.92 -2.38
C ASN A 240 -23.86 10.66 -1.76
N LEU A 241 -22.83 10.97 -2.54
CA LEU A 241 -21.47 10.77 -2.11
C LEU A 241 -21.19 11.44 -0.76
N VAL A 242 -21.53 12.71 -0.65
CA VAL A 242 -21.23 13.43 0.59
C VAL A 242 -22.09 12.93 1.74
N VAL A 243 -23.34 12.59 1.43
CA VAL A 243 -24.21 12.07 2.47
C VAL A 243 -23.59 10.78 2.97
N LYS A 244 -23.26 9.88 2.05
CA LYS A 244 -22.66 8.61 2.40
C LYS A 244 -21.46 8.70 3.33
N LEU A 245 -20.49 9.53 3.02
CA LEU A 245 -19.31 9.60 3.89
C LEU A 245 -19.38 10.61 5.02
N PHE A 246 -20.42 11.43 5.08
CA PHE A 246 -20.43 12.43 6.13
C PHE A 246 -21.57 12.53 7.09
N SER A 247 -22.71 11.95 6.76
CA SER A 247 -23.82 12.07 7.66
C SER A 247 -23.52 11.29 8.93
N GLU A 248 -22.47 10.46 8.88
CA GLU A 248 -22.10 9.69 10.06
C GLU A 248 -21.31 10.49 11.10
N VAL A 249 -20.92 11.73 10.76
CA VAL A 249 -20.17 12.57 11.70
C VAL A 249 -21.13 13.05 12.78
N GLU A 250 -20.79 12.71 14.01
CA GLU A 250 -21.61 13.05 15.17
C GLU A 250 -21.85 14.54 15.40
N ASN A 251 -23.00 14.88 15.98
CA ASN A 251 -23.33 16.26 16.27
C ASN A 251 -23.41 16.49 17.77
N LYS A 252 -22.35 17.02 18.36
CA LYS A 252 -22.35 17.30 19.79
C LYS A 252 -22.81 18.71 20.12
N ASN A 253 -23.66 19.29 19.27
CA ASN A 253 -24.18 20.65 19.46
C ASN A 253 -23.29 21.57 20.26
N VAL A 254 -22.08 21.77 19.78
CA VAL A 254 -21.15 22.61 20.48
C VAL A 254 -21.37 24.08 20.18
N PRO A 255 -21.40 24.91 21.23
CA PRO A 255 -21.60 26.36 21.12
C PRO A 255 -20.38 26.94 20.39
N LEU A 256 -20.59 27.77 19.36
CA LEU A 256 -19.48 28.37 18.62
C LEU A 256 -18.88 29.46 19.47
N PRO A 257 -17.57 29.40 19.74
CA PRO A 257 -16.87 30.41 20.56
C PRO A 257 -17.11 31.85 20.12
N GLU A 258 -17.39 32.74 21.09
CA GLU A 258 -17.63 34.15 20.80
C GLU A 258 -16.65 34.95 21.63
N PHE A 259 -16.28 36.13 21.16
CA PHE A 259 -15.32 36.94 21.89
C PHE A 259 -15.75 38.38 21.94
N PRO A 260 -16.92 38.64 22.53
CA PRO A 260 -17.40 40.02 22.63
C PRO A 260 -16.32 40.69 23.46
N GLU A 261 -16.21 42.00 23.42
CA GLU A 261 -15.19 42.62 24.27
C GLU A 261 -13.78 42.46 23.73
N HIS A 262 -13.30 43.57 23.19
CA HIS A 262 -12.01 43.65 22.58
C HIS A 262 -10.87 43.25 23.49
N PRO A 263 -9.85 42.61 22.92
CA PRO A 263 -8.69 42.18 23.69
C PRO A 263 -7.94 43.44 24.11
N PHE A 264 -8.12 44.51 23.35
CA PHE A 264 -7.46 45.77 23.67
C PHE A 264 -8.48 46.58 24.44
N GLN A 265 -8.28 46.64 25.76
CA GLN A 265 -9.18 47.39 26.62
C GLN A 265 -8.59 48.76 26.91
N GLU A 266 -9.21 49.50 27.80
CA GLU A 266 -8.75 50.85 28.10
C GLU A 266 -7.27 50.97 28.40
N GLU A 267 -6.79 50.19 29.36
CA GLU A 267 -5.38 50.24 29.73
C GLU A 267 -4.45 50.01 28.56
N HIS A 268 -4.96 49.39 27.50
CA HIS A 268 -4.13 49.09 26.35
C HIS A 268 -4.15 50.20 25.28
N LEU A 269 -4.92 51.25 25.52
CA LEU A 269 -5.00 52.34 24.56
C LEU A 269 -4.06 53.49 24.91
N LYS A 270 -3.79 54.33 23.91
CA LYS A 270 -2.87 55.44 24.08
C LYS A 270 -1.49 54.92 24.50
N GLN A 271 -1.14 53.77 23.93
CA GLN A 271 0.12 53.14 24.22
C GLN A 271 1.09 53.25 23.04
N LEU A 272 2.38 53.22 23.38
CA LEU A 272 3.46 53.30 22.41
C LEU A 272 4.46 52.18 22.67
N TYR A 273 4.82 51.44 21.65
CA TYR A 273 5.76 50.36 21.81
C TYR A 273 6.94 50.59 20.91
N LYS A 274 8.14 50.32 21.41
CA LYS A 274 9.33 50.50 20.60
C LYS A 274 9.92 49.11 20.44
N ILE A 275 10.00 48.66 19.19
CA ILE A 275 10.48 47.31 18.95
C ILE A 275 11.74 47.22 18.15
N VAL A 276 12.61 46.29 18.57
CA VAL A 276 13.87 46.02 17.90
C VAL A 276 13.62 44.85 16.96
N PRO A 277 13.81 45.08 15.65
CA PRO A 277 13.60 44.06 14.63
C PRO A 277 14.84 43.24 14.36
N ILE A 278 14.66 42.12 13.67
CA ILE A 278 15.77 41.27 13.30
C ILE A 278 16.39 41.95 12.07
N LYS A 279 15.61 42.13 11.01
CA LYS A 279 16.15 42.82 9.84
C LYS A 279 16.25 44.30 10.17
N ASP A 280 16.92 45.04 9.29
CA ASP A 280 17.06 46.47 9.49
C ASP A 280 15.95 47.13 8.73
N ILE A 281 14.84 47.35 9.42
CA ILE A 281 13.67 47.95 8.79
C ILE A 281 13.12 49.00 9.73
N ARG A 282 12.39 49.95 9.15
CA ARG A 282 11.77 51.04 9.91
C ARG A 282 10.28 51.04 9.68
N ASN A 283 9.48 50.84 10.71
CA ASN A 283 8.04 50.82 10.51
C ASN A 283 7.24 51.40 11.63
N LEU A 284 6.15 52.07 11.25
CA LEU A 284 5.21 52.64 12.19
C LEU A 284 3.90 51.83 12.04
N TYR A 285 3.39 51.35 13.16
CA TYR A 285 2.16 50.58 13.13
C TYR A 285 1.16 51.29 14.01
N VAL A 286 0.10 51.79 13.38
CA VAL A 286 -0.96 52.49 14.10
C VAL A 286 -2.20 51.60 14.09
N THR A 287 -2.82 51.41 15.25
CA THR A 287 -3.99 50.55 15.33
C THR A 287 -5.13 51.15 16.13
N PHE A 288 -6.35 50.78 15.77
CA PHE A 288 -7.56 51.23 16.46
C PHE A 288 -8.46 50.00 16.67
N PRO A 289 -9.04 49.85 17.86
CA PRO A 289 -9.92 48.71 18.17
C PRO A 289 -11.25 49.00 17.53
N ILE A 290 -11.81 48.04 16.81
CA ILE A 290 -13.10 48.28 16.23
C ILE A 290 -14.03 47.11 16.47
N PRO A 291 -15.33 47.37 16.38
CA PRO A 291 -16.30 46.29 16.59
C PRO A 291 -16.16 45.28 15.43
N ASP A 292 -16.80 44.14 15.58
CA ASP A 292 -16.75 43.13 14.55
C ASP A 292 -17.68 43.59 13.41
N LEU A 293 -17.10 43.92 12.27
CA LEU A 293 -17.87 44.40 11.13
C LEU A 293 -18.40 43.30 10.21
N GLN A 294 -18.01 42.04 10.46
CA GLN A 294 -18.43 40.94 9.60
C GLN A 294 -19.92 40.91 9.22
N LYS A 295 -20.82 41.15 10.16
CA LYS A 295 -22.24 41.10 9.82
C LYS A 295 -22.59 42.08 8.72
N TYR A 296 -21.96 43.26 8.75
CA TYR A 296 -22.23 44.29 7.76
C TYR A 296 -21.61 44.00 6.38
N TYR A 297 -21.56 42.74 5.99
CA TYR A 297 -20.91 42.42 4.75
C TYR A 297 -21.53 42.97 3.48
N LYS A 298 -22.81 43.34 3.55
CA LYS A 298 -23.50 43.86 2.38
C LYS A 298 -23.22 45.35 2.16
N SER A 299 -22.56 45.98 3.13
CA SER A 299 -22.22 47.40 3.00
C SER A 299 -20.71 47.60 3.14
N ASN A 300 -20.10 46.90 4.07
CA ASN A 300 -18.66 46.98 4.27
C ASN A 300 -18.09 48.32 4.68
N PRO A 301 -18.69 48.97 5.68
CA PRO A 301 -18.20 50.28 6.13
C PRO A 301 -16.69 50.33 6.35
N GLY A 302 -16.11 49.24 6.84
CA GLY A 302 -14.68 49.24 7.07
C GLY A 302 -13.87 49.36 5.80
N HIS A 303 -14.38 48.79 4.72
CA HIS A 303 -13.69 48.83 3.45
C HIS A 303 -13.77 50.18 2.78
N TYR A 304 -14.83 50.91 3.06
CA TYR A 304 -15.00 52.23 2.51
C TYR A 304 -13.84 53.04 3.04
N LEU A 305 -13.68 53.01 4.36
CA LEU A 305 -12.63 53.77 5.00
C LEU A 305 -11.25 53.26 4.59
N GLY A 306 -11.16 51.94 4.41
CA GLY A 306 -9.89 51.37 4.02
C GLY A 306 -9.50 51.87 2.64
N HIS A 307 -10.48 51.88 1.75
CA HIS A 307 -10.28 52.32 0.37
C HIS A 307 -9.77 53.75 0.30
N LEU A 308 -10.35 54.61 1.14
CA LEU A 308 -9.97 56.00 1.18
C LEU A 308 -8.66 56.19 1.91
N ILE A 309 -8.66 55.92 3.21
CA ILE A 309 -7.45 56.07 3.97
C ILE A 309 -6.30 55.31 3.31
N GLY A 310 -6.61 54.15 2.72
CA GLY A 310 -5.57 53.38 2.07
C GLY A 310 -5.23 53.83 0.65
N HIS A 311 -5.98 54.78 0.13
CA HIS A 311 -5.78 55.28 -1.23
C HIS A 311 -4.38 55.81 -1.47
N GLU A 312 -3.91 55.63 -2.71
CA GLU A 312 -2.56 56.07 -3.08
C GLU A 312 -2.51 57.04 -4.26
N GLY A 313 -3.65 57.49 -4.74
CA GLY A 313 -3.63 58.42 -5.86
C GLY A 313 -3.50 59.85 -5.38
N PRO A 314 -3.67 60.82 -6.28
CA PRO A 314 -3.57 62.23 -5.89
C PRO A 314 -4.51 62.62 -4.75
N GLY A 315 -3.99 63.38 -3.79
CA GLY A 315 -4.81 63.86 -2.70
C GLY A 315 -4.78 62.94 -1.53
N SER A 316 -4.29 61.73 -1.77
CA SER A 316 -4.24 60.72 -0.72
C SER A 316 -3.24 61.05 0.37
N LEU A 317 -3.49 60.46 1.53
CA LEU A 317 -2.60 60.62 2.67
C LEU A 317 -1.18 60.13 2.32
N LEU A 318 -1.09 58.96 1.66
CA LEU A 318 0.20 58.39 1.30
C LEU A 318 0.96 59.39 0.50
N SER A 319 0.28 60.08 -0.41
CA SER A 319 0.97 61.06 -1.23
C SER A 319 1.69 62.14 -0.43
N GLU A 320 1.02 62.78 0.53
CA GLU A 320 1.69 63.80 1.29
C GLU A 320 2.83 63.23 2.13
N LEU A 321 2.57 62.10 2.80
CA LEU A 321 3.58 61.47 3.65
C LEU A 321 4.84 61.12 2.88
N LYS A 322 4.65 60.87 1.60
CA LYS A 322 5.73 60.47 0.72
C LYS A 322 6.50 61.71 0.23
N SER A 323 5.76 62.79 -0.02
CA SER A 323 6.32 64.06 -0.49
C SER A 323 7.19 64.74 0.55
N LYS A 324 6.89 64.47 1.82
CA LYS A 324 7.67 65.05 2.89
C LYS A 324 8.83 64.10 3.08
N GLY A 325 8.90 63.08 2.23
CA GLY A 325 9.96 62.09 2.32
C GLY A 325 10.02 61.36 3.65
N TRP A 326 8.86 61.13 4.25
CA TRP A 326 8.78 60.45 5.52
C TRP A 326 8.44 58.97 5.39
N VAL A 327 7.58 58.63 4.43
CA VAL A 327 7.20 57.24 4.23
C VAL A 327 7.41 56.84 2.78
N ASN A 328 7.27 55.55 2.48
CA ASN A 328 7.40 55.08 1.12
C ASN A 328 6.17 54.32 0.67
N THR A 329 5.59 53.58 1.60
CA THR A 329 4.41 52.80 1.31
C THR A 329 3.45 52.94 2.46
N LEU A 330 2.17 52.61 2.22
CA LEU A 330 1.17 52.67 3.29
C LEU A 330 0.11 51.58 3.14
N VAL A 331 -0.40 51.12 4.27
CA VAL A 331 -1.47 50.13 4.23
C VAL A 331 -2.50 50.54 5.27
N GLY A 332 -3.74 50.67 4.82
CA GLY A 332 -4.80 51.04 5.74
C GLY A 332 -6.00 50.17 5.49
N GLY A 333 -6.87 50.07 6.48
CA GLY A 333 -8.06 49.26 6.31
C GLY A 333 -8.37 48.51 7.57
N GLN A 334 -9.36 47.63 7.47
CA GLN A 334 -9.73 46.85 8.63
C GLN A 334 -8.96 45.54 8.62
N LYS A 335 -8.52 45.12 9.80
CA LYS A 335 -7.76 43.90 9.98
C LYS A 335 -8.70 43.00 10.75
N GLU A 336 -8.66 41.70 10.50
CA GLU A 336 -9.56 40.82 11.21
C GLU A 336 -9.03 40.42 12.56
N GLY A 337 -9.97 40.12 13.46
CA GLY A 337 -9.62 39.70 14.81
C GLY A 337 -10.28 38.35 15.01
N ALA A 338 -11.51 38.35 15.49
CA ALA A 338 -12.24 37.11 15.70
C ALA A 338 -13.69 37.49 15.93
N ARG A 339 -14.59 36.51 15.87
CA ARG A 339 -16.02 36.75 16.11
C ARG A 339 -16.20 37.59 17.37
N GLY A 340 -16.40 38.89 17.22
CA GLY A 340 -16.55 39.73 18.39
C GLY A 340 -15.63 40.94 18.41
N PHE A 341 -14.61 40.97 17.54
CA PHE A 341 -13.71 42.12 17.51
C PHE A 341 -12.83 42.13 16.28
N MET A 342 -12.46 43.35 15.87
CA MET A 342 -11.61 43.59 14.70
C MET A 342 -10.72 44.79 15.00
N PHE A 343 -9.85 45.11 14.06
CA PHE A 343 -8.99 46.26 14.23
C PHE A 343 -9.05 47.08 12.99
N PHE A 344 -8.62 48.32 13.09
CA PHE A 344 -8.50 49.14 11.91
C PHE A 344 -7.07 49.63 12.01
N ILE A 345 -6.28 49.33 10.99
CA ILE A 345 -4.88 49.71 11.03
C ILE A 345 -4.46 50.69 9.95
N ILE A 346 -3.28 51.26 10.14
CA ILE A 346 -2.67 52.19 9.19
C ILE A 346 -1.19 52.03 9.47
N ASN A 347 -0.49 51.31 8.60
CA ASN A 347 0.91 51.08 8.81
C ASN A 347 1.70 51.63 7.65
N VAL A 348 2.81 52.29 7.96
CA VAL A 348 3.67 52.84 6.91
C VAL A 348 5.07 52.47 7.25
N ASP A 349 5.92 52.34 6.25
CA ASP A 349 7.35 52.06 6.50
C ASP A 349 7.93 53.46 6.72
N LEU A 350 9.14 53.55 7.26
CA LEU A 350 9.68 54.86 7.55
C LEU A 350 11.03 55.15 6.92
N THR A 351 11.21 56.37 6.44
CA THR A 351 12.49 56.75 5.89
C THR A 351 13.29 57.11 7.13
N GLU A 352 14.55 57.46 6.94
CA GLU A 352 15.35 57.85 8.09
C GLU A 352 14.71 59.10 8.68
N GLU A 353 14.41 60.07 7.82
CA GLU A 353 13.80 61.29 8.28
C GLU A 353 12.45 60.95 8.91
N GLY A 354 11.74 60.04 8.26
CA GLY A 354 10.44 59.63 8.76
C GLY A 354 10.45 59.12 10.20
N LEU A 355 11.49 58.39 10.56
CA LEU A 355 11.58 57.84 11.90
C LEU A 355 11.59 58.96 12.94
N LEU A 356 11.97 60.15 12.51
CA LEU A 356 12.03 61.33 13.39
C LEU A 356 10.84 62.24 13.32
N HIS A 357 9.76 61.79 12.68
CA HIS A 357 8.56 62.60 12.56
C HIS A 357 7.32 61.76 12.74
N VAL A 358 7.50 60.66 13.44
CA VAL A 358 6.40 59.78 13.70
C VAL A 358 5.23 60.62 14.23
N GLU A 359 5.52 61.53 15.15
CA GLU A 359 4.46 62.35 15.72
C GLU A 359 3.70 63.10 14.64
N ASP A 360 4.44 63.76 13.75
CA ASP A 360 3.83 64.50 12.67
C ASP A 360 3.09 63.58 11.71
N ILE A 361 3.70 62.43 11.41
CA ILE A 361 3.07 61.49 10.51
C ILE A 361 1.71 61.13 11.06
N ILE A 362 1.66 60.71 12.32
CA ILE A 362 0.38 60.36 12.93
C ILE A 362 -0.59 61.56 12.91
N LEU A 363 -0.05 62.77 12.92
CA LEU A 363 -0.90 63.97 12.88
C LEU A 363 -1.59 64.08 11.54
N HIS A 364 -0.82 63.86 10.49
CA HIS A 364 -1.39 63.90 9.16
C HIS A 364 -2.48 62.84 9.06
N MET A 365 -2.19 61.66 9.58
CA MET A 365 -3.15 60.58 9.57
C MET A 365 -4.48 61.07 10.15
N PHE A 366 -4.42 61.76 11.27
CA PHE A 366 -5.64 62.26 11.89
C PHE A 366 -6.28 63.43 11.14
N GLN A 367 -5.48 64.17 10.40
CA GLN A 367 -6.01 65.26 9.60
C GLN A 367 -6.82 64.67 8.43
N TYR A 368 -6.24 63.69 7.75
CA TYR A 368 -6.92 63.07 6.62
C TYR A 368 -8.25 62.48 7.13
N ILE A 369 -8.20 61.78 8.26
CA ILE A 369 -9.40 61.20 8.84
C ILE A 369 -10.41 62.32 9.11
N GLN A 370 -9.91 63.45 9.62
CA GLN A 370 -10.75 64.60 9.88
C GLN A 370 -11.43 65.05 8.58
N LYS A 371 -10.66 65.07 7.49
CA LYS A 371 -11.22 65.43 6.19
C LYS A 371 -12.38 64.49 5.87
N LEU A 372 -12.24 63.21 6.20
CA LEU A 372 -13.33 62.28 5.94
C LEU A 372 -14.55 62.66 6.75
N ARG A 373 -14.35 63.00 8.03
CA ARG A 373 -15.47 63.40 8.87
C ARG A 373 -16.10 64.65 8.23
N ALA A 374 -15.26 65.61 7.84
CA ALA A 374 -15.74 66.84 7.22
C ALA A 374 -16.60 66.65 5.96
N GLU A 375 -16.27 65.65 5.15
CA GLU A 375 -17.01 65.39 3.91
C GLU A 375 -18.19 64.47 4.12
N GLY A 376 -18.09 63.54 5.09
CA GLY A 376 -19.18 62.61 5.34
C GLY A 376 -19.29 61.54 4.27
N PRO A 377 -19.96 60.41 4.51
CA PRO A 377 -20.07 59.38 3.47
C PRO A 377 -20.26 59.92 2.07
N GLN A 378 -19.78 59.17 1.09
CA GLN A 378 -19.83 59.59 -0.30
C GLN A 378 -20.35 58.43 -1.14
N GLU A 379 -21.66 58.43 -1.40
CA GLU A 379 -22.26 57.35 -2.17
C GLU A 379 -21.65 57.10 -3.54
N TRP A 380 -21.06 58.11 -4.16
CA TRP A 380 -20.49 57.84 -5.48
C TRP A 380 -19.27 56.93 -5.34
N VAL A 381 -18.60 57.05 -4.20
CA VAL A 381 -17.44 56.21 -3.91
C VAL A 381 -17.95 54.78 -3.66
N PHE A 382 -19.05 54.67 -2.91
CA PHE A 382 -19.65 53.37 -2.66
C PHE A 382 -20.02 52.75 -3.99
N GLN A 383 -20.79 53.51 -4.78
CA GLN A 383 -21.25 53.05 -6.08
C GLN A 383 -20.07 52.63 -6.97
N GLU A 384 -18.98 53.39 -6.93
CA GLU A 384 -17.79 53.05 -7.74
C GLU A 384 -17.22 51.69 -7.29
N CYS A 385 -16.97 51.54 -5.99
CA CYS A 385 -16.45 50.28 -5.50
C CYS A 385 -17.45 49.17 -5.85
N LYS A 386 -18.74 49.45 -5.72
CA LYS A 386 -19.75 48.46 -6.03
C LYS A 386 -19.70 48.02 -7.50
N ASP A 387 -19.73 48.99 -8.41
CA ASP A 387 -19.69 48.68 -9.83
C ASP A 387 -18.42 47.89 -10.17
N LEU A 388 -17.28 48.32 -9.64
CA LEU A 388 -16.04 47.62 -9.90
C LEU A 388 -16.19 46.15 -9.48
N ASN A 389 -16.57 45.94 -8.20
CA ASN A 389 -16.75 44.59 -7.68
C ASN A 389 -17.68 43.74 -8.50
N ALA A 390 -18.69 44.36 -9.09
CA ALA A 390 -19.61 43.61 -9.92
C ALA A 390 -18.86 43.02 -11.11
N VAL A 391 -18.09 43.87 -11.78
CA VAL A 391 -17.32 43.45 -12.94
C VAL A 391 -16.38 42.33 -12.56
N ALA A 392 -15.70 42.50 -11.42
CA ALA A 392 -14.75 41.53 -10.88
C ALA A 392 -15.42 40.17 -10.76
N PHE A 393 -16.57 40.13 -10.09
CA PHE A 393 -17.26 38.87 -9.92
C PHE A 393 -17.65 38.23 -11.25
N ARG A 394 -18.21 39.03 -12.14
CA ARG A 394 -18.63 38.48 -13.42
C ARG A 394 -17.51 37.81 -14.18
N PHE A 395 -16.40 38.51 -14.30
CA PHE A 395 -15.28 37.99 -15.05
C PHE A 395 -14.18 37.41 -14.18
N LYS A 396 -14.55 36.89 -13.02
CA LYS A 396 -13.57 36.29 -12.13
C LYS A 396 -12.99 35.08 -12.88
N ASP A 397 -11.68 34.86 -12.77
CA ASP A 397 -11.06 33.73 -13.46
C ASP A 397 -11.42 32.44 -12.75
N LYS A 398 -11.51 31.37 -13.51
CA LYS A 398 -11.82 30.08 -12.93
C LYS A 398 -10.70 29.65 -11.97
N GLU A 399 -11.08 29.26 -10.77
CA GLU A 399 -10.14 28.84 -9.75
C GLU A 399 -9.61 27.39 -9.89
N ARG A 400 -8.40 27.21 -9.40
CA ARG A 400 -7.75 25.90 -9.35
C ARG A 400 -8.67 25.29 -8.25
N PRO A 401 -9.24 24.08 -8.48
CA PRO A 401 -10.14 23.40 -7.55
C PRO A 401 -9.77 23.34 -6.06
N ARG A 402 -8.53 23.02 -5.76
CA ARG A 402 -8.10 22.94 -4.36
C ARG A 402 -8.34 24.23 -3.58
N GLY A 403 -7.85 25.35 -4.11
CA GLY A 403 -8.04 26.61 -3.44
C GLY A 403 -9.50 26.92 -3.28
N TYR A 404 -10.24 26.73 -4.36
CA TYR A 404 -11.65 27.00 -4.38
C TYR A 404 -12.40 26.23 -3.28
N THR A 405 -12.24 24.91 -3.23
CA THR A 405 -12.94 24.11 -2.22
C THR A 405 -12.56 24.56 -0.82
N SER A 406 -11.27 24.85 -0.63
CA SER A 406 -10.77 25.30 0.67
C SER A 406 -11.45 26.61 1.10
N LYS A 407 -11.56 27.53 0.14
CA LYS A 407 -12.12 28.85 0.38
C LYS A 407 -13.63 28.83 0.65
N ILE A 408 -14.39 28.08 -0.15
CA ILE A 408 -15.85 27.98 0.00
C ILE A 408 -16.14 27.36 1.38
N ALA A 409 -15.37 26.31 1.70
CA ALA A 409 -15.47 25.58 2.96
C ALA A 409 -15.41 26.51 4.16
N GLY A 410 -14.44 27.40 4.14
CA GLY A 410 -14.33 28.33 5.24
C GLY A 410 -15.44 29.37 5.25
N ILE A 411 -15.84 29.90 4.11
CA ILE A 411 -16.87 30.93 4.14
C ILE A 411 -18.30 30.41 4.25
N LEU A 412 -18.49 29.09 4.13
CA LEU A 412 -19.81 28.54 4.28
C LEU A 412 -20.25 28.84 5.75
N HIS A 413 -19.28 29.10 6.59
CA HIS A 413 -19.55 29.42 7.97
C HIS A 413 -20.05 30.85 8.15
N TYR A 414 -20.04 31.64 7.09
CA TYR A 414 -20.45 33.03 7.27
C TYR A 414 -21.59 33.56 6.43
N TYR A 415 -21.98 32.82 5.40
CA TYR A 415 -23.03 33.31 4.53
C TYR A 415 -24.05 32.25 4.10
N PRO A 416 -25.26 32.69 3.80
CA PRO A 416 -26.33 31.79 3.36
C PRO A 416 -25.82 30.95 2.18
N LEU A 417 -26.23 29.69 2.11
CA LEU A 417 -25.79 28.84 1.03
C LEU A 417 -25.79 29.61 -0.30
N GLU A 418 -26.94 30.17 -0.63
CA GLU A 418 -27.14 30.90 -1.88
C GLU A 418 -26.15 32.03 -2.14
N GLU A 419 -25.67 32.64 -1.08
CA GLU A 419 -24.75 33.73 -1.24
C GLU A 419 -23.25 33.40 -1.19
N VAL A 420 -22.87 32.22 -0.69
CA VAL A 420 -21.45 31.85 -0.56
C VAL A 420 -20.51 32.25 -1.67
N LEU A 421 -21.02 32.48 -2.87
CA LEU A 421 -20.16 32.92 -3.97
C LEU A 421 -20.12 34.45 -4.03
N THR A 422 -21.25 35.05 -4.35
CA THR A 422 -21.38 36.51 -4.41
C THR A 422 -21.12 37.26 -3.09
N ALA A 423 -21.30 36.57 -1.97
CA ALA A 423 -21.15 37.20 -0.66
C ALA A 423 -19.96 38.11 -0.46
N GLU A 424 -18.79 37.71 -0.92
CA GLU A 424 -17.64 38.55 -0.69
C GLU A 424 -17.28 39.49 -1.83
N TYR A 425 -18.12 39.52 -2.85
CA TYR A 425 -17.92 40.36 -4.01
C TYR A 425 -18.98 41.42 -4.22
N LEU A 426 -20.24 41.11 -3.94
CA LEU A 426 -21.29 42.07 -4.21
C LEU A 426 -21.80 42.92 -3.05
N LEU A 427 -21.60 44.24 -3.18
CA LEU A 427 -22.06 45.25 -2.22
C LEU A 427 -23.54 45.45 -2.53
N GLU A 428 -24.33 45.78 -1.54
CA GLU A 428 -25.74 45.86 -1.82
C GLU A 428 -26.38 47.10 -1.23
N GLU A 429 -25.96 47.43 -0.02
CA GLU A 429 -26.54 48.56 0.64
C GLU A 429 -25.56 49.64 1.06
N PHE A 430 -25.90 50.89 0.72
CA PHE A 430 -25.09 52.05 1.10
C PHE A 430 -25.41 52.37 2.57
N ARG A 431 -24.37 52.50 3.41
CA ARG A 431 -24.59 52.74 4.83
C ARG A 431 -23.83 53.89 5.47
N PRO A 432 -24.32 55.11 5.26
CA PRO A 432 -23.68 56.28 5.82
C PRO A 432 -23.56 56.12 7.33
N ASP A 433 -24.63 55.60 7.94
CA ASP A 433 -24.63 55.41 9.38
C ASP A 433 -23.46 54.55 9.88
N LEU A 434 -23.24 53.39 9.27
CA LEU A 434 -22.16 52.51 9.68
C LEU A 434 -20.82 53.16 9.40
N ILE A 435 -20.71 53.74 8.22
CA ILE A 435 -19.49 54.41 7.84
C ILE A 435 -19.12 55.46 8.87
N GLU A 436 -20.10 56.19 9.36
CA GLU A 436 -19.82 57.21 10.35
C GLU A 436 -19.53 56.62 11.71
N MET A 437 -20.07 55.44 11.98
CA MET A 437 -19.88 54.76 13.25
C MET A 437 -18.43 54.28 13.43
N VAL A 438 -17.90 53.61 12.42
CA VAL A 438 -16.54 53.11 12.46
C VAL A 438 -15.58 54.30 12.47
N LEU A 439 -15.84 55.27 11.59
CA LEU A 439 -14.98 56.45 11.51
C LEU A 439 -14.81 57.07 12.89
N ASP A 440 -15.90 57.12 13.65
CA ASP A 440 -15.85 57.69 14.99
C ASP A 440 -14.89 56.97 15.95
N LYS A 441 -14.40 55.81 15.55
CA LYS A 441 -13.47 55.09 16.40
C LYS A 441 -12.00 55.39 16.04
N LEU A 442 -11.76 55.97 14.87
CA LEU A 442 -10.41 56.32 14.48
C LEU A 442 -10.09 57.64 15.14
N ARG A 443 -9.81 57.60 16.44
CA ARG A 443 -9.52 58.80 17.22
C ARG A 443 -8.27 58.65 18.08
N PRO A 444 -7.58 59.75 18.37
CA PRO A 444 -6.38 59.66 19.18
C PRO A 444 -6.55 59.01 20.57
N GLU A 445 -7.70 59.18 21.19
CA GLU A 445 -7.92 58.62 22.51
C GLU A 445 -7.94 57.10 22.59
N ASN A 446 -8.00 56.44 21.44
CA ASN A 446 -8.00 54.98 21.44
C ASN A 446 -7.09 54.44 20.38
N VAL A 447 -5.93 55.07 20.24
CA VAL A 447 -4.95 54.65 19.26
C VAL A 447 -3.82 53.88 19.93
N ARG A 448 -3.16 53.04 19.14
CA ARG A 448 -2.02 52.28 19.63
C ARG A 448 -0.94 52.56 18.61
N VAL A 449 0.26 52.88 19.10
CA VAL A 449 1.38 53.16 18.21
C VAL A 449 2.56 52.26 18.51
N ALA A 450 3.15 51.72 17.45
CA ALA A 450 4.31 50.83 17.54
C ALA A 450 5.33 51.24 16.50
N ILE A 451 6.54 51.51 16.95
CA ILE A 451 7.60 51.89 16.03
C ILE A 451 8.59 50.74 15.98
N VAL A 452 9.02 50.35 14.79
CA VAL A 452 10.01 49.30 14.71
C VAL A 452 11.30 49.87 14.13
N SER A 453 12.35 49.91 14.94
CA SER A 453 13.65 50.43 14.49
C SER A 453 14.83 49.84 15.24
N LYS A 454 15.96 49.70 14.57
CA LYS A 454 17.15 49.19 15.25
C LYS A 454 17.58 50.24 16.28
N SER A 455 17.31 51.50 15.98
CA SER A 455 17.66 52.60 16.87
C SER A 455 17.26 52.31 18.32
N PHE A 456 16.31 51.40 18.49
CA PHE A 456 15.83 51.01 19.82
C PHE A 456 16.71 49.95 20.50
N GLU A 457 17.67 49.42 19.73
CA GLU A 457 18.62 48.43 20.21
C GLU A 457 19.24 48.99 21.48
N GLY A 458 19.16 48.23 22.58
CA GLY A 458 19.73 48.69 23.83
C GLY A 458 18.73 49.42 24.71
N LYS A 459 17.91 50.25 24.09
CA LYS A 459 16.92 51.03 24.83
C LYS A 459 15.70 50.27 25.32
N THR A 460 15.59 48.98 25.03
CA THR A 460 14.40 48.25 25.47
C THR A 460 14.55 47.63 26.86
N ASP A 461 13.42 47.32 27.49
CA ASP A 461 13.43 46.74 28.83
C ASP A 461 12.37 45.68 29.02
N ARG A 462 12.00 45.00 27.94
CA ARG A 462 10.97 43.95 28.04
C ARG A 462 11.24 42.93 26.96
N THR A 463 10.67 41.74 27.14
CA THR A 463 10.89 40.66 26.20
C THR A 463 9.63 39.85 25.97
N GLU A 464 9.29 39.57 24.72
CA GLU A 464 8.12 38.76 24.46
C GLU A 464 8.62 37.32 24.68
N GLU A 465 7.95 36.62 25.59
CA GLU A 465 8.35 35.26 25.94
C GLU A 465 8.48 34.21 24.84
N TRP A 466 7.62 34.24 23.83
CA TRP A 466 7.71 33.21 22.80
C TRP A 466 8.74 33.39 21.70
N TYR A 467 8.95 34.62 21.26
CA TYR A 467 9.91 34.83 20.19
C TYR A 467 11.15 35.51 20.74
N GLY A 468 10.98 36.16 21.87
CA GLY A 468 12.12 36.83 22.49
C GLY A 468 12.28 38.26 22.05
N THR A 469 11.21 38.81 21.50
CA THR A 469 11.19 40.17 20.99
C THR A 469 11.60 41.23 22.02
N GLN A 470 12.56 42.07 21.66
CA GLN A 470 13.07 43.15 22.52
C GLN A 470 12.20 44.39 22.35
N TYR A 471 11.62 44.89 23.43
CA TYR A 471 10.79 46.08 23.28
C TYR A 471 10.54 46.88 24.56
N LYS A 472 10.20 48.15 24.38
CA LYS A 472 9.90 49.01 25.51
C LYS A 472 8.49 49.50 25.30
N GLN A 473 7.83 49.86 26.39
CA GLN A 473 6.47 50.39 26.33
C GLN A 473 6.36 51.70 27.10
N GLU A 474 5.64 52.64 26.50
CA GLU A 474 5.44 53.94 27.10
C GLU A 474 3.98 54.28 26.99
N ALA A 475 3.62 55.42 27.57
CA ALA A 475 2.25 55.90 27.48
C ALA A 475 2.38 57.13 26.62
N ILE A 476 1.44 57.32 25.70
CA ILE A 476 1.49 58.49 24.87
C ILE A 476 0.98 59.65 25.72
N PRO A 477 1.81 60.69 25.85
CA PRO A 477 1.56 61.91 26.61
C PRO A 477 0.26 62.57 26.21
N ASP A 478 -0.62 62.78 27.19
CA ASP A 478 -1.93 63.42 26.97
C ASP A 478 -1.71 64.71 26.17
N GLU A 479 -0.56 65.32 26.40
CA GLU A 479 -0.16 66.54 25.72
C GLU A 479 -0.18 66.25 24.20
N VAL A 480 0.47 65.15 23.81
CA VAL A 480 0.55 64.72 22.42
C VAL A 480 -0.82 64.23 21.91
N ILE A 481 -1.51 63.42 22.72
CA ILE A 481 -2.82 62.93 22.35
C ILE A 481 -3.67 64.13 22.00
N LYS A 482 -3.58 65.16 22.84
CA LYS A 482 -4.32 66.40 22.65
C LYS A 482 -4.04 67.03 21.28
N LYS A 483 -2.76 67.25 20.98
CA LYS A 483 -2.41 67.85 19.71
C LYS A 483 -3.05 67.11 18.53
N TRP A 484 -3.19 65.79 18.66
CA TRP A 484 -3.80 64.99 17.58
C TRP A 484 -5.32 65.20 17.48
N GLN A 485 -5.99 65.38 18.61
CA GLN A 485 -7.43 65.59 18.60
C GLN A 485 -7.73 66.91 17.93
N ASN A 486 -6.83 67.87 18.12
CA ASN A 486 -7.01 69.18 17.52
C ASN A 486 -6.66 69.21 16.05
N ALA A 487 -6.28 68.06 15.51
CA ALA A 487 -5.95 67.97 14.09
C ALA A 487 -7.07 68.60 13.26
N ASP A 488 -6.71 69.60 12.47
CA ASP A 488 -7.66 70.30 11.61
C ASP A 488 -7.37 69.97 10.15
N LEU A 489 -8.28 70.34 9.28
CA LEU A 489 -8.13 70.05 7.86
C LEU A 489 -6.83 70.61 7.33
N ASN A 490 -6.29 69.88 6.35
CA ASN A 490 -5.03 70.19 5.67
C ASN A 490 -5.35 70.18 4.19
N GLY A 491 -5.05 71.29 3.52
CA GLY A 491 -5.34 71.39 2.10
C GLY A 491 -4.68 70.41 1.18
N LYS A 492 -3.68 69.68 1.68
CA LYS A 492 -2.99 68.72 0.83
C LYS A 492 -3.82 67.45 0.63
N PHE A 493 -4.82 67.28 1.48
CA PHE A 493 -5.67 66.13 1.41
C PHE A 493 -7.00 66.34 0.69
N LYS A 494 -7.21 65.59 -0.39
CA LYS A 494 -8.44 65.65 -1.17
C LYS A 494 -8.93 64.24 -1.49
N LEU A 495 -10.23 64.03 -1.44
CA LEU A 495 -10.78 62.73 -1.79
C LEU A 495 -10.40 62.40 -3.24
N PRO A 496 -10.42 61.11 -3.60
CA PRO A 496 -10.07 60.73 -4.96
C PRO A 496 -11.16 61.24 -5.88
N THR A 497 -10.88 61.32 -7.18
CA THR A 497 -11.88 61.76 -8.13
C THR A 497 -12.30 60.54 -8.93
N LYS A 498 -13.32 60.69 -9.79
CA LYS A 498 -13.79 59.58 -10.59
C LYS A 498 -12.59 58.86 -11.23
N ASN A 499 -12.60 57.54 -11.09
CA ASN A 499 -11.55 56.67 -11.61
C ASN A 499 -11.74 56.48 -13.11
N GLU A 500 -11.06 57.31 -13.89
CA GLU A 500 -11.17 57.23 -15.33
C GLU A 500 -10.70 55.92 -15.97
N PHE A 501 -10.07 55.04 -15.19
CA PHE A 501 -9.54 53.74 -15.69
C PHE A 501 -10.54 52.59 -15.71
N ILE A 502 -11.67 52.78 -15.05
CA ILE A 502 -12.71 51.78 -15.00
C ILE A 502 -13.11 51.26 -16.38
N PRO A 503 -13.07 49.95 -16.58
CA PRO A 503 -13.42 49.42 -17.91
C PRO A 503 -14.90 49.55 -18.22
N THR A 504 -15.20 49.63 -19.50
CA THR A 504 -16.57 49.72 -19.96
C THR A 504 -16.76 48.83 -21.16
N ASN A 505 -15.67 48.50 -21.84
CA ASN A 505 -15.81 47.66 -23.00
C ASN A 505 -15.40 46.21 -22.73
N PHE A 506 -16.38 45.31 -22.69
CA PHE A 506 -16.10 43.92 -22.43
C PHE A 506 -16.41 42.99 -23.60
N GLU A 507 -16.60 43.56 -24.76
CA GLU A 507 -16.91 42.79 -25.96
C GLU A 507 -15.78 41.79 -26.19
N ILE A 508 -16.13 40.52 -26.36
CA ILE A 508 -15.15 39.45 -26.61
C ILE A 508 -15.03 39.24 -28.12
N LEU A 509 -13.99 39.77 -28.74
CA LEU A 509 -13.80 39.66 -30.20
C LEU A 509 -14.00 38.28 -30.78
N PRO A 510 -14.62 38.21 -31.98
CA PRO A 510 -14.86 36.92 -32.63
C PRO A 510 -13.53 36.19 -32.87
N LEU A 511 -13.57 34.89 -33.07
CA LEU A 511 -12.33 34.18 -33.26
C LEU A 511 -11.79 34.20 -34.68
N GLU A 512 -10.81 35.08 -34.90
CA GLU A 512 -10.15 35.24 -36.20
C GLU A 512 -9.94 33.85 -36.79
N LYS A 513 -10.31 33.69 -38.05
CA LYS A 513 -10.19 32.41 -38.74
C LYS A 513 -8.76 31.81 -38.84
N GLU A 514 -7.76 32.67 -39.01
CA GLU A 514 -6.37 32.21 -39.13
C GLU A 514 -5.73 31.90 -37.76
N ALA A 515 -6.50 32.10 -36.68
CA ALA A 515 -6.04 31.88 -35.31
C ALA A 515 -5.53 30.45 -35.07
N THR A 516 -4.63 30.31 -34.11
CA THR A 516 -4.02 29.01 -33.81
C THR A 516 -4.07 28.59 -32.33
N PRO A 517 -3.82 27.30 -32.05
CA PRO A 517 -3.81 26.71 -30.71
C PRO A 517 -2.61 27.10 -29.86
N TYR A 518 -1.54 27.53 -30.51
CA TYR A 518 -0.32 27.94 -29.80
C TYR A 518 0.13 29.31 -30.23
N PRO A 519 0.91 30.00 -29.38
CA PRO A 519 1.37 31.34 -29.77
C PRO A 519 2.03 31.25 -31.14
N ALA A 520 1.82 32.26 -31.95
CA ALA A 520 2.43 32.28 -33.27
C ALA A 520 3.46 33.37 -33.33
N LEU A 521 4.51 33.12 -34.09
CA LEU A 521 5.55 34.11 -34.27
C LEU A 521 4.98 34.96 -35.40
N ILE A 522 4.57 36.18 -35.08
CA ILE A 522 3.99 37.03 -36.09
C ILE A 522 4.90 38.19 -36.46
N LYS A 523 6.08 38.26 -35.87
CA LYS A 523 7.04 39.31 -36.19
C LYS A 523 8.42 38.89 -35.76
N ASP A 524 9.36 38.95 -36.70
CA ASP A 524 10.74 38.55 -36.44
C ASP A 524 11.66 39.57 -37.03
N THR A 525 12.01 40.59 -36.26
CA THR A 525 12.88 41.64 -36.75
C THR A 525 14.04 41.90 -35.80
N ALA A 526 15.03 42.62 -36.28
CA ALA A 526 16.20 42.91 -35.46
C ALA A 526 15.78 43.47 -34.12
N MET A 527 14.79 44.34 -34.17
CA MET A 527 14.30 44.98 -32.97
C MET A 527 13.34 44.12 -32.13
N SER A 528 12.57 43.23 -32.78
CA SER A 528 11.62 42.45 -32.01
C SER A 528 11.04 41.16 -32.59
N LYS A 529 10.81 40.21 -31.70
CA LYS A 529 10.26 38.90 -32.02
C LYS A 529 8.91 38.87 -31.27
N LEU A 530 7.81 39.06 -31.99
CA LEU A 530 6.49 39.07 -31.37
C LEU A 530 5.70 37.77 -31.47
N TRP A 531 5.41 37.17 -30.32
CA TRP A 531 4.62 35.92 -30.23
C TRP A 531 3.19 36.33 -29.89
N PHE A 532 2.21 35.74 -30.56
CA PHE A 532 0.83 36.16 -30.33
C PHE A 532 -0.17 35.03 -30.39
N LYS A 533 -1.17 35.11 -29.52
CA LYS A 533 -2.24 34.11 -29.53
C LYS A 533 -3.51 34.72 -29.06
N GLN A 534 -4.56 34.55 -29.84
CA GLN A 534 -5.84 35.10 -29.43
C GLN A 534 -6.50 34.05 -28.58
N ASP A 535 -7.03 34.47 -27.43
CA ASP A 535 -7.68 33.55 -26.51
C ASP A 535 -8.81 32.75 -27.15
N ASP A 536 -8.65 31.44 -27.15
CA ASP A 536 -9.61 30.50 -27.75
C ASP A 536 -10.28 29.61 -26.73
N LYS A 537 -10.32 30.02 -25.47
CA LYS A 537 -10.97 29.14 -24.52
C LYS A 537 -11.57 29.74 -23.25
N PHE A 538 -11.03 30.84 -22.73
CA PHE A 538 -11.55 31.43 -21.50
C PHE A 538 -12.56 32.55 -21.73
N PHE A 539 -12.59 33.08 -22.94
CA PHE A 539 -13.49 34.16 -23.31
C PHE A 539 -13.83 35.28 -22.30
N LEU A 540 -12.81 35.82 -21.66
CA LEU A 540 -13.02 36.91 -20.72
C LEU A 540 -12.37 38.14 -21.31
N PRO A 541 -12.92 39.32 -21.04
CA PRO A 541 -12.40 40.58 -21.57
C PRO A 541 -11.05 40.98 -21.03
N LYS A 542 -10.10 40.05 -21.05
CA LYS A 542 -8.77 40.36 -20.55
C LYS A 542 -7.67 39.90 -21.48
N ALA A 543 -6.49 40.44 -21.25
CA ALA A 543 -5.32 40.05 -22.02
C ALA A 543 -4.02 40.16 -21.21
N CYS A 544 -2.99 39.52 -21.72
CA CYS A 544 -1.67 39.55 -21.11
C CYS A 544 -0.70 40.08 -22.12
N LEU A 545 0.00 41.14 -21.75
CA LEU A 545 0.99 41.74 -22.62
C LEU A 545 2.35 41.55 -21.95
N ASN A 546 3.10 40.55 -22.37
CA ASN A 546 4.43 40.30 -21.80
C ASN A 546 5.58 40.76 -22.69
N PHE A 547 6.50 41.54 -22.12
CA PHE A 547 7.64 42.06 -22.86
C PHE A 547 8.98 41.78 -22.26
N GLU A 548 9.88 41.25 -23.07
CA GLU A 548 11.23 40.95 -22.59
C GLU A 548 12.22 41.92 -23.22
N PHE A 549 12.78 42.85 -22.44
CA PHE A 549 13.76 43.78 -22.99
C PHE A 549 15.22 43.32 -22.80
N PHE A 550 15.92 43.12 -23.91
CA PHE A 550 17.30 42.68 -23.84
C PHE A 550 18.36 43.81 -24.02
N SER A 551 19.31 43.85 -23.10
CA SER A 551 20.41 44.81 -23.15
C SER A 551 21.54 44.33 -22.29
N PRO A 552 22.73 44.16 -22.88
CA PRO A 552 23.91 43.70 -22.13
C PRO A 552 24.25 44.61 -20.94
N PHE A 553 23.92 45.89 -21.06
CA PHE A 553 24.23 46.82 -19.98
C PHE A 553 23.40 46.74 -18.71
N ALA A 554 22.56 45.73 -18.57
CA ALA A 554 21.76 45.63 -17.35
C ALA A 554 22.45 44.75 -16.32
N TYR A 555 23.26 43.82 -16.81
CA TYR A 555 23.94 42.93 -15.90
C TYR A 555 25.45 42.92 -16.13
N VAL A 556 25.92 43.74 -17.08
CA VAL A 556 27.34 43.82 -17.44
C VAL A 556 28.32 43.73 -16.28
N ASP A 557 27.95 44.25 -15.13
CA ASP A 557 28.83 44.21 -13.98
C ASP A 557 27.99 44.61 -12.76
N PRO A 558 28.49 44.36 -11.54
CA PRO A 558 27.72 44.73 -10.35
C PRO A 558 27.09 46.11 -10.38
N LEU A 559 27.91 47.13 -10.60
CA LEU A 559 27.42 48.51 -10.62
C LEU A 559 26.19 48.72 -11.50
N HIS A 560 26.28 48.27 -12.75
CA HIS A 560 25.18 48.41 -13.69
C HIS A 560 23.94 47.66 -13.26
N CYS A 561 24.15 46.60 -12.49
CA CYS A 561 23.03 45.83 -11.99
C CYS A 561 22.30 46.75 -11.01
N ASN A 562 23.05 47.33 -10.08
CA ASN A 562 22.42 48.23 -9.14
C ASN A 562 21.71 49.35 -9.86
N MET A 563 22.24 49.78 -10.98
CA MET A 563 21.56 50.86 -11.66
C MET A 563 20.28 50.41 -12.35
N ALA A 564 20.35 49.30 -13.08
CA ALA A 564 19.18 48.79 -13.79
C ALA A 564 18.04 48.61 -12.78
N TYR A 565 18.40 48.24 -11.57
CA TYR A 565 17.43 48.04 -10.52
C TYR A 565 16.89 49.38 -10.05
N LEU A 566 17.77 50.25 -9.56
CA LEU A 566 17.36 51.57 -9.06
C LEU A 566 16.54 52.35 -10.07
N TYR A 567 16.92 52.25 -11.35
CA TYR A 567 16.22 52.95 -12.40
C TYR A 567 14.76 52.52 -12.43
N LEU A 568 14.54 51.24 -12.65
CA LEU A 568 13.20 50.70 -12.69
C LEU A 568 12.44 50.96 -11.38
N GLU A 569 13.12 50.96 -10.25
CA GLU A 569 12.43 51.18 -8.99
C GLU A 569 11.96 52.62 -8.86
N LEU A 570 12.74 53.56 -9.38
CA LEU A 570 12.38 54.98 -9.33
C LEU A 570 11.27 55.28 -10.32
N LEU A 571 11.27 54.55 -11.43
CA LEU A 571 10.25 54.71 -12.45
C LEU A 571 8.91 54.26 -11.89
N LYS A 572 8.91 53.10 -11.23
CA LYS A 572 7.68 52.60 -10.62
C LYS A 572 7.19 53.58 -9.55
N ASP A 573 8.11 54.21 -8.84
CA ASP A 573 7.69 55.15 -7.82
C ASP A 573 6.96 56.32 -8.44
N SER A 574 7.45 56.84 -9.57
CA SER A 574 6.81 57.99 -10.19
C SER A 574 5.41 57.68 -10.72
N LEU A 575 5.26 56.57 -11.42
CA LEU A 575 3.94 56.19 -11.95
C LEU A 575 2.97 55.67 -10.89
N ASN A 576 3.48 55.28 -9.73
CA ASN A 576 2.62 54.72 -8.72
C ASN A 576 1.27 55.39 -8.57
N GLU A 577 1.29 56.66 -8.21
CA GLU A 577 0.10 57.47 -7.99
C GLU A 577 -0.87 57.48 -9.16
N TYR A 578 -0.34 57.31 -10.36
CA TYR A 578 -1.15 57.30 -11.56
C TYR A 578 -1.64 55.89 -11.85
N ALA A 579 -0.85 54.90 -11.50
CA ALA A 579 -1.24 53.52 -11.78
C ALA A 579 -2.15 52.92 -10.71
N TYR A 580 -2.25 53.55 -9.54
CA TYR A 580 -3.08 53.03 -8.47
C TYR A 580 -4.50 52.91 -8.98
N ALA A 581 -4.92 53.89 -9.76
CA ALA A 581 -6.26 53.88 -10.32
C ALA A 581 -6.44 52.64 -11.18
N ALA A 582 -5.55 52.46 -12.15
CA ALA A 582 -5.66 51.32 -13.06
C ALA A 582 -5.64 50.04 -12.25
N GLU A 583 -4.93 50.10 -11.13
CA GLU A 583 -4.81 49.00 -10.21
C GLU A 583 -6.20 48.61 -9.74
N LEU A 584 -6.88 49.54 -9.09
CA LEU A 584 -8.23 49.30 -8.57
C LEU A 584 -9.19 48.92 -9.70
N ALA A 585 -8.82 49.16 -10.94
CA ALA A 585 -9.70 48.87 -12.06
C ALA A 585 -9.34 47.58 -12.76
N GLY A 586 -8.56 46.75 -12.10
CA GLY A 586 -8.17 45.49 -12.70
C GLY A 586 -7.15 45.60 -13.83
N LEU A 587 -6.28 46.60 -13.73
CA LEU A 587 -5.25 46.81 -14.72
C LEU A 587 -3.98 46.98 -13.91
N SER A 588 -3.03 46.07 -14.07
CA SER A 588 -1.80 46.17 -13.30
C SER A 588 -0.57 45.82 -14.11
N TYR A 589 0.59 46.32 -13.67
CA TYR A 589 1.82 46.03 -14.38
C TYR A 589 2.93 45.54 -13.43
N ASP A 590 3.85 44.81 -14.01
CA ASP A 590 4.96 44.29 -13.28
C ASP A 590 6.16 44.71 -14.12
N LEU A 591 7.09 45.41 -13.48
CA LEU A 591 8.28 45.90 -14.18
C LEU A 591 9.50 45.74 -13.28
N GLN A 592 10.42 44.88 -13.70
CA GLN A 592 11.65 44.63 -12.96
C GLN A 592 12.85 44.26 -13.85
N ASN A 593 14.05 44.52 -13.32
CA ASN A 593 15.30 44.25 -14.03
C ASN A 593 15.69 42.78 -13.97
N THR A 594 16.35 42.29 -15.00
CA THR A 594 16.76 40.90 -15.02
C THR A 594 18.25 40.78 -15.37
N ILE A 595 18.77 39.56 -15.38
CA ILE A 595 20.18 39.39 -15.73
C ILE A 595 20.35 39.62 -17.22
N TYR A 596 19.24 39.67 -17.95
CA TYR A 596 19.30 39.87 -19.38
C TYR A 596 18.79 41.26 -19.76
N GLY A 597 18.43 42.04 -18.75
CA GLY A 597 17.92 43.38 -19.04
C GLY A 597 16.66 43.72 -18.27
N MET A 598 15.53 43.82 -18.96
CA MET A 598 14.28 44.20 -18.29
C MET A 598 13.06 43.34 -18.61
N TYR A 599 12.12 43.34 -17.66
CA TYR A 599 10.89 42.59 -17.82
C TYR A 599 9.66 43.44 -17.58
N LEU A 600 8.69 43.36 -18.47
CA LEU A 600 7.47 44.14 -18.30
C LEU A 600 6.25 43.30 -18.63
N SER A 601 5.29 43.31 -17.71
CA SER A 601 4.07 42.59 -17.95
C SER A 601 2.88 43.42 -17.54
N VAL A 602 1.89 43.46 -18.42
CA VAL A 602 0.66 44.20 -18.16
C VAL A 602 -0.45 43.18 -18.24
N LYS A 603 -1.13 42.97 -17.11
CA LYS A 603 -2.21 41.99 -17.02
C LYS A 603 -3.53 42.71 -16.68
N GLY A 604 -4.66 42.14 -17.11
CA GLY A 604 -5.94 42.76 -16.77
C GLY A 604 -6.97 42.89 -17.87
N TYR A 605 -8.02 43.66 -17.61
CA TYR A 605 -9.04 43.90 -18.61
C TYR A 605 -8.33 44.61 -19.75
N ASN A 606 -8.53 44.11 -20.97
CA ASN A 606 -7.86 44.70 -22.11
C ASN A 606 -8.28 46.14 -22.47
N ASP A 607 -9.53 46.51 -22.23
CA ASP A 607 -10.01 47.84 -22.58
C ASP A 607 -8.98 48.99 -22.49
N LYS A 608 -8.47 49.24 -21.29
CA LYS A 608 -7.52 50.32 -21.06
C LYS A 608 -6.04 49.96 -21.10
N GLN A 609 -5.68 48.73 -21.41
CA GLN A 609 -4.26 48.39 -21.39
C GLN A 609 -3.34 49.29 -22.19
N PRO A 610 -3.62 49.48 -23.49
CA PRO A 610 -2.78 50.31 -24.34
C PRO A 610 -2.44 51.66 -23.72
N ILE A 611 -3.39 52.21 -22.97
CA ILE A 611 -3.17 53.49 -22.33
C ILE A 611 -2.09 53.37 -21.26
N LEU A 612 -2.20 52.38 -20.40
CA LEU A 612 -1.22 52.20 -19.34
C LEU A 612 0.14 51.83 -19.96
N LEU A 613 0.12 50.88 -20.91
CA LEU A 613 1.33 50.48 -21.58
C LEU A 613 2.06 51.70 -22.11
N LYS A 614 1.36 52.45 -22.96
CA LYS A 614 1.95 53.63 -23.56
C LYS A 614 2.50 54.56 -22.51
N LYS A 615 1.77 54.75 -21.42
CA LYS A 615 2.24 55.62 -20.36
C LYS A 615 3.52 55.06 -19.75
N ILE A 616 3.55 53.75 -19.55
CA ILE A 616 4.74 53.15 -18.96
C ILE A 616 5.96 53.33 -19.87
N ILE A 617 5.86 52.94 -21.14
CA ILE A 617 6.98 53.04 -22.06
C ILE A 617 7.41 54.48 -22.27
N GLU A 618 6.46 55.36 -22.49
CA GLU A 618 6.77 56.77 -22.67
C GLU A 618 7.56 57.25 -21.43
N LYS A 619 7.12 56.89 -20.24
CA LYS A 619 7.84 57.31 -19.05
C LYS A 619 9.23 56.76 -18.98
N MET A 620 9.40 55.47 -19.23
CA MET A 620 10.74 54.94 -19.13
C MET A 620 11.69 55.45 -20.20
N ALA A 621 11.15 56.04 -21.27
CA ALA A 621 12.01 56.57 -22.33
C ALA A 621 12.28 58.05 -22.20
N THR A 622 11.73 58.67 -21.18
CA THR A 622 11.90 60.11 -21.01
C THR A 622 11.99 60.42 -19.53
N PHE A 623 12.38 59.41 -18.77
CA PHE A 623 12.46 59.53 -17.32
C PHE A 623 13.34 60.65 -16.80
N GLU A 624 12.87 61.31 -15.76
CA GLU A 624 13.62 62.37 -15.11
C GLU A 624 13.61 62.04 -13.63
N ILE A 625 14.78 61.68 -13.12
CA ILE A 625 14.96 61.27 -11.74
C ILE A 625 14.85 62.38 -10.73
N ASP A 626 14.12 62.12 -9.65
CA ASP A 626 14.00 63.11 -8.58
C ASP A 626 15.20 62.94 -7.64
N GLU A 627 15.79 64.06 -7.24
CA GLU A 627 16.92 64.03 -6.35
C GLU A 627 16.60 63.24 -5.06
N LYS A 628 15.59 63.72 -4.33
CA LYS A 628 15.17 63.13 -3.07
C LYS A 628 14.69 61.69 -3.11
N ARG A 629 14.10 61.30 -4.24
CA ARG A 629 13.56 59.96 -4.39
C ARG A 629 14.67 58.95 -4.54
N PHE A 630 15.69 59.36 -5.28
CA PHE A 630 16.88 58.58 -5.56
C PHE A 630 17.65 58.25 -4.25
N GLU A 631 17.80 59.24 -3.39
CA GLU A 631 18.52 59.04 -2.16
C GLU A 631 17.78 58.07 -1.26
N ILE A 632 16.47 58.29 -1.14
CA ILE A 632 15.60 57.47 -0.28
C ILE A 632 15.53 56.03 -0.76
N ILE A 633 15.32 55.85 -2.06
CA ILE A 633 15.24 54.51 -2.60
C ILE A 633 16.56 53.75 -2.48
N LYS A 634 17.67 54.43 -2.77
CA LYS A 634 19.01 53.85 -2.68
C LYS A 634 19.27 53.32 -1.26
N GLU A 635 19.03 54.17 -0.28
CA GLU A 635 19.23 53.81 1.11
C GLU A 635 18.47 52.52 1.43
N ALA A 636 17.26 52.40 0.91
CA ALA A 636 16.46 51.22 1.18
C ALA A 636 17.06 50.01 0.50
N TYR A 637 17.48 50.20 -0.74
CA TYR A 637 18.06 49.12 -1.51
C TYR A 637 19.24 48.56 -0.76
N MET A 638 19.97 49.45 -0.08
CA MET A 638 21.11 49.04 0.70
C MET A 638 20.64 48.11 1.81
N ARG A 639 19.68 48.58 2.59
CA ARG A 639 19.18 47.76 3.68
C ARG A 639 18.69 46.42 3.16
N SER A 640 18.01 46.48 2.01
CA SER A 640 17.47 45.28 1.41
C SER A 640 18.53 44.24 1.10
N LEU A 641 19.65 44.66 0.52
CA LEU A 641 20.74 43.73 0.23
C LEU A 641 21.25 43.19 1.57
N ASN A 642 21.53 44.08 2.50
CA ASN A 642 22.01 43.66 3.81
C ASN A 642 21.08 42.65 4.40
N ASN A 643 19.80 43.01 4.51
CA ASN A 643 18.81 42.15 5.13
C ASN A 643 18.74 40.71 4.65
N PHE A 644 19.54 40.36 3.65
CA PHE A 644 19.56 38.98 3.18
C PHE A 644 20.13 38.09 4.26
N ARG A 645 21.00 38.64 5.09
CA ARG A 645 21.60 37.88 6.16
C ARG A 645 20.54 37.36 7.15
N ALA A 646 19.35 37.92 7.10
CA ALA A 646 18.31 37.46 8.00
C ALA A 646 17.41 36.42 7.37
N GLU A 647 17.64 36.10 6.10
CA GLU A 647 16.85 35.08 5.42
C GLU A 647 17.15 33.69 5.95
N GLN A 648 16.19 32.79 5.82
CA GLN A 648 16.37 31.43 6.30
C GLN A 648 17.48 30.65 5.62
N PRO A 649 18.15 29.77 6.39
CA PRO A 649 19.25 28.91 5.96
C PRO A 649 19.04 28.26 4.60
N HIS A 650 17.91 27.59 4.45
CA HIS A 650 17.66 26.93 3.18
C HIS A 650 17.57 27.94 2.04
N GLN A 651 17.17 29.18 2.33
CA GLN A 651 17.12 30.15 1.26
C GLN A 651 18.57 30.49 0.91
N HIS A 652 19.41 30.57 1.94
CA HIS A 652 20.82 30.83 1.74
C HIS A 652 21.37 29.68 0.90
N ALA A 653 21.01 28.46 1.26
CA ALA A 653 21.52 27.33 0.51
C ALA A 653 21.20 27.44 -1.00
N MET A 654 19.95 27.72 -1.34
CA MET A 654 19.57 27.85 -2.74
C MET A 654 20.30 29.04 -3.37
N TYR A 655 20.42 30.13 -2.63
CA TYR A 655 21.14 31.30 -3.13
C TYR A 655 22.53 30.88 -3.62
N TYR A 656 23.36 30.40 -2.69
CA TYR A 656 24.71 29.98 -3.03
C TYR A 656 24.77 29.00 -4.21
N LEU A 657 23.99 27.92 -4.17
CA LEU A 657 24.01 26.98 -5.28
C LEU A 657 23.74 27.66 -6.65
N ARG A 658 22.94 28.72 -6.62
CA ARG A 658 22.60 29.48 -7.81
C ARG A 658 23.87 30.21 -8.26
N LEU A 659 24.54 30.85 -7.31
CA LEU A 659 25.77 31.57 -7.61
C LEU A 659 26.84 30.62 -8.18
N LEU A 660 27.01 29.46 -7.55
CA LEU A 660 28.00 28.49 -8.00
C LEU A 660 27.75 27.85 -9.35
N MET A 661 26.49 27.57 -9.67
CA MET A 661 26.18 26.89 -10.92
C MET A 661 25.98 27.76 -12.14
N THR A 662 26.06 29.08 -11.98
CA THR A 662 25.84 29.96 -13.13
C THR A 662 27.07 30.69 -13.61
N GLU A 663 27.29 30.60 -14.92
CA GLU A 663 28.41 31.24 -15.58
C GLU A 663 28.69 32.63 -14.99
N VAL A 664 27.69 33.50 -14.99
CA VAL A 664 27.88 34.84 -14.44
C VAL A 664 26.82 35.09 -13.36
N ALA A 665 27.22 35.76 -12.27
CA ALA A 665 26.27 36.03 -11.18
C ALA A 665 26.84 36.90 -10.08
N TRP A 666 26.54 38.19 -10.08
CA TRP A 666 27.08 39.05 -9.03
C TRP A 666 26.48 38.63 -7.70
N THR A 667 27.22 38.79 -6.61
CA THR A 667 26.72 38.39 -5.31
C THR A 667 26.26 39.61 -4.54
N LYS A 668 25.35 39.43 -3.60
CA LYS A 668 24.83 40.55 -2.83
C LYS A 668 25.93 41.36 -2.19
N ASP A 669 27.05 40.71 -1.89
CA ASP A 669 28.14 41.45 -1.28
C ASP A 669 28.72 42.38 -2.33
N GLU A 670 28.95 41.85 -3.53
CA GLU A 670 29.50 42.64 -4.63
C GLU A 670 28.57 43.81 -4.93
N LEU A 671 27.29 43.49 -5.00
CA LEU A 671 26.24 44.46 -5.28
C LEU A 671 26.24 45.57 -4.25
N LYS A 672 26.23 45.25 -2.97
CA LYS A 672 26.21 46.36 -2.03
C LYS A 672 27.53 47.10 -1.99
N GLU A 673 28.60 46.45 -2.42
CA GLU A 673 29.89 47.12 -2.46
C GLU A 673 29.82 48.20 -3.54
N ALA A 674 29.36 47.80 -4.74
CA ALA A 674 29.23 48.73 -5.87
C ALA A 674 28.18 49.83 -5.69
N LEU A 675 27.21 49.61 -4.81
CA LEU A 675 26.14 50.57 -4.58
C LEU A 675 26.52 52.01 -4.24
N ASP A 676 27.54 52.21 -3.42
CA ASP A 676 27.94 53.56 -3.05
C ASP A 676 28.42 54.33 -4.28
N ASP A 677 29.07 53.61 -5.19
CA ASP A 677 29.57 54.22 -6.41
C ASP A 677 28.47 54.70 -7.35
N VAL A 678 27.23 54.33 -7.07
CA VAL A 678 26.11 54.75 -7.92
C VAL A 678 25.66 56.14 -7.54
N THR A 679 25.91 57.11 -8.43
CA THR A 679 25.53 58.50 -8.16
C THR A 679 24.48 59.01 -9.12
N LEU A 680 23.73 60.02 -8.68
CA LEU A 680 22.68 60.60 -9.49
C LEU A 680 23.17 60.86 -10.92
N PRO A 681 24.34 61.48 -11.06
CA PRO A 681 24.86 61.76 -12.39
C PRO A 681 25.03 60.45 -13.13
N ARG A 682 25.71 59.54 -12.44
CA ARG A 682 26.01 58.23 -12.97
C ARG A 682 24.77 57.51 -13.49
N LEU A 683 23.70 57.56 -12.70
CA LEU A 683 22.42 56.94 -13.05
C LEU A 683 21.81 57.58 -14.29
N LYS A 684 21.72 58.91 -14.27
CA LYS A 684 21.20 59.66 -15.41
C LYS A 684 21.91 59.30 -16.70
N ALA A 685 23.18 58.91 -16.60
CA ALA A 685 23.91 58.55 -17.82
C ALA A 685 23.57 57.11 -18.25
N PHE A 686 23.38 56.26 -17.25
CA PHE A 686 23.08 54.85 -17.45
C PHE A 686 21.81 54.59 -18.29
N ILE A 687 20.73 55.25 -17.90
CA ILE A 687 19.44 55.05 -18.53
C ILE A 687 19.44 55.13 -20.07
N PRO A 688 20.03 56.19 -20.62
CA PRO A 688 20.05 56.31 -22.08
C PRO A 688 20.89 55.22 -22.72
N GLN A 689 22.02 54.90 -22.09
CA GLN A 689 22.89 53.84 -22.62
C GLN A 689 22.11 52.51 -22.62
N LEU A 690 21.33 52.28 -21.57
CA LEU A 690 20.57 51.06 -21.46
C LEU A 690 19.56 51.01 -22.59
N LEU A 691 18.85 52.11 -22.73
CA LEU A 691 17.78 52.23 -23.72
C LEU A 691 18.19 52.39 -25.16
N SER A 692 19.48 52.60 -25.44
CA SER A 692 19.96 52.82 -26.80
C SER A 692 19.96 51.64 -27.77
N ARG A 693 20.32 50.47 -27.27
CA ARG A 693 20.33 49.29 -28.12
C ARG A 693 19.58 48.16 -27.39
N LEU A 694 18.50 47.67 -27.99
CA LEU A 694 17.69 46.59 -27.38
C LEU A 694 17.14 45.61 -28.40
N HIS A 695 16.62 44.52 -27.87
CA HIS A 695 15.92 43.55 -28.68
C HIS A 695 14.75 43.17 -27.80
N ILE A 696 13.55 43.15 -28.35
CA ILE A 696 12.39 42.81 -27.54
C ILE A 696 11.71 41.54 -28.01
N GLU A 697 11.37 40.68 -27.05
CA GLU A 697 10.66 39.46 -27.38
C GLU A 697 9.44 39.61 -26.50
N ALA A 698 8.27 39.46 -27.12
CA ALA A 698 7.04 39.66 -26.40
C ALA A 698 6.06 38.58 -26.75
N LEU A 699 5.08 38.43 -25.87
CA LEU A 699 4.02 37.47 -26.05
C LEU A 699 2.77 38.25 -25.69
N LEU A 700 1.87 38.41 -26.64
CA LEU A 700 0.59 39.10 -26.41
C LEU A 700 -0.46 38.00 -26.54
N HIS A 701 -1.21 37.83 -25.46
CA HIS A 701 -2.20 36.77 -25.31
C HIS A 701 -3.49 37.17 -24.61
N GLY A 702 -4.63 36.98 -25.27
CA GLY A 702 -5.90 37.34 -24.64
C GLY A 702 -7.05 37.74 -25.54
N ASN A 703 -7.85 38.70 -25.08
CA ASN A 703 -8.98 39.17 -25.88
C ASN A 703 -8.44 40.30 -26.75
N ILE A 704 -7.66 39.91 -27.73
CA ILE A 704 -7.01 40.88 -28.59
C ILE A 704 -6.79 40.25 -29.97
N THR A 705 -6.79 41.07 -31.03
CA THR A 705 -6.55 40.50 -32.38
C THR A 705 -5.09 40.64 -32.85
N LYS A 706 -4.78 39.98 -33.96
CA LYS A 706 -3.43 40.04 -34.51
C LYS A 706 -2.99 41.47 -34.87
N GLN A 707 -3.89 42.26 -35.43
CA GLN A 707 -3.59 43.64 -35.80
C GLN A 707 -3.47 44.52 -34.56
N ALA A 708 -4.34 44.27 -33.60
CA ALA A 708 -4.34 45.01 -32.35
C ALA A 708 -2.96 44.82 -31.73
N ALA A 709 -2.54 43.55 -31.68
CA ALA A 709 -1.25 43.11 -31.12
C ALA A 709 -0.03 43.66 -31.85
N LEU A 710 -0.03 43.56 -33.17
CA LEU A 710 1.06 44.12 -33.96
C LEU A 710 1.19 45.62 -33.67
N GLY A 711 0.07 46.28 -33.51
CA GLY A 711 0.11 47.71 -33.23
C GLY A 711 0.69 48.02 -31.86
N ILE A 712 0.36 47.20 -30.86
CA ILE A 712 0.86 47.43 -29.52
C ILE A 712 2.36 47.27 -29.58
N MET A 713 2.80 46.21 -30.25
CA MET A 713 4.22 45.97 -30.38
C MET A 713 4.88 47.12 -31.11
N GLN A 714 4.24 47.61 -32.17
CA GLN A 714 4.82 48.71 -32.89
C GLN A 714 4.79 49.97 -32.07
N MET A 715 3.70 50.18 -31.35
CA MET A 715 3.60 51.37 -30.51
C MET A 715 4.70 51.40 -29.45
N VAL A 716 5.04 50.25 -28.87
CA VAL A 716 6.10 50.23 -27.88
C VAL A 716 7.40 50.61 -28.59
N GLU A 717 7.76 49.84 -29.63
CA GLU A 717 8.97 50.09 -30.41
C GLU A 717 9.08 51.56 -30.79
N ASP A 718 8.05 52.07 -31.47
CA ASP A 718 7.99 53.45 -31.88
C ASP A 718 8.27 54.43 -30.70
N THR A 719 7.62 54.23 -29.56
CA THR A 719 7.84 55.13 -28.42
C THR A 719 9.30 55.16 -28.00
N LEU A 720 9.93 53.99 -27.95
CA LEU A 720 11.33 53.89 -27.58
C LEU A 720 12.18 54.63 -28.60
N ILE A 721 11.98 54.30 -29.88
CA ILE A 721 12.73 54.94 -30.97
C ILE A 721 12.66 56.45 -30.92
N GLU A 722 11.46 56.98 -30.76
CA GLU A 722 11.31 58.41 -30.73
C GLU A 722 11.95 59.10 -29.54
N HIS A 723 11.95 58.47 -28.39
CA HIS A 723 12.51 59.15 -27.24
C HIS A 723 13.86 58.66 -26.76
N ALA A 724 14.25 57.47 -27.17
CA ALA A 724 15.53 56.94 -26.74
C ALA A 724 16.43 56.61 -27.93
N HIS A 725 15.92 56.84 -29.13
CA HIS A 725 16.68 56.59 -30.35
C HIS A 725 17.24 55.19 -30.30
N THR A 726 16.44 54.30 -29.76
CA THR A 726 16.79 52.91 -29.60
C THR A 726 16.96 52.21 -30.94
N LYS A 727 18.04 51.44 -31.11
CA LYS A 727 18.17 50.67 -32.35
C LYS A 727 18.42 49.21 -32.01
N PRO A 728 18.32 48.32 -33.00
CA PRO A 728 18.51 46.88 -32.78
C PRO A 728 19.83 46.43 -32.17
N LEU A 729 19.74 45.36 -31.40
CA LEU A 729 20.88 44.75 -30.78
C LEU A 729 21.35 43.75 -31.84
N LEU A 730 22.64 43.47 -31.91
CA LEU A 730 23.11 42.51 -32.90
C LEU A 730 22.65 41.16 -32.37
N PRO A 731 22.44 40.17 -33.25
CA PRO A 731 22.01 38.83 -32.82
C PRO A 731 23.02 38.10 -31.93
N SER A 732 24.28 38.08 -32.36
CA SER A 732 25.35 37.45 -31.60
C SER A 732 25.49 38.05 -30.20
N GLN A 733 24.94 39.24 -30.01
CA GLN A 733 24.99 39.91 -28.72
C GLN A 733 23.98 39.29 -27.77
N LEU A 734 22.97 38.62 -28.34
CA LEU A 734 21.91 37.97 -27.57
C LEU A 734 22.48 36.72 -26.83
N VAL A 735 23.31 37.01 -25.83
CA VAL A 735 23.98 36.01 -25.02
C VAL A 735 23.22 35.49 -23.81
N ARG A 736 23.20 34.16 -23.66
CA ARG A 736 22.54 33.51 -22.53
C ARG A 736 23.61 32.89 -21.66
N TYR A 737 23.40 32.85 -20.35
CA TYR A 737 24.39 32.26 -19.48
C TYR A 737 24.26 30.74 -19.48
N ARG A 738 25.35 30.06 -19.12
CA ARG A 738 25.40 28.61 -19.10
C ARG A 738 25.58 28.08 -17.70
N GLU A 739 25.30 26.79 -17.51
CA GLU A 739 25.49 26.19 -16.20
C GLU A 739 26.82 25.45 -16.16
N VAL A 740 27.51 25.58 -15.04
CA VAL A 740 28.79 24.93 -14.84
C VAL A 740 28.67 23.41 -15.01
N GLN A 741 29.55 22.84 -15.82
CA GLN A 741 29.49 21.40 -16.03
C GLN A 741 30.32 20.62 -15.00
N LEU A 742 29.64 19.96 -14.07
CA LEU A 742 30.33 19.15 -13.05
C LEU A 742 30.91 17.91 -13.75
N PRO A 743 32.07 17.42 -13.27
CA PRO A 743 32.82 16.27 -13.77
C PRO A 743 32.37 14.91 -13.27
N ASP A 744 32.31 13.93 -14.16
CA ASP A 744 31.91 12.56 -13.80
C ASP A 744 32.51 12.15 -12.46
N ARG A 745 31.68 11.57 -11.61
CA ARG A 745 32.05 11.10 -10.26
C ARG A 745 32.60 12.16 -9.35
N GLY A 746 32.29 13.42 -9.60
CA GLY A 746 32.78 14.45 -8.71
C GLY A 746 31.83 14.75 -7.56
N TRP A 747 32.36 15.42 -6.54
CA TRP A 747 31.58 15.83 -5.39
C TRP A 747 32.23 17.03 -4.70
N PHE A 748 31.57 18.18 -4.78
CA PHE A 748 32.12 19.37 -4.15
C PHE A 748 31.17 19.82 -3.07
N VAL A 749 31.71 20.52 -2.08
CA VAL A 749 30.94 21.05 -0.97
C VAL A 749 31.35 22.50 -0.78
N TYR A 750 30.36 23.38 -0.70
CA TYR A 750 30.64 24.78 -0.46
C TYR A 750 29.95 25.00 0.88
N GLN A 751 30.65 25.54 1.86
CA GLN A 751 30.04 25.73 3.18
C GLN A 751 30.02 27.18 3.68
N GLN A 752 28.92 27.56 4.33
CA GLN A 752 28.75 28.90 4.87
C GLN A 752 27.92 28.85 6.14
N ARG A 753 27.86 29.98 6.84
CA ARG A 753 27.14 30.08 8.10
C ARG A 753 26.06 31.15 8.08
N ASN A 754 24.89 30.82 8.60
CA ASN A 754 23.78 31.75 8.68
C ASN A 754 23.93 32.40 10.07
N GLU A 755 24.24 33.69 10.09
CA GLU A 755 24.48 34.39 11.33
C GLU A 755 23.25 34.78 12.16
N VAL A 756 22.05 34.56 11.65
CA VAL A 756 20.84 34.93 12.37
C VAL A 756 20.03 33.75 12.84
N HIS A 757 19.72 32.87 11.91
CA HIS A 757 18.94 31.71 12.23
C HIS A 757 19.77 30.67 12.97
N ASN A 758 19.12 29.85 13.77
CA ASN A 758 19.83 28.84 14.54
C ASN A 758 19.46 27.44 14.09
N ASN A 759 19.56 27.22 12.79
CA ASN A 759 19.27 25.93 12.17
C ASN A 759 20.25 25.80 11.03
N CYS A 760 20.24 24.66 10.36
CA CYS A 760 21.12 24.47 9.23
C CYS A 760 20.25 24.38 8.01
N GLY A 761 20.88 24.61 6.85
CA GLY A 761 20.15 24.53 5.60
C GLY A 761 20.99 23.65 4.70
N ILE A 762 20.42 23.18 3.61
CA ILE A 762 21.21 22.35 2.75
C ILE A 762 20.52 22.02 1.46
N GLU A 763 21.27 22.14 0.36
CA GLU A 763 20.73 21.74 -0.92
C GLU A 763 21.77 20.81 -1.51
N ILE A 764 21.30 19.66 -2.00
CA ILE A 764 22.15 18.68 -2.61
C ILE A 764 21.62 18.58 -4.02
N TYR A 765 22.51 18.75 -4.98
CA TYR A 765 22.10 18.75 -6.37
C TYR A 765 22.84 17.70 -7.17
N TYR A 766 22.10 16.77 -7.72
CA TYR A 766 22.71 15.74 -8.54
C TYR A 766 22.41 16.15 -9.98
N GLN A 767 23.36 16.86 -10.57
CA GLN A 767 23.22 17.32 -11.94
C GLN A 767 23.24 16.10 -12.84
N THR A 768 22.29 16.06 -13.77
CA THR A 768 22.22 14.95 -14.70
C THR A 768 22.67 15.42 -16.07
N ASP A 769 21.75 15.68 -16.99
CA ASP A 769 22.14 16.13 -18.32
C ASP A 769 21.39 17.36 -18.82
N MET A 770 21.66 17.73 -20.06
CA MET A 770 21.01 18.88 -20.68
C MET A 770 19.53 18.48 -20.74
N GLN A 771 18.62 19.44 -20.79
CA GLN A 771 17.19 19.10 -20.88
C GLN A 771 16.90 18.47 -22.24
N SER A 772 15.92 17.58 -22.29
CA SER A 772 15.54 16.92 -23.52
C SER A 772 14.37 15.99 -23.24
N THR A 773 13.58 15.66 -24.26
CA THR A 773 12.46 14.77 -23.99
C THR A 773 12.86 13.59 -23.11
N SER A 774 13.85 12.80 -23.53
CA SER A 774 14.27 11.66 -22.72
C SER A 774 14.78 12.03 -21.31
N GLU A 775 15.83 12.85 -21.23
CA GLU A 775 16.35 13.24 -19.95
C GLU A 775 15.29 13.81 -19.04
N ASN A 776 14.40 14.62 -19.60
CA ASN A 776 13.34 15.24 -18.80
C ASN A 776 12.47 14.23 -18.07
N MET A 777 11.87 13.33 -18.83
CA MET A 777 10.99 12.32 -18.25
C MET A 777 11.70 11.36 -17.30
N PHE A 778 12.90 10.94 -17.65
CA PHE A 778 13.65 10.09 -16.74
C PHE A 778 13.70 10.77 -15.37
N LEU A 779 13.99 12.06 -15.37
CA LEU A 779 14.06 12.80 -14.11
C LEU A 779 12.67 12.98 -13.49
N GLU A 780 11.68 13.29 -14.31
CA GLU A 780 10.34 13.52 -13.77
C GLU A 780 9.66 12.27 -13.22
N LEU A 781 9.88 11.12 -13.84
CA LEU A 781 9.27 9.90 -13.38
C LEU A 781 9.93 9.51 -12.08
N PHE A 782 11.25 9.58 -12.07
CA PHE A 782 11.96 9.22 -10.87
C PHE A 782 11.59 10.14 -9.72
N CYS A 783 11.39 11.42 -10.02
CA CYS A 783 11.01 12.37 -8.99
C CYS A 783 9.60 12.07 -8.46
N GLN A 784 8.69 11.74 -9.38
CA GLN A 784 7.33 11.38 -9.01
C GLN A 784 7.35 10.22 -8.05
N ILE A 785 8.09 9.17 -8.39
CA ILE A 785 8.21 7.96 -7.56
C ILE A 785 8.76 8.19 -6.14
N ILE A 786 9.72 9.08 -5.99
CA ILE A 786 10.30 9.32 -4.68
C ILE A 786 9.72 10.51 -3.93
N SER A 787 8.80 11.24 -4.56
CA SER A 787 8.25 12.42 -3.93
C SER A 787 7.67 12.25 -2.53
N GLU A 788 6.61 11.45 -2.39
CA GLU A 788 6.00 11.24 -1.06
C GLU A 788 6.95 10.41 -0.19
N PRO A 789 7.53 9.34 -0.77
CA PRO A 789 8.44 8.51 0.03
C PRO A 789 9.47 9.38 0.75
N CYS A 790 10.01 10.37 0.03
CA CYS A 790 11.00 11.27 0.59
C CYS A 790 10.42 11.98 1.80
N PHE A 791 9.29 12.65 1.60
CA PHE A 791 8.63 13.36 2.68
C PHE A 791 8.39 12.40 3.86
N ASN A 792 7.74 11.29 3.53
CA ASN A 792 7.44 10.29 4.53
C ASN A 792 8.66 9.83 5.32
N THR A 793 9.76 9.59 4.60
CA THR A 793 10.99 9.12 5.21
C THR A 793 11.83 10.15 5.95
N LEU A 794 12.21 11.21 5.25
CA LEU A 794 13.04 12.25 5.83
C LEU A 794 12.32 13.10 6.85
N ARG A 795 10.99 13.15 6.75
CA ARG A 795 10.23 13.95 7.72
C ARG A 795 9.32 13.15 8.63
N THR A 796 8.28 12.55 8.08
CA THR A 796 7.33 11.80 8.91
C THR A 796 8.09 10.88 9.85
N LYS A 797 8.85 9.94 9.29
CA LYS A 797 9.64 8.97 10.08
C LYS A 797 10.84 9.57 10.79
N GLU A 798 11.88 9.91 10.03
CA GLU A 798 13.09 10.49 10.60
C GLU A 798 12.97 11.87 11.23
N GLN A 799 11.94 12.63 10.88
CA GLN A 799 11.76 13.97 11.43
C GLN A 799 13.07 14.79 11.41
N LEU A 800 13.57 15.07 10.21
CA LEU A 800 14.80 15.84 10.10
C LEU A 800 14.51 17.31 10.28
N GLY A 801 13.27 17.70 9.98
CA GLY A 801 12.86 19.08 10.11
C GLY A 801 11.57 19.35 9.34
N TYR A 802 11.03 20.54 9.54
CA TYR A 802 9.79 20.94 8.87
C TYR A 802 9.94 21.03 7.36
N ILE A 803 10.97 21.72 6.90
CA ILE A 803 11.18 21.85 5.48
C ILE A 803 12.00 20.68 4.92
N VAL A 804 11.34 19.85 4.10
CA VAL A 804 11.97 18.70 3.46
C VAL A 804 11.42 18.66 2.06
N PHE A 805 12.29 18.87 1.08
CA PHE A 805 11.85 18.94 -0.30
C PHE A 805 12.73 18.14 -1.26
N SER A 806 12.15 17.68 -2.35
CA SER A 806 12.93 16.98 -3.34
C SER A 806 12.20 17.29 -4.63
N GLY A 807 12.92 17.26 -5.75
CA GLY A 807 12.31 17.51 -7.02
C GLY A 807 13.36 17.84 -8.05
N PRO A 808 12.95 18.08 -9.30
CA PRO A 808 13.90 18.41 -10.36
C PRO A 808 14.37 19.85 -10.23
N ARG A 809 15.60 20.11 -10.67
CA ARG A 809 16.16 21.46 -10.69
C ARG A 809 16.40 21.75 -12.15
N ARG A 810 15.87 22.87 -12.61
CA ARG A 810 16.02 23.26 -14.00
C ARG A 810 16.56 24.67 -14.10
N ALA A 811 17.68 24.82 -14.79
CA ALA A 811 18.31 26.12 -14.99
C ALA A 811 19.25 26.10 -16.18
N ASN A 812 19.26 27.21 -16.92
CA ASN A 812 20.10 27.37 -18.08
C ASN A 812 20.08 26.14 -18.98
N GLY A 813 18.92 25.52 -19.10
CA GLY A 813 18.81 24.38 -20.00
C GLY A 813 19.34 23.07 -19.47
N ILE A 814 19.83 23.08 -18.25
CA ILE A 814 20.33 21.86 -17.65
C ILE A 814 19.41 21.46 -16.50
N GLN A 815 19.40 20.19 -16.13
CA GLN A 815 18.54 19.74 -15.04
C GLN A 815 19.21 18.73 -14.13
N GLY A 816 18.58 18.46 -13.01
CA GLY A 816 19.13 17.51 -12.07
C GLY A 816 18.13 17.28 -10.96
N LEU A 817 18.44 16.36 -10.06
CA LEU A 817 17.59 16.04 -8.94
C LEU A 817 18.20 16.75 -7.77
N ARG A 818 17.37 17.34 -6.91
CA ARG A 818 17.91 18.04 -5.76
C ARG A 818 17.08 17.84 -4.50
N PHE A 819 17.72 18.04 -3.36
CA PHE A 819 17.05 17.91 -2.07
C PHE A 819 17.35 19.19 -1.30
N ILE A 820 16.34 19.65 -0.57
CA ILE A 820 16.50 20.85 0.24
C ILE A 820 15.92 20.56 1.62
N ILE A 821 16.70 20.83 2.65
CA ILE A 821 16.28 20.57 4.04
C ILE A 821 16.79 21.64 4.99
N GLN A 822 15.93 22.05 5.88
CA GLN A 822 16.35 22.99 6.89
C GLN A 822 16.12 22.18 8.17
N SER A 823 17.18 21.98 8.95
CA SER A 823 17.05 21.20 10.17
C SER A 823 17.99 21.67 11.27
N GLU A 824 17.87 20.99 12.41
CA GLU A 824 18.69 21.31 13.56
C GLU A 824 19.95 20.46 13.49
N LYS A 825 19.84 19.26 12.92
CA LYS A 825 20.99 18.37 12.79
C LYS A 825 21.92 19.00 11.73
N PRO A 826 23.24 18.80 11.88
CA PRO A 826 24.27 19.33 10.97
C PRO A 826 24.16 18.84 9.53
N PRO A 827 24.64 19.65 8.56
CA PRO A 827 24.55 19.24 7.16
C PRO A 827 25.10 17.86 6.88
N HIS A 828 26.33 17.59 7.29
CA HIS A 828 26.95 16.29 7.00
C HIS A 828 26.05 15.15 7.42
N TYR A 829 25.28 15.36 8.49
CA TYR A 829 24.35 14.35 8.97
C TYR A 829 23.19 14.15 8.00
N LEU A 830 22.59 15.26 7.56
CA LEU A 830 21.49 15.23 6.61
C LEU A 830 22.01 14.51 5.37
N GLU A 831 23.18 14.95 4.95
CA GLU A 831 23.86 14.39 3.79
C GLU A 831 23.79 12.84 3.83
N SER A 832 24.04 12.26 5.00
CA SER A 832 24.02 10.81 5.17
C SER A 832 22.64 10.21 4.99
N ARG A 833 21.67 10.72 5.75
CA ARG A 833 20.31 10.22 5.67
C ARG A 833 19.77 10.31 4.23
N VAL A 834 20.12 11.37 3.51
CA VAL A 834 19.64 11.50 2.15
C VAL A 834 20.26 10.39 1.34
N GLU A 835 21.58 10.32 1.40
CA GLU A 835 22.29 9.29 0.67
C GLU A 835 21.68 7.92 0.94
N ALA A 836 21.25 7.72 2.18
CA ALA A 836 20.61 6.48 2.62
C ALA A 836 19.28 6.33 1.90
N PHE A 837 18.44 7.34 2.01
CA PHE A 837 17.13 7.35 1.35
C PHE A 837 17.26 6.94 -0.12
N LEU A 838 18.36 7.37 -0.74
CA LEU A 838 18.61 7.05 -2.13
C LEU A 838 18.67 5.55 -2.35
N ILE A 839 19.33 4.82 -1.44
CA ILE A 839 19.42 3.38 -1.59
C ILE A 839 18.08 2.72 -1.31
N THR A 840 17.35 3.26 -0.35
CA THR A 840 16.03 2.76 -0.02
C THR A 840 15.13 2.78 -1.28
N MET A 841 15.23 3.87 -2.05
CA MET A 841 14.43 4.06 -3.27
C MET A 841 14.82 3.08 -4.38
N GLU A 842 16.12 2.84 -4.52
CA GLU A 842 16.63 1.91 -5.53
C GLU A 842 15.94 0.55 -5.32
N LYS A 843 15.90 0.10 -4.07
CA LYS A 843 15.25 -1.17 -3.70
C LYS A 843 13.75 -1.06 -4.00
N SER A 844 13.11 -0.08 -3.38
CA SER A 844 11.69 0.17 -3.59
C SER A 844 11.33 0.03 -5.08
N ILE A 845 12.13 0.61 -5.96
CA ILE A 845 11.85 0.55 -7.38
C ILE A 845 11.94 -0.86 -7.98
N GLU A 846 12.83 -1.67 -7.41
CA GLU A 846 13.01 -3.06 -7.86
C GLU A 846 11.88 -3.90 -7.28
N ASP A 847 11.46 -3.53 -6.08
CA ASP A 847 10.40 -4.25 -5.41
C ASP A 847 8.97 -3.90 -5.82
N MET A 848 8.72 -2.71 -6.37
CA MET A 848 7.35 -2.35 -6.74
C MET A 848 6.80 -3.16 -7.90
N THR A 849 5.51 -3.50 -7.82
CA THR A 849 4.88 -4.29 -8.86
C THR A 849 4.85 -3.44 -10.10
N GLU A 850 4.67 -4.08 -11.25
CA GLU A 850 4.64 -3.34 -12.49
C GLU A 850 3.48 -2.34 -12.50
N GLU A 851 2.34 -2.72 -11.92
CA GLU A 851 1.21 -1.80 -11.87
C GLU A 851 1.59 -0.59 -11.03
N ALA A 852 2.31 -0.82 -9.94
CA ALA A 852 2.74 0.27 -9.08
C ALA A 852 3.41 1.32 -9.96
N PHE A 853 4.36 0.83 -10.77
CA PHE A 853 5.14 1.66 -11.69
C PHE A 853 4.25 2.40 -12.69
N GLN A 854 3.35 1.65 -13.31
CA GLN A 854 2.43 2.22 -14.28
C GLN A 854 1.54 3.29 -13.62
N LYS A 855 1.22 3.09 -12.35
CA LYS A 855 0.40 4.04 -11.59
C LYS A 855 1.13 5.37 -11.53
N HIS A 856 2.43 5.30 -11.29
CA HIS A 856 3.23 6.50 -11.20
C HIS A 856 3.29 7.24 -12.50
N ILE A 857 3.44 6.50 -13.60
CA ILE A 857 3.49 7.12 -14.91
C ILE A 857 2.21 7.91 -15.11
N GLN A 858 1.10 7.24 -14.81
CA GLN A 858 -0.22 7.84 -14.95
C GLN A 858 -0.35 9.12 -14.11
N ALA A 859 0.10 9.09 -12.86
CA ALA A 859 -0.04 10.28 -12.03
C ALA A 859 0.75 11.42 -12.66
N LEU A 860 2.00 11.15 -13.07
CA LEU A 860 2.82 12.17 -13.70
C LEU A 860 2.09 12.74 -14.90
N ALA A 861 1.60 11.85 -15.75
CA ALA A 861 0.87 12.23 -16.95
C ALA A 861 -0.27 13.19 -16.65
N ILE A 862 -1.10 12.81 -15.70
CA ILE A 862 -2.23 13.62 -15.29
C ILE A 862 -1.78 14.96 -14.76
N ARG A 863 -0.65 14.99 -14.04
CA ARG A 863 -0.14 16.25 -13.50
C ARG A 863 0.29 17.18 -14.61
N ARG A 864 0.99 16.64 -15.59
CA ARG A 864 1.48 17.40 -16.71
C ARG A 864 0.38 17.86 -17.67
N LEU A 865 -0.57 16.97 -17.93
CA LEU A 865 -1.62 17.29 -18.86
C LEU A 865 -2.69 18.15 -18.26
N ASP A 866 -2.61 18.39 -16.95
CA ASP A 866 -3.59 19.24 -16.28
C ASP A 866 -3.65 20.51 -17.10
N LYS A 867 -4.87 20.96 -17.43
CA LYS A 867 -5.00 22.16 -18.25
C LYS A 867 -5.24 23.42 -17.44
N PRO A 868 -4.58 24.52 -17.81
CA PRO A 868 -4.78 25.77 -17.07
C PRO A 868 -6.25 26.17 -17.08
N LYS A 869 -6.72 26.80 -16.01
CA LYS A 869 -8.13 27.16 -15.94
C LYS A 869 -8.30 28.64 -16.26
N LYS A 870 -7.22 29.38 -16.26
CA LYS A 870 -7.34 30.80 -16.51
C LYS A 870 -6.29 31.31 -17.46
N LEU A 871 -6.56 32.47 -18.04
CA LEU A 871 -5.65 33.08 -18.98
C LEU A 871 -4.23 33.28 -18.42
N SER A 872 -4.09 34.00 -17.32
CA SER A 872 -2.73 34.18 -16.84
C SER A 872 -1.98 32.85 -16.73
N ALA A 873 -2.69 31.81 -16.36
CA ALA A 873 -2.03 30.51 -16.21
C ALA A 873 -1.50 29.94 -17.51
N GLU A 874 -2.32 29.94 -18.55
CA GLU A 874 -1.92 29.44 -19.88
C GLU A 874 -0.81 30.33 -20.42
N CYS A 875 -1.01 31.64 -20.30
CA CYS A 875 -0.03 32.60 -20.77
C CYS A 875 1.36 32.26 -20.21
N ALA A 876 1.38 31.97 -18.92
CA ALA A 876 2.63 31.65 -18.25
C ALA A 876 3.38 30.45 -18.80
N LYS A 877 2.67 29.37 -19.14
CA LYS A 877 3.33 28.18 -19.68
C LYS A 877 4.04 28.59 -20.94
N TYR A 878 3.33 29.34 -21.79
CA TYR A 878 3.90 29.83 -23.06
C TYR A 878 5.11 30.71 -22.73
N TRP A 879 4.91 31.69 -21.84
CA TRP A 879 5.99 32.57 -21.49
C TRP A 879 7.25 31.81 -21.20
N GLY A 880 7.11 30.71 -20.46
CA GLY A 880 8.28 29.91 -20.10
C GLY A 880 9.01 29.29 -21.27
N GLU A 881 8.25 28.78 -22.24
CA GLU A 881 8.86 28.19 -23.42
C GLU A 881 9.64 29.25 -24.17
N ILE A 882 9.18 30.50 -24.06
CA ILE A 882 9.79 31.64 -24.71
C ILE A 882 11.02 32.11 -23.96
N ILE A 883 10.89 32.29 -22.66
CA ILE A 883 12.01 32.74 -21.85
C ILE A 883 13.15 31.74 -21.98
N SER A 884 12.85 30.46 -21.83
CA SER A 884 13.87 29.43 -21.94
C SER A 884 14.39 29.25 -23.37
N GLN A 885 13.86 30.05 -24.30
CA GLN A 885 14.26 29.99 -25.70
C GLN A 885 14.11 28.59 -26.27
N GLN A 886 13.29 27.77 -25.64
CA GLN A 886 13.06 26.42 -26.12
C GLN A 886 11.85 26.39 -27.03
N TYR A 887 10.92 27.30 -26.79
CA TYR A 887 9.73 27.41 -27.62
C TYR A 887 9.12 26.07 -27.95
N ASN A 888 8.96 25.21 -26.95
CA ASN A 888 8.36 23.90 -27.17
C ASN A 888 6.90 23.89 -26.68
N PHE A 889 6.06 24.69 -27.34
CA PHE A 889 4.65 24.85 -26.98
C PHE A 889 3.79 23.60 -26.92
N ASP A 890 4.29 22.48 -27.46
CA ASP A 890 3.54 21.23 -27.42
C ASP A 890 4.20 20.17 -26.49
N ARG A 891 5.17 20.63 -25.72
CA ARG A 891 5.91 19.78 -24.81
C ARG A 891 5.07 18.77 -24.01
N ASP A 892 4.00 19.22 -23.35
CA ASP A 892 3.17 18.32 -22.56
C ASP A 892 2.68 17.09 -23.30
N ASN A 893 2.10 17.27 -24.49
CA ASN A 893 1.64 16.10 -25.22
C ASN A 893 2.78 15.19 -25.64
N THR A 894 3.86 15.80 -26.09
CA THR A 894 5.05 15.09 -26.51
C THR A 894 5.68 14.29 -25.35
N GLU A 895 6.10 15.00 -24.32
CA GLU A 895 6.70 14.36 -23.16
C GLU A 895 5.81 13.28 -22.50
N VAL A 896 4.50 13.51 -22.38
CA VAL A 896 3.64 12.50 -21.78
C VAL A 896 3.62 11.24 -22.69
N ALA A 897 3.57 11.46 -24.00
CA ALA A 897 3.58 10.35 -24.95
C ALA A 897 4.79 9.48 -24.67
N TYR A 898 5.95 10.14 -24.66
CA TYR A 898 7.21 9.48 -24.41
C TYR A 898 7.26 8.79 -23.04
N LEU A 899 6.79 9.52 -22.03
CA LEU A 899 6.76 9.06 -20.64
C LEU A 899 6.15 7.68 -20.54
N LYS A 900 5.00 7.53 -21.20
CA LYS A 900 4.24 6.28 -21.21
C LYS A 900 4.98 5.10 -21.81
N THR A 901 6.18 5.36 -22.30
CA THR A 901 7.02 4.36 -22.93
C THR A 901 8.10 3.85 -21.99
N LEU A 902 8.28 4.50 -20.85
CA LEU A 902 9.31 4.09 -19.93
C LEU A 902 8.99 2.81 -19.18
N THR A 903 10.04 2.12 -18.74
CA THR A 903 9.85 0.87 -18.00
C THR A 903 10.65 0.88 -16.72
N LYS A 904 10.27 0.01 -15.80
CA LYS A 904 10.94 -0.08 -14.51
C LYS A 904 12.45 -0.20 -14.80
N GLU A 905 12.78 -0.86 -15.90
CA GLU A 905 14.18 -1.07 -16.25
C GLU A 905 14.90 0.24 -16.63
N ASP A 906 14.25 1.09 -17.42
CA ASP A 906 14.84 2.37 -17.83
C ASP A 906 15.19 3.20 -16.60
N ILE A 907 14.22 3.39 -15.73
CA ILE A 907 14.45 4.15 -14.53
C ILE A 907 15.59 3.56 -13.68
N ILE A 908 15.70 2.24 -13.60
CA ILE A 908 16.80 1.66 -12.81
C ILE A 908 18.15 2.02 -13.45
N LYS A 909 18.22 1.95 -14.78
CA LYS A 909 19.45 2.26 -15.52
C LYS A 909 19.86 3.70 -15.27
N PHE A 910 18.90 4.60 -15.45
CA PHE A 910 19.09 6.03 -15.24
C PHE A 910 19.65 6.28 -13.84
N TYR A 911 19.18 5.49 -12.87
CA TYR A 911 19.62 5.65 -11.50
C TYR A 911 21.03 5.16 -11.31
N LYS A 912 21.26 3.94 -11.77
CA LYS A 912 22.57 3.31 -11.67
C LYS A 912 23.62 4.18 -12.33
N GLU A 913 23.26 4.77 -13.47
CA GLU A 913 24.18 5.60 -14.22
C GLU A 913 24.40 7.04 -13.72
N MET A 914 23.31 7.69 -13.31
CA MET A 914 23.41 9.08 -12.87
C MET A 914 23.30 9.37 -11.39
N LEU A 915 22.49 8.60 -10.68
CA LEU A 915 22.26 8.89 -9.28
C LEU A 915 22.97 8.10 -8.21
N ALA A 916 23.02 6.78 -8.37
CA ALA A 916 23.67 5.88 -7.41
C ALA A 916 25.04 6.40 -6.92
N VAL A 917 25.29 6.25 -5.63
CA VAL A 917 26.56 6.70 -5.01
C VAL A 917 27.83 6.26 -5.77
N ASP A 918 27.76 5.12 -6.42
CA ASP A 918 28.89 4.60 -7.17
C ASP A 918 28.60 4.73 -8.66
N ALA A 919 27.77 5.70 -8.99
CA ALA A 919 27.41 5.88 -10.39
C ALA A 919 28.57 6.47 -11.20
N PRO A 920 28.76 5.99 -12.42
CA PRO A 920 29.79 6.41 -13.36
C PRO A 920 29.73 7.89 -13.72
N ARG A 921 28.52 8.43 -13.79
CA ARG A 921 28.36 9.83 -14.13
C ARG A 921 27.58 10.59 -13.06
N ARG A 922 27.90 10.29 -11.81
CA ARG A 922 27.26 10.98 -10.73
C ARG A 922 27.88 12.36 -10.67
N HIS A 923 27.05 13.40 -10.69
CA HIS A 923 27.55 14.76 -10.60
C HIS A 923 26.89 15.34 -9.37
N LYS A 924 27.68 15.55 -8.33
CA LYS A 924 27.12 16.02 -7.06
C LYS A 924 27.71 17.28 -6.46
N VAL A 925 26.81 18.22 -6.13
CA VAL A 925 27.20 19.46 -5.49
C VAL A 925 26.34 19.65 -4.25
N SER A 926 26.97 20.11 -3.17
CA SER A 926 26.25 20.33 -1.92
C SER A 926 26.56 21.71 -1.37
N VAL A 927 25.58 22.29 -0.70
CA VAL A 927 25.77 23.58 -0.08
C VAL A 927 25.36 23.34 1.35
N HIS A 928 26.27 23.63 2.27
CA HIS A 928 26.01 23.44 3.67
C HIS A 928 25.94 24.80 4.30
N VAL A 929 24.81 25.10 4.91
CA VAL A 929 24.67 26.37 5.58
C VAL A 929 24.50 26.03 7.07
N LEU A 930 25.54 26.33 7.83
CA LEU A 930 25.58 26.05 9.26
C LEU A 930 24.76 27.02 10.08
N ALA A 931 24.34 26.56 11.26
CA ALA A 931 23.52 27.37 12.15
C ALA A 931 24.34 28.43 12.87
N ARG A 932 23.62 29.37 13.46
CA ARG A 932 24.21 30.46 14.20
C ARG A 932 25.23 29.98 15.23
N GLU A 933 24.82 29.03 16.06
CA GLU A 933 25.68 28.51 17.11
C GLU A 933 26.88 27.67 16.69
N MET A 934 26.76 26.86 15.63
CA MET A 934 27.89 26.05 15.18
C MET A 934 29.00 26.93 14.62
N ASP A 935 30.18 26.89 15.25
CA ASP A 935 31.32 27.68 14.79
C ASP A 935 31.81 27.15 13.44
N SER A 936 32.14 25.85 13.42
CA SER A 936 32.57 25.17 12.21
C SER A 936 31.93 23.80 12.19
N CYS A 937 32.29 22.98 11.20
CA CYS A 937 31.69 21.66 11.09
C CYS A 937 32.27 20.99 9.85
N PRO A 938 32.27 19.65 9.79
CA PRO A 938 32.76 18.78 8.70
C PRO A 938 31.81 18.34 7.56
N VAL A 939 32.17 17.23 6.91
CA VAL A 939 31.39 16.64 5.81
C VAL A 939 31.74 15.15 5.59
N LEU A 951 17.10 4.78 10.74
CA LEU A 951 17.72 3.49 10.87
C LEU A 951 18.55 3.11 9.62
N SER A 952 18.00 3.32 8.42
CA SER A 952 18.69 3.00 7.14
C SER A 952 20.22 3.07 7.09
N GLN A 953 20.80 2.36 6.13
CA GLN A 953 22.26 2.29 5.93
C GLN A 953 22.80 3.27 4.87
N ALA A 954 23.40 4.37 5.34
CA ALA A 954 23.95 5.40 4.45
C ALA A 954 25.22 4.93 3.73
N PRO A 955 25.18 4.87 2.39
CA PRO A 955 26.37 4.41 1.68
C PRO A 955 27.59 5.24 2.10
N ALA A 956 28.71 4.57 2.33
CA ALA A 956 29.94 5.26 2.72
C ALA A 956 30.30 6.33 1.68
N LEU A 957 30.37 7.59 2.14
CA LEU A 957 30.68 8.70 1.25
C LEU A 957 32.19 8.92 1.05
N PRO A 958 32.59 9.41 -0.14
CA PRO A 958 33.99 9.69 -0.48
C PRO A 958 34.54 10.90 0.27
N GLN A 959 35.44 11.62 -0.37
CA GLN A 959 36.02 12.81 0.23
C GLN A 959 35.61 13.96 -0.69
N PRO A 960 34.74 14.85 -0.19
CA PRO A 960 34.29 15.97 -1.01
C PRO A 960 35.39 16.99 -1.21
N GLU A 961 35.39 17.65 -2.37
CA GLU A 961 36.37 18.70 -2.63
C GLU A 961 35.74 20.02 -2.16
N VAL A 962 36.17 20.51 -1.01
CA VAL A 962 35.63 21.73 -0.46
C VAL A 962 35.94 23.00 -1.26
N ILE A 963 34.87 23.62 -1.78
CA ILE A 963 35.00 24.85 -2.55
C ILE A 963 35.34 26.03 -1.64
N GLN A 964 36.45 26.67 -1.97
CA GLN A 964 36.95 27.79 -1.19
C GLN A 964 36.56 29.10 -1.84
N ASN A 965 36.53 29.10 -3.16
CA ASN A 965 36.23 30.31 -3.90
C ASN A 965 35.37 30.01 -5.11
N MET A 966 34.26 30.71 -5.24
CA MET A 966 33.35 30.48 -6.36
C MET A 966 33.91 30.81 -7.72
N THR A 967 34.61 31.94 -7.84
CA THR A 967 35.17 32.34 -9.12
C THR A 967 36.11 31.26 -9.62
N GLU A 968 37.01 30.83 -8.74
CA GLU A 968 38.00 29.80 -9.07
C GLU A 968 37.31 28.51 -9.50
N PHE A 969 36.27 28.15 -8.74
CA PHE A 969 35.48 26.95 -8.98
C PHE A 969 34.94 26.91 -10.41
N LYS A 970 34.31 28.00 -10.84
CA LYS A 970 33.76 28.02 -12.17
C LYS A 970 34.86 28.02 -13.25
N ARG A 971 35.96 28.74 -12.99
CA ARG A 971 37.09 28.80 -13.94
C ARG A 971 37.66 27.42 -14.27
N GLY A 972 37.72 26.55 -13.27
CA GLY A 972 38.27 25.22 -13.48
C GLY A 972 37.33 24.14 -13.99
N LEU A 973 36.18 24.53 -14.54
CA LEU A 973 35.23 23.56 -15.05
C LEU A 973 34.66 24.02 -16.37
N PRO A 974 34.31 23.08 -17.25
CA PRO A 974 33.74 23.50 -18.54
C PRO A 974 32.32 24.01 -18.30
N LEU A 975 31.71 24.59 -19.33
CA LEU A 975 30.34 25.07 -19.20
C LEU A 975 29.54 24.30 -20.24
N PHE A 976 28.30 23.96 -19.92
CA PHE A 976 27.47 23.21 -20.86
C PHE A 976 27.12 24.09 -22.04
N PRO A 977 26.50 23.50 -23.06
CA PRO A 977 26.11 24.31 -24.23
C PRO A 977 24.71 24.78 -23.88
N LEU A 978 24.07 25.53 -24.76
CA LEU A 978 22.71 26.00 -24.52
C LEU A 978 21.79 25.03 -25.28
N VAL A 979 20.53 24.94 -24.89
CA VAL A 979 19.60 24.02 -25.58
C VAL A 979 19.23 24.58 -26.97
N LYS A 980 19.07 23.68 -27.94
CA LYS A 980 18.70 24.12 -29.28
C LYS A 980 17.22 24.42 -29.32
N PRO A 981 16.86 25.64 -29.75
CA PRO A 981 15.49 26.13 -29.87
C PRO A 981 14.64 25.27 -30.78
N HIS A 982 13.41 24.99 -30.36
CA HIS A 982 12.48 24.19 -31.16
C HIS A 982 11.98 25.14 -32.27
N ILE A 983 12.62 25.08 -33.45
CA ILE A 983 12.25 25.98 -34.57
C ILE A 983 10.75 25.98 -34.83
N ASN A 984 10.17 27.16 -34.65
CA ASN A 984 8.73 27.42 -34.84
C ASN A 984 8.53 28.17 -36.15
N PHE A 985 8.85 27.49 -37.25
CA PHE A 985 8.72 28.02 -38.62
C PHE A 985 7.44 28.85 -38.83
N MET A 986 7.61 30.18 -38.85
CA MET A 986 6.54 31.17 -39.05
C MET A 986 7.22 32.37 -39.73
N ALA A 987 6.57 33.54 -39.73
CA ALA A 987 7.18 34.72 -40.37
C ALA A 987 6.82 36.04 -39.67
N ALA A 988 7.23 36.21 -38.51
N PRO B 16 20.65 -15.98 -28.96
CA PRO B 16 20.53 -17.11 -29.93
C PRO B 16 19.07 -17.42 -30.24
N ALA B 17 18.58 -18.51 -29.64
CA ALA B 17 17.18 -18.95 -29.78
C ALA B 17 16.49 -18.59 -28.46
N ILE B 18 16.44 -17.29 -28.17
CA ILE B 18 15.86 -16.78 -26.95
C ILE B 18 14.95 -15.56 -27.15
N LYS B 19 13.94 -15.68 -28.01
CA LYS B 19 13.01 -14.59 -28.31
C LYS B 19 13.19 -13.36 -27.41
N ARG B 20 12.83 -13.46 -26.13
CA ARG B 20 12.96 -12.37 -25.16
C ARG B 20 13.75 -12.79 -23.91
N ILE B 21 13.95 -11.86 -22.97
CA ILE B 21 14.65 -12.17 -21.73
C ILE B 21 13.96 -11.48 -20.55
N GLY B 22 14.06 -12.12 -19.39
CA GLY B 22 13.41 -11.59 -18.20
C GLY B 22 14.07 -10.39 -17.60
N ASN B 23 13.34 -9.28 -17.57
CA ASN B 23 13.87 -8.06 -16.99
C ASN B 23 14.25 -8.33 -15.53
N HIS B 24 13.36 -7.91 -14.64
CA HIS B 24 13.55 -8.12 -13.22
C HIS B 24 12.25 -8.76 -12.79
N ILE B 25 12.35 -9.97 -12.26
CA ILE B 25 11.18 -10.68 -11.79
C ILE B 25 10.97 -10.16 -10.39
N THR B 26 10.01 -9.26 -10.24
CA THR B 26 9.69 -8.67 -8.95
C THR B 26 9.65 -9.81 -7.94
N LYS B 27 10.42 -9.69 -6.86
CA LYS B 27 10.41 -10.74 -5.86
C LYS B 27 10.38 -10.13 -4.46
N SER B 28 10.10 -10.94 -3.45
CA SER B 28 10.04 -10.38 -2.12
C SER B 28 11.39 -9.92 -1.67
N PRO B 29 11.43 -8.80 -0.94
CA PRO B 29 12.69 -8.25 -0.45
C PRO B 29 13.43 -9.26 0.42
N GLU B 30 12.67 -10.12 1.11
CA GLU B 30 13.29 -11.11 1.99
C GLU B 30 13.88 -12.29 1.21
N ASP B 31 13.46 -12.46 -0.04
CA ASP B 31 13.92 -13.59 -0.83
C ASP B 31 15.34 -13.49 -1.37
N LYS B 32 16.21 -14.36 -0.88
CA LYS B 32 17.59 -14.33 -1.30
C LYS B 32 17.89 -15.05 -2.63
N ARG B 33 16.93 -15.79 -3.16
CA ARG B 33 17.13 -16.50 -4.42
C ARG B 33 17.15 -15.54 -5.60
N GLU B 34 17.79 -15.96 -6.70
CA GLU B 34 17.89 -15.14 -7.89
C GLU B 34 16.95 -15.69 -8.96
N TYR B 35 16.35 -14.80 -9.73
CA TYR B 35 15.41 -15.22 -10.77
C TYR B 35 15.72 -14.63 -12.16
N ARG B 36 15.22 -15.30 -13.19
CA ARG B 36 15.36 -14.79 -14.54
C ARG B 36 14.37 -15.46 -15.46
N GLY B 37 13.44 -14.66 -15.95
CA GLY B 37 12.43 -15.16 -16.87
C GLY B 37 13.03 -15.09 -18.25
N LEU B 38 12.34 -15.68 -19.22
CA LEU B 38 12.83 -15.69 -20.61
C LEU B 38 11.96 -16.60 -21.46
N GLU B 39 11.69 -16.15 -22.67
CA GLU B 39 10.88 -16.91 -23.60
C GLU B 39 11.81 -17.44 -24.69
N LEU B 40 11.78 -18.74 -24.90
CA LEU B 40 12.63 -19.33 -25.91
C LEU B 40 12.08 -19.08 -27.30
N ALA B 41 12.89 -19.43 -28.28
CA ALA B 41 12.55 -19.27 -29.69
C ALA B 41 11.24 -20.00 -29.99
N ASN B 42 11.12 -21.24 -29.49
CA ASN B 42 9.94 -22.05 -29.71
C ASN B 42 8.67 -21.58 -28.98
N GLY B 43 8.77 -20.52 -28.18
CA GLY B 43 7.60 -20.01 -27.49
C GLY B 43 7.50 -20.39 -26.03
N ILE B 44 8.29 -21.38 -25.63
CA ILE B 44 8.29 -21.84 -24.25
C ILE B 44 8.71 -20.76 -23.26
N LYS B 45 7.84 -20.45 -22.30
CA LYS B 45 8.13 -19.45 -21.28
C LYS B 45 8.88 -20.12 -20.13
N VAL B 46 10.00 -19.54 -19.73
CA VAL B 46 10.81 -20.12 -18.66
C VAL B 46 11.08 -19.17 -17.49
N LEU B 47 11.19 -19.73 -16.29
CA LEU B 47 11.51 -18.96 -15.08
C LEU B 47 12.62 -19.81 -14.50
N LEU B 48 13.77 -19.19 -14.30
CA LEU B 48 14.93 -19.86 -13.78
C LEU B 48 15.17 -19.39 -12.37
N ILE B 49 15.35 -20.33 -11.46
CA ILE B 49 15.60 -19.98 -10.06
C ILE B 49 16.98 -20.48 -9.68
N SER B 50 17.82 -19.56 -9.23
CA SER B 50 19.16 -19.95 -8.80
C SER B 50 19.23 -19.84 -7.28
N ASP B 51 19.45 -20.98 -6.63
CA ASP B 51 19.51 -21.03 -5.19
C ASP B 51 20.72 -21.84 -4.75
N PRO B 52 21.89 -21.21 -4.72
CA PRO B 52 23.18 -21.79 -4.34
C PRO B 52 23.17 -22.70 -3.10
N THR B 53 22.13 -22.61 -2.27
CA THR B 53 22.08 -23.44 -1.06
C THR B 53 21.28 -24.74 -1.14
N THR B 54 20.23 -24.74 -1.94
CA THR B 54 19.37 -25.91 -2.06
C THR B 54 20.03 -27.29 -2.10
N ASP B 55 19.61 -28.17 -1.20
CA ASP B 55 20.13 -29.54 -1.17
C ASP B 55 19.57 -30.27 -2.40
N LYS B 56 18.42 -29.80 -2.88
CA LYS B 56 17.79 -30.43 -4.04
C LYS B 56 17.43 -29.46 -5.15
N SER B 57 17.87 -29.78 -6.35
CA SER B 57 17.54 -28.97 -7.52
C SER B 57 16.18 -29.53 -7.91
N SER B 58 15.52 -28.94 -8.89
CA SER B 58 14.19 -29.41 -9.26
C SER B 58 13.66 -28.69 -10.47
N ALA B 59 12.93 -29.39 -11.32
CA ALA B 59 12.38 -28.73 -12.48
C ALA B 59 10.99 -29.27 -12.76
N ALA B 60 10.21 -28.51 -13.51
CA ALA B 60 8.86 -28.91 -13.85
C ALA B 60 8.49 -28.24 -15.15
N LEU B 61 7.60 -28.89 -15.89
CA LEU B 61 7.11 -28.38 -17.17
C LEU B 61 5.60 -28.55 -17.20
N ASP B 62 4.91 -27.49 -17.57
CA ASP B 62 3.47 -27.48 -17.63
C ASP B 62 3.00 -27.30 -19.06
N VAL B 63 2.06 -28.14 -19.48
CA VAL B 63 1.48 -28.12 -20.84
C VAL B 63 0.03 -27.66 -20.77
N HIS B 64 -0.27 -26.49 -21.32
CA HIS B 64 -1.63 -25.97 -21.25
C HIS B 64 -2.71 -26.72 -22.06
N ILE B 65 -2.77 -28.02 -21.85
CA ILE B 65 -3.76 -28.89 -22.47
C ILE B 65 -4.15 -29.91 -21.40
N GLY B 66 -5.44 -30.15 -21.24
CA GLY B 66 -5.87 -31.08 -20.21
C GLY B 66 -6.88 -32.11 -20.65
N SER B 67 -7.63 -32.62 -19.70
CA SER B 67 -8.64 -33.63 -20.00
C SER B 67 -9.79 -32.96 -20.73
N LEU B 68 -9.98 -31.68 -20.42
CA LEU B 68 -11.04 -30.91 -21.02
C LEU B 68 -10.92 -30.92 -22.55
N SER B 69 -9.75 -31.36 -23.04
CA SER B 69 -9.43 -31.43 -24.46
C SER B 69 -9.40 -32.88 -24.96
N ASP B 70 -9.96 -33.80 -24.21
CA ASP B 70 -9.96 -35.19 -24.62
C ASP B 70 -10.97 -35.44 -25.74
N PRO B 71 -10.65 -36.35 -26.68
CA PRO B 71 -11.59 -36.63 -27.77
C PRO B 71 -12.82 -37.34 -27.20
N PRO B 72 -14.04 -36.90 -27.59
CA PRO B 72 -15.34 -37.44 -27.15
C PRO B 72 -15.47 -38.95 -27.03
N ASN B 73 -14.88 -39.70 -27.95
CA ASN B 73 -15.00 -41.14 -27.90
C ASN B 73 -13.92 -41.83 -27.05
N ILE B 74 -12.95 -41.06 -26.56
CA ILE B 74 -11.92 -41.67 -25.73
C ILE B 74 -11.63 -40.85 -24.47
N ALA B 75 -12.52 -40.97 -23.49
CA ALA B 75 -12.37 -40.24 -22.23
C ALA B 75 -11.10 -40.66 -21.51
N GLY B 76 -10.26 -39.70 -21.13
CA GLY B 76 -9.04 -40.02 -20.41
C GLY B 76 -7.76 -39.98 -21.22
N LEU B 77 -7.86 -39.70 -22.52
CA LEU B 77 -6.68 -39.63 -23.35
C LEU B 77 -5.58 -38.77 -22.72
N SER B 78 -5.95 -37.59 -22.25
CA SER B 78 -5.01 -36.68 -21.60
C SER B 78 -4.35 -37.32 -20.37
N HIS B 79 -5.16 -37.87 -19.47
CA HIS B 79 -4.62 -38.50 -18.26
C HIS B 79 -3.80 -39.74 -18.60
N PHE B 80 -4.20 -40.44 -19.66
CA PHE B 80 -3.48 -41.64 -20.06
C PHE B 80 -2.09 -41.22 -20.57
N CYS B 81 -2.04 -40.14 -21.35
CA CYS B 81 -0.79 -39.62 -21.88
C CYS B 81 0.22 -39.35 -20.76
N GLN B 82 -0.23 -38.66 -19.72
CA GLN B 82 0.61 -38.36 -18.58
C GLN B 82 1.26 -39.63 -18.01
N HIS B 83 0.46 -40.68 -17.85
CA HIS B 83 0.96 -41.95 -17.33
C HIS B 83 2.00 -42.56 -18.25
N MET B 84 1.66 -42.61 -19.53
CA MET B 84 2.55 -43.19 -20.50
C MET B 84 3.91 -42.52 -20.61
N LEU B 85 3.94 -41.19 -20.58
CA LEU B 85 5.22 -40.48 -20.69
C LEU B 85 6.30 -40.99 -19.72
N PHE B 86 5.89 -41.32 -18.50
CA PHE B 86 6.81 -41.83 -17.46
C PHE B 86 7.45 -43.18 -17.77
N LEU B 87 6.90 -43.91 -18.74
CA LEU B 87 7.38 -45.25 -19.06
C LEU B 87 8.50 -45.47 -20.09
N GLY B 88 9.23 -44.43 -20.48
CA GLY B 88 10.31 -44.68 -21.43
C GLY B 88 10.30 -43.88 -22.71
N THR B 89 11.49 -43.45 -23.12
CA THR B 89 11.64 -42.65 -24.32
C THR B 89 12.70 -43.29 -25.20
N LYS B 90 13.02 -42.63 -26.31
CA LYS B 90 14.03 -43.16 -27.24
C LYS B 90 15.42 -43.12 -26.61
N LYS B 91 15.82 -41.96 -26.11
CA LYS B 91 17.13 -41.85 -25.50
C LYS B 91 17.28 -42.77 -24.27
N TYR B 92 16.20 -42.98 -23.53
CA TYR B 92 16.26 -43.84 -22.35
C TYR B 92 15.10 -44.81 -22.38
N PRO B 93 15.28 -45.91 -23.12
CA PRO B 93 14.29 -46.98 -23.30
C PRO B 93 13.83 -47.68 -22.01
N LYS B 94 14.74 -47.86 -21.07
CA LYS B 94 14.43 -48.52 -19.80
C LYS B 94 13.14 -47.92 -19.24
N GLU B 95 12.05 -48.68 -19.30
CA GLU B 95 10.75 -48.17 -18.84
C GLU B 95 10.75 -47.54 -17.45
N ASN B 96 11.84 -47.68 -16.71
CA ASN B 96 11.90 -47.08 -15.37
C ASN B 96 13.22 -46.37 -15.15
N GLU B 97 13.91 -46.07 -16.25
CA GLU B 97 15.19 -45.37 -16.23
C GLU B 97 15.03 -44.11 -15.39
N TYR B 98 13.99 -43.34 -15.69
CA TYR B 98 13.68 -42.09 -15.00
C TYR B 98 13.40 -42.39 -13.53
N SER B 99 12.32 -43.12 -13.26
CA SER B 99 11.93 -43.49 -11.91
C SER B 99 13.03 -44.17 -11.10
N GLN B 100 14.10 -44.58 -11.77
CA GLN B 100 15.22 -45.23 -11.10
C GLN B 100 16.41 -44.28 -10.87
N PHE B 101 16.68 -43.43 -11.86
CA PHE B 101 17.76 -42.48 -11.75
C PHE B 101 17.56 -41.51 -10.59
N LEU B 102 16.31 -41.14 -10.35
CA LEU B 102 15.99 -40.23 -9.27
C LEU B 102 16.04 -40.99 -7.95
N SER B 103 15.55 -42.23 -7.98
CA SER B 103 15.52 -43.08 -6.79
C SER B 103 16.92 -43.29 -6.26
N GLU B 104 17.87 -43.45 -7.19
CA GLU B 104 19.26 -43.66 -6.81
C GLU B 104 19.99 -42.36 -6.52
N HIS B 105 19.33 -41.21 -6.69
CA HIS B 105 19.98 -39.93 -6.44
C HIS B 105 19.19 -39.01 -5.52
N ALA B 106 18.44 -39.63 -4.60
CA ALA B 106 17.66 -38.91 -3.61
C ALA B 106 16.64 -37.94 -4.20
N GLY B 107 16.02 -38.32 -5.32
CA GLY B 107 15.04 -37.46 -5.94
C GLY B 107 13.70 -38.14 -6.01
N SER B 108 12.67 -37.37 -6.31
CA SER B 108 11.30 -37.87 -6.43
C SER B 108 10.65 -37.19 -7.61
N SER B 109 9.59 -37.80 -8.15
CA SER B 109 8.87 -37.26 -9.31
C SER B 109 7.38 -37.54 -9.21
N ASN B 110 6.59 -36.82 -10.02
CA ASN B 110 5.15 -37.00 -10.06
C ASN B 110 4.52 -36.17 -11.15
N ALA B 111 3.19 -36.22 -11.23
CA ALA B 111 2.49 -35.48 -12.26
C ALA B 111 0.99 -35.54 -12.07
N PHE B 112 0.30 -34.58 -12.67
CA PHE B 112 -1.14 -34.53 -12.61
C PHE B 112 -1.70 -33.94 -13.89
N THR B 113 -2.97 -34.24 -14.13
CA THR B 113 -3.71 -33.78 -15.30
C THR B 113 -4.97 -33.10 -14.82
N SER B 114 -5.20 -31.88 -15.27
CA SER B 114 -6.42 -31.20 -14.87
C SER B 114 -7.22 -30.91 -16.14
N GLY B 115 -8.16 -29.97 -16.07
CA GLY B 115 -8.98 -29.65 -17.21
C GLY B 115 -8.19 -29.02 -18.33
N GLU B 116 -7.36 -28.04 -17.97
CA GLU B 116 -6.56 -27.30 -18.94
C GLU B 116 -5.05 -27.45 -18.80
N HIS B 117 -4.57 -28.42 -18.01
CA HIS B 117 -3.13 -28.55 -17.86
C HIS B 117 -2.61 -29.95 -17.60
N THR B 118 -1.32 -30.14 -17.87
CA THR B 118 -0.64 -31.39 -17.62
C THR B 118 0.71 -30.93 -17.07
N ASN B 119 0.91 -31.17 -15.78
CA ASN B 119 2.08 -30.73 -15.06
C ASN B 119 3.00 -31.86 -14.63
N TYR B 120 4.23 -31.88 -15.15
CA TYR B 120 5.19 -32.92 -14.77
C TYR B 120 6.25 -32.24 -13.92
N TYR B 121 6.75 -32.92 -12.89
CA TYR B 121 7.76 -32.30 -12.05
C TYR B 121 8.61 -33.28 -11.25
N PHE B 122 9.76 -32.82 -10.73
CA PHE B 122 10.64 -33.69 -9.96
C PHE B 122 11.69 -32.89 -9.18
N ASP B 123 12.48 -33.61 -8.39
CA ASP B 123 13.60 -33.02 -7.68
C ASP B 123 14.71 -34.08 -7.53
N VAL B 124 15.91 -33.67 -7.13
CA VAL B 124 17.02 -34.59 -6.98
C VAL B 124 18.23 -33.85 -6.44
N SER B 125 19.14 -34.60 -5.79
CA SER B 125 20.38 -34.02 -5.24
C SER B 125 20.90 -32.98 -6.23
N HIS B 126 21.05 -31.74 -5.76
CA HIS B 126 21.48 -30.65 -6.61
C HIS B 126 22.59 -30.97 -7.59
N GLU B 127 23.46 -31.91 -7.22
CA GLU B 127 24.56 -32.31 -8.09
C GLU B 127 24.09 -32.78 -9.46
N HIS B 128 23.27 -33.83 -9.42
CA HIS B 128 22.74 -34.48 -10.61
C HIS B 128 21.55 -33.83 -11.34
N LEU B 129 21.40 -32.50 -11.24
CA LEU B 129 20.29 -31.82 -11.91
C LEU B 129 20.20 -32.12 -13.40
N GLU B 130 21.32 -31.98 -14.11
CA GLU B 130 21.34 -32.23 -15.56
C GLU B 130 20.97 -33.67 -15.90
N GLY B 131 21.56 -34.61 -15.19
CA GLY B 131 21.25 -36.00 -15.45
C GLY B 131 19.76 -36.22 -15.38
N ALA B 132 19.11 -35.57 -14.42
CA ALA B 132 17.68 -35.70 -14.27
C ALA B 132 16.96 -34.89 -15.32
N LEU B 133 17.33 -33.61 -15.43
CA LEU B 133 16.66 -32.75 -16.38
C LEU B 133 16.69 -33.28 -17.80
N ASP B 134 17.82 -33.81 -18.24
CA ASP B 134 17.93 -34.33 -19.59
C ASP B 134 16.96 -35.50 -19.78
N ARG B 135 16.99 -36.45 -18.85
CA ARG B 135 16.09 -37.61 -18.90
C ARG B 135 14.64 -37.14 -18.99
N PHE B 136 14.34 -36.08 -18.25
CA PHE B 136 13.00 -35.48 -18.19
C PHE B 136 12.66 -34.76 -19.49
N ALA B 137 13.63 -34.05 -20.03
CA ALA B 137 13.43 -33.33 -21.27
C ALA B 137 13.14 -34.32 -22.40
N GLN B 138 13.41 -35.60 -22.18
CA GLN B 138 13.16 -36.62 -23.21
C GLN B 138 11.68 -36.92 -23.40
N PHE B 139 10.85 -36.68 -22.38
CA PHE B 139 9.40 -36.83 -22.61
C PHE B 139 9.38 -35.58 -23.50
N PHE B 140 8.25 -35.17 -24.04
CA PHE B 140 8.28 -33.95 -24.85
C PHE B 140 9.26 -33.99 -26.02
N LEU B 141 9.79 -35.16 -26.36
CA LEU B 141 10.74 -35.24 -27.49
C LEU B 141 10.72 -36.57 -28.24
N CYS B 142 10.71 -37.67 -27.50
CA CYS B 142 10.70 -38.97 -28.11
C CYS B 142 10.07 -40.00 -27.15
N PRO B 143 8.79 -39.78 -26.81
CA PRO B 143 8.12 -40.71 -25.90
C PRO B 143 8.04 -42.07 -26.61
N LEU B 144 8.08 -43.17 -25.86
CA LEU B 144 7.99 -44.46 -26.54
C LEU B 144 6.57 -44.99 -26.67
N PHE B 145 5.80 -44.95 -25.59
CA PHE B 145 4.45 -45.47 -25.64
C PHE B 145 4.46 -46.97 -26.00
N ASP B 146 5.36 -47.73 -25.37
CA ASP B 146 5.45 -49.17 -25.64
C ASP B 146 4.12 -49.90 -25.55
N GLU B 147 3.77 -50.61 -26.60
CA GLU B 147 2.52 -51.38 -26.68
C GLU B 147 2.25 -52.17 -25.39
N SER B 148 3.28 -52.86 -24.90
CA SER B 148 3.12 -53.66 -23.68
C SER B 148 2.84 -52.78 -22.46
N CYS B 149 3.46 -51.60 -22.43
CA CYS B 149 3.25 -50.67 -21.34
C CYS B 149 1.85 -50.12 -21.39
N LYS B 150 1.32 -49.94 -22.61
CA LYS B 150 -0.02 -49.40 -22.79
C LYS B 150 -1.06 -50.27 -22.14
N ASP B 151 -0.98 -51.57 -22.41
CA ASP B 151 -1.94 -52.51 -21.84
C ASP B 151 -1.76 -52.79 -20.35
N ARG B 152 -0.68 -52.28 -19.77
CA ARG B 152 -0.45 -52.49 -18.35
C ARG B 152 -0.86 -51.26 -17.59
N GLU B 153 -0.20 -50.14 -17.86
CA GLU B 153 -0.50 -48.89 -17.18
C GLU B 153 -1.99 -48.48 -17.30
N VAL B 154 -2.71 -49.04 -18.26
CA VAL B 154 -4.12 -48.71 -18.40
C VAL B 154 -4.83 -49.17 -17.13
N ASN B 155 -4.29 -50.21 -16.49
CA ASN B 155 -4.88 -50.73 -15.27
C ASN B 155 -4.67 -49.78 -14.11
N ALA B 156 -3.54 -49.09 -14.13
CA ALA B 156 -3.20 -48.13 -13.09
C ALA B 156 -4.26 -47.04 -13.14
N VAL B 157 -4.62 -46.64 -14.36
CA VAL B 157 -5.64 -45.62 -14.53
C VAL B 157 -6.93 -46.17 -13.92
N ASP B 158 -7.40 -47.29 -14.47
CA ASP B 158 -8.64 -47.90 -14.00
C ASP B 158 -8.72 -48.04 -12.48
N SER B 159 -7.61 -48.50 -11.91
CA SER B 159 -7.52 -48.69 -10.47
C SER B 159 -7.67 -47.35 -9.75
N GLU B 160 -7.18 -46.29 -10.36
CA GLU B 160 -7.27 -44.96 -9.79
C GLU B 160 -8.74 -44.50 -9.79
N HIS B 161 -9.43 -44.72 -10.90
CA HIS B 161 -10.82 -44.34 -10.96
C HIS B 161 -11.60 -45.12 -9.91
N GLU B 162 -11.43 -46.43 -9.93
CA GLU B 162 -12.10 -47.32 -8.99
C GLU B 162 -12.04 -46.81 -7.55
N LYS B 163 -10.84 -46.44 -7.10
CA LYS B 163 -10.70 -45.96 -5.73
C LYS B 163 -11.43 -44.64 -5.53
N ASN B 164 -11.94 -44.05 -6.62
CA ASN B 164 -12.67 -42.79 -6.49
C ASN B 164 -14.14 -42.94 -6.70
N VAL B 165 -14.57 -44.09 -7.18
CA VAL B 165 -15.99 -44.35 -7.41
C VAL B 165 -16.82 -44.16 -6.13
N MET B 166 -16.30 -44.64 -5.01
CA MET B 166 -16.99 -44.53 -3.73
C MET B 166 -16.67 -43.26 -2.92
N ASN B 167 -15.96 -42.32 -3.53
CA ASN B 167 -15.64 -41.08 -2.85
C ASN B 167 -16.74 -40.08 -3.10
N ASP B 168 -17.31 -39.55 -2.03
CA ASP B 168 -18.40 -38.57 -2.18
C ASP B 168 -18.03 -37.26 -2.89
N ALA B 169 -16.79 -36.81 -2.78
CA ALA B 169 -16.35 -35.58 -3.42
C ALA B 169 -16.27 -35.71 -4.96
N TRP B 170 -15.71 -36.82 -5.45
CA TRP B 170 -15.61 -37.05 -6.90
C TRP B 170 -17.01 -37.27 -7.51
N ARG B 171 -17.80 -38.13 -6.88
CA ARG B 171 -19.14 -38.42 -7.35
C ARG B 171 -19.90 -37.10 -7.59
N LEU B 172 -19.83 -36.24 -6.59
CA LEU B 172 -20.47 -34.93 -6.59
C LEU B 172 -19.87 -34.04 -7.67
N PHE B 173 -18.55 -34.09 -7.76
CA PHE B 173 -17.78 -33.34 -8.75
C PHE B 173 -18.29 -33.62 -10.14
N GLN B 174 -18.28 -34.90 -10.51
CA GLN B 174 -18.73 -35.37 -11.82
C GLN B 174 -20.21 -35.21 -12.03
N LEU B 175 -20.95 -35.03 -10.93
CA LEU B 175 -22.38 -34.85 -11.05
C LEU B 175 -22.63 -33.46 -11.61
N GLU B 176 -21.86 -32.48 -11.13
CA GLU B 176 -22.05 -31.13 -11.61
C GLU B 176 -21.79 -31.11 -13.13
N LYS B 177 -20.74 -31.80 -13.57
CA LYS B 177 -20.42 -31.86 -14.98
C LYS B 177 -21.59 -32.50 -15.73
N ALA B 178 -22.28 -33.40 -15.07
CA ALA B 178 -23.39 -34.08 -15.71
C ALA B 178 -24.73 -33.33 -15.66
N THR B 179 -24.84 -32.27 -14.89
CA THR B 179 -26.11 -31.56 -14.83
C THR B 179 -26.15 -30.24 -15.57
N GLY B 180 -25.15 -30.04 -16.42
CA GLY B 180 -25.08 -28.83 -17.21
C GLY B 180 -25.05 -29.24 -18.68
N ASN B 181 -24.99 -28.27 -19.57
CA ASN B 181 -24.95 -28.52 -21.01
C ASN B 181 -24.19 -29.81 -21.37
N PRO B 182 -24.90 -30.81 -21.93
CA PRO B 182 -24.25 -32.06 -22.31
C PRO B 182 -23.22 -31.89 -23.41
N LYS B 183 -23.52 -31.00 -24.35
CA LYS B 183 -22.65 -30.76 -25.49
C LYS B 183 -21.34 -30.06 -25.12
N HIS B 184 -21.31 -29.39 -23.97
CA HIS B 184 -20.14 -28.68 -23.49
C HIS B 184 -19.02 -29.60 -22.99
N PRO B 185 -17.79 -29.39 -23.47
CA PRO B 185 -16.71 -30.27 -23.02
C PRO B 185 -16.55 -30.37 -21.50
N PHE B 186 -17.30 -29.55 -20.78
CA PHE B 186 -17.25 -29.57 -19.31
C PHE B 186 -17.83 -30.88 -18.80
N SER B 187 -18.74 -31.46 -19.57
CA SER B 187 -19.40 -32.71 -19.19
C SER B 187 -18.50 -33.93 -19.20
N LYS B 188 -17.41 -33.86 -19.95
CA LYS B 188 -16.47 -34.97 -20.09
C LYS B 188 -16.02 -35.59 -18.79
N PHE B 189 -15.79 -36.91 -18.83
CA PHE B 189 -15.29 -37.67 -17.70
C PHE B 189 -13.77 -37.70 -17.88
N GLY B 190 -13.05 -36.98 -17.03
CA GLY B 190 -11.60 -36.88 -17.15
C GLY B 190 -10.66 -38.02 -16.79
N THR B 191 -10.89 -38.67 -15.65
CA THR B 191 -10.00 -39.74 -15.22
C THR B 191 -9.77 -40.86 -16.21
N GLY B 192 -10.86 -41.38 -16.77
CA GLY B 192 -10.76 -42.51 -17.68
C GLY B 192 -10.64 -43.80 -16.86
N ASN B 193 -10.82 -44.93 -17.53
CA ASN B 193 -10.74 -46.25 -16.91
C ASN B 193 -10.72 -47.30 -18.02
N LYS B 194 -10.48 -48.56 -17.66
CA LYS B 194 -10.38 -49.65 -18.63
C LYS B 194 -11.45 -49.71 -19.73
N TYR B 195 -12.62 -49.14 -19.49
CA TYR B 195 -13.68 -49.17 -20.47
C TYR B 195 -13.42 -48.09 -21.51
N THR B 196 -13.23 -46.87 -21.03
CA THR B 196 -13.02 -45.73 -21.90
C THR B 196 -11.68 -45.76 -22.59
N LEU B 197 -10.71 -46.44 -21.96
CA LEU B 197 -9.36 -46.51 -22.48
C LEU B 197 -8.95 -47.81 -23.15
N GLU B 198 -9.80 -48.83 -23.08
CA GLU B 198 -9.45 -50.11 -23.70
C GLU B 198 -10.63 -50.83 -24.32
N THR B 199 -11.55 -51.28 -23.49
CA THR B 199 -12.68 -52.02 -23.99
C THR B 199 -13.53 -51.29 -25.00
N ARG B 200 -14.08 -50.13 -24.64
CA ARG B 200 -14.92 -49.43 -25.61
C ARG B 200 -14.23 -49.18 -26.95
N PRO B 201 -12.95 -48.78 -26.94
CA PRO B 201 -12.18 -48.50 -28.18
C PRO B 201 -11.92 -49.75 -29.04
N ASN B 202 -11.58 -50.87 -28.42
CA ASN B 202 -11.32 -52.09 -29.17
C ASN B 202 -12.58 -52.55 -29.86
N GLN B 203 -13.71 -52.24 -29.22
CA GLN B 203 -15.01 -52.58 -29.74
C GLN B 203 -15.33 -51.64 -30.90
N GLU B 204 -15.09 -50.35 -30.68
CA GLU B 204 -15.35 -49.33 -31.70
C GLU B 204 -14.33 -49.41 -32.82
N GLY B 205 -13.28 -50.21 -32.59
CA GLY B 205 -12.23 -50.39 -33.58
C GLY B 205 -11.24 -49.23 -33.58
N ILE B 206 -10.87 -48.78 -32.39
CA ILE B 206 -9.94 -47.67 -32.26
C ILE B 206 -8.63 -48.11 -31.62
N ASP B 207 -7.53 -47.75 -32.26
CA ASP B 207 -6.21 -48.08 -31.75
C ASP B 207 -5.77 -47.02 -30.77
N VAL B 208 -5.74 -47.37 -29.48
CA VAL B 208 -5.35 -46.39 -28.49
C VAL B 208 -3.89 -45.91 -28.60
N ARG B 209 -2.94 -46.83 -28.73
CA ARG B 209 -1.54 -46.42 -28.84
C ARG B 209 -1.41 -45.30 -29.87
N GLN B 210 -2.10 -45.46 -30.99
CA GLN B 210 -2.06 -44.50 -32.07
C GLN B 210 -2.74 -43.20 -31.67
N GLU B 211 -3.93 -43.31 -31.10
CA GLU B 211 -4.66 -42.12 -30.66
C GLU B 211 -3.87 -41.38 -29.59
N LEU B 212 -3.15 -42.13 -28.76
CA LEU B 212 -2.33 -41.54 -27.70
C LEU B 212 -1.30 -40.68 -28.39
N LEU B 213 -0.67 -41.25 -29.42
CA LEU B 213 0.34 -40.53 -30.19
C LEU B 213 -0.26 -39.36 -30.98
N LYS B 214 -1.37 -39.59 -31.69
CA LYS B 214 -1.97 -38.51 -32.46
C LYS B 214 -2.19 -37.32 -31.52
N PHE B 215 -2.61 -37.62 -30.29
CA PHE B 215 -2.89 -36.61 -29.28
C PHE B 215 -1.62 -35.87 -28.86
N HIS B 216 -0.66 -36.60 -28.32
CA HIS B 216 0.61 -36.05 -27.83
C HIS B 216 1.29 -35.09 -28.81
N SER B 217 1.33 -35.50 -30.07
CA SER B 217 1.98 -34.70 -31.08
C SER B 217 1.11 -33.53 -31.53
N ALA B 218 -0.20 -33.64 -31.33
CA ALA B 218 -1.09 -32.57 -31.76
C ALA B 218 -1.26 -31.47 -30.71
N TYR B 219 -0.93 -31.78 -29.46
CA TYR B 219 -1.10 -30.80 -28.39
C TYR B 219 0.15 -30.50 -27.61
N TYR B 220 1.02 -31.48 -27.46
CA TYR B 220 2.24 -31.20 -26.72
C TYR B 220 3.22 -30.36 -27.56
N SER B 221 2.90 -29.08 -27.70
CA SER B 221 3.70 -28.14 -28.46
C SER B 221 4.34 -27.07 -27.58
N SER B 222 5.54 -26.65 -27.97
CA SER B 222 6.30 -25.65 -27.22
C SER B 222 5.62 -24.29 -27.05
N ASN B 223 4.66 -23.94 -27.91
CA ASN B 223 3.98 -22.65 -27.76
C ASN B 223 2.90 -22.72 -26.69
N LEU B 224 2.74 -23.91 -26.10
CA LEU B 224 1.75 -24.11 -25.04
C LEU B 224 2.47 -24.67 -23.83
N MET B 225 3.78 -24.49 -23.78
CA MET B 225 4.55 -25.00 -22.67
C MET B 225 5.24 -23.92 -21.85
N ALA B 226 5.37 -24.17 -20.55
CA ALA B 226 6.05 -23.27 -19.63
C ALA B 226 6.95 -24.15 -18.80
N VAL B 227 8.11 -23.64 -18.45
CA VAL B 227 9.06 -24.42 -17.68
C VAL B 227 9.66 -23.58 -16.58
N CYS B 228 10.03 -24.26 -15.50
CA CYS B 228 10.66 -23.59 -14.38
C CYS B 228 11.68 -24.54 -13.76
N VAL B 229 12.93 -24.09 -13.76
CA VAL B 229 14.01 -24.87 -13.20
C VAL B 229 14.68 -24.09 -12.09
N LEU B 230 15.11 -24.83 -11.08
CA LEU B 230 15.78 -24.24 -9.94
C LEU B 230 17.01 -25.08 -9.61
N GLY B 231 18.05 -24.43 -9.12
CA GLY B 231 19.25 -25.15 -8.77
C GLY B 231 20.30 -24.17 -8.29
N ARG B 232 21.48 -24.69 -7.98
CA ARG B 232 22.58 -23.85 -7.50
C ARG B 232 23.26 -23.10 -8.66
N GLU B 233 23.35 -23.75 -9.81
CA GLU B 233 23.97 -23.17 -10.99
C GLU B 233 23.53 -21.72 -11.16
N SER B 234 24.42 -20.87 -11.69
CA SER B 234 24.07 -19.46 -11.90
C SER B 234 22.99 -19.39 -12.96
N LEU B 235 22.16 -18.35 -12.92
CA LEU B 235 21.11 -18.20 -13.90
C LEU B 235 21.69 -18.38 -15.29
N ASP B 236 22.82 -17.71 -15.57
CA ASP B 236 23.45 -17.83 -16.88
C ASP B 236 23.62 -19.31 -17.20
N ASP B 237 24.34 -20.05 -16.37
CA ASP B 237 24.52 -21.48 -16.61
C ASP B 237 23.19 -22.18 -16.87
N LEU B 238 22.23 -21.99 -15.95
CA LEU B 238 20.90 -22.60 -16.07
C LEU B 238 20.23 -22.22 -17.37
N THR B 239 20.48 -20.99 -17.83
CA THR B 239 19.88 -20.54 -19.07
C THR B 239 20.40 -21.41 -20.21
N ASN B 240 21.63 -21.86 -20.08
CA ASN B 240 22.21 -22.71 -21.11
C ASN B 240 21.64 -24.11 -20.99
N LEU B 241 21.65 -24.64 -19.77
CA LEU B 241 21.12 -25.98 -19.53
C LEU B 241 19.72 -26.13 -20.14
N VAL B 242 18.89 -25.10 -19.94
CA VAL B 242 17.53 -25.09 -20.47
C VAL B 242 17.56 -25.23 -21.98
N VAL B 243 18.09 -24.21 -22.67
CA VAL B 243 18.16 -24.20 -24.12
C VAL B 243 18.79 -25.46 -24.71
N LYS B 244 19.80 -25.97 -24.02
CA LYS B 244 20.49 -27.18 -24.44
C LYS B 244 19.54 -28.39 -24.39
N LEU B 245 18.43 -28.24 -23.67
CA LEU B 245 17.50 -29.34 -23.53
C LEU B 245 16.08 -29.05 -23.98
N PHE B 246 15.72 -27.78 -24.18
CA PHE B 246 14.34 -27.48 -24.55
C PHE B 246 14.05 -26.70 -25.83
N SER B 247 15.01 -25.97 -26.38
CA SER B 247 14.70 -25.23 -27.60
C SER B 247 14.43 -26.22 -28.72
N GLU B 248 14.85 -27.46 -28.50
CA GLU B 248 14.66 -28.53 -29.46
C GLU B 248 13.21 -29.07 -29.50
N VAL B 249 12.32 -28.48 -28.70
CA VAL B 249 10.92 -28.90 -28.69
C VAL B 249 10.16 -28.25 -29.85
N GLU B 250 9.47 -29.08 -30.62
CA GLU B 250 8.71 -28.63 -31.77
C GLU B 250 7.60 -27.68 -31.36
N ASN B 251 7.25 -26.77 -32.25
CA ASN B 251 6.20 -25.80 -32.00
C ASN B 251 5.19 -25.94 -33.13
N LYS B 252 4.01 -26.46 -32.84
CA LYS B 252 2.99 -26.61 -33.86
C LYS B 252 2.07 -25.39 -33.81
N ASN B 253 2.44 -24.41 -33.01
CA ASN B 253 1.63 -23.21 -32.85
C ASN B 253 0.21 -23.64 -32.69
N VAL B 254 0.00 -24.45 -31.66
CA VAL B 254 -1.33 -24.95 -31.35
C VAL B 254 -2.09 -23.83 -30.65
N PRO B 255 -3.34 -23.60 -31.05
CA PRO B 255 -4.12 -22.53 -30.41
C PRO B 255 -4.55 -23.00 -29.02
N LEU B 256 -4.58 -22.05 -28.09
CA LEU B 256 -4.96 -22.31 -26.71
C LEU B 256 -6.46 -22.50 -26.69
N PRO B 257 -6.93 -23.63 -26.17
CA PRO B 257 -8.38 -23.84 -26.15
C PRO B 257 -9.09 -22.81 -25.30
N GLU B 258 -10.27 -22.42 -25.71
CA GLU B 258 -11.03 -21.44 -24.96
C GLU B 258 -12.50 -21.92 -24.86
N PHE B 259 -13.15 -21.68 -23.73
CA PHE B 259 -14.53 -22.11 -23.54
C PHE B 259 -15.31 -20.90 -23.09
N PRO B 260 -15.71 -20.06 -24.06
CA PRO B 260 -16.47 -18.83 -23.84
C PRO B 260 -17.89 -19.06 -23.36
N GLU B 261 -18.55 -20.11 -23.85
CA GLU B 261 -19.92 -20.39 -23.42
C GLU B 261 -19.99 -21.18 -22.11
N HIS B 262 -20.80 -20.70 -21.19
CA HIS B 262 -20.93 -21.34 -19.89
C HIS B 262 -21.66 -22.67 -19.98
N PRO B 263 -21.18 -23.66 -19.24
CA PRO B 263 -21.78 -24.99 -19.20
C PRO B 263 -23.22 -24.89 -18.71
N PHE B 264 -23.47 -23.88 -17.88
CA PHE B 264 -24.82 -23.72 -17.39
C PHE B 264 -25.52 -22.60 -18.11
N GLN B 265 -26.57 -22.97 -18.84
CA GLN B 265 -27.40 -22.02 -19.57
C GLN B 265 -28.70 -21.81 -18.80
N GLU B 266 -29.65 -21.09 -19.40
CA GLU B 266 -30.93 -20.83 -18.74
C GLU B 266 -31.60 -22.09 -18.21
N GLU B 267 -31.76 -23.09 -19.06
CA GLU B 267 -32.39 -24.35 -18.64
C GLU B 267 -31.68 -25.00 -17.45
N HIS B 268 -30.37 -24.77 -17.34
CA HIS B 268 -29.60 -25.36 -16.26
C HIS B 268 -29.62 -24.54 -14.96
N LEU B 269 -30.42 -23.50 -14.95
CA LEU B 269 -30.51 -22.65 -13.78
C LEU B 269 -31.85 -22.86 -13.10
N LYS B 270 -31.94 -22.42 -11.85
CA LYS B 270 -33.13 -22.56 -11.02
C LYS B 270 -33.49 -24.04 -10.91
N GLN B 271 -32.46 -24.85 -10.70
CA GLN B 271 -32.61 -26.28 -10.58
C GLN B 271 -32.24 -26.73 -9.18
N LEU B 272 -32.89 -27.80 -8.73
CA LEU B 272 -32.62 -28.36 -7.42
C LEU B 272 -32.19 -29.79 -7.60
N TYR B 273 -31.17 -30.22 -6.87
CA TYR B 273 -30.72 -31.60 -6.97
C TYR B 273 -30.66 -32.25 -5.60
N LYS B 274 -31.23 -33.45 -5.51
CA LYS B 274 -31.25 -34.22 -4.27
C LYS B 274 -30.37 -35.43 -4.55
N ILE B 275 -29.29 -35.52 -3.80
CA ILE B 275 -28.33 -36.58 -4.00
C ILE B 275 -28.08 -37.43 -2.79
N VAL B 276 -28.04 -38.74 -3.02
CA VAL B 276 -27.78 -39.70 -1.98
C VAL B 276 -26.27 -39.93 -1.88
N PRO B 277 -25.67 -39.59 -0.74
CA PRO B 277 -24.22 -39.77 -0.57
C PRO B 277 -23.89 -41.20 -0.17
N ILE B 278 -22.61 -41.51 -0.09
CA ILE B 278 -22.19 -42.83 0.38
C ILE B 278 -21.97 -42.67 1.90
N LYS B 279 -21.23 -41.64 2.30
CA LYS B 279 -21.04 -41.37 3.72
C LYS B 279 -22.33 -40.72 4.24
N ASP B 280 -22.49 -40.64 5.57
CA ASP B 280 -23.67 -39.99 6.10
C ASP B 280 -23.31 -38.52 6.28
N ILE B 281 -23.69 -37.74 5.28
CA ILE B 281 -23.44 -36.31 5.25
C ILE B 281 -24.67 -35.55 4.77
N ARG B 282 -24.71 -34.28 5.16
CA ARG B 282 -25.81 -33.41 4.83
C ARG B 282 -25.24 -32.09 4.34
N ASN B 283 -25.25 -31.86 3.04
CA ASN B 283 -24.71 -30.62 2.54
C ASN B 283 -25.60 -29.86 1.61
N LEU B 284 -25.45 -28.55 1.66
CA LEU B 284 -26.19 -27.65 0.81
C LEU B 284 -25.16 -27.03 -0.12
N TYR B 285 -25.34 -27.25 -1.41
CA TYR B 285 -24.40 -26.67 -2.33
C TYR B 285 -25.13 -25.69 -3.18
N VAL B 286 -24.87 -24.40 -2.95
CA VAL B 286 -25.48 -23.33 -3.74
C VAL B 286 -24.43 -22.93 -4.76
N THR B 287 -24.85 -22.72 -6.00
CA THR B 287 -23.93 -22.37 -7.08
C THR B 287 -24.48 -21.36 -8.07
N PHE B 288 -23.66 -20.38 -8.44
CA PHE B 288 -24.04 -19.37 -9.43
C PHE B 288 -23.04 -19.38 -10.56
N PRO B 289 -23.52 -19.30 -11.81
CA PRO B 289 -22.56 -19.29 -12.93
C PRO B 289 -22.02 -17.89 -13.05
N ILE B 290 -20.75 -17.77 -13.41
CA ILE B 290 -20.19 -16.43 -13.60
C ILE B 290 -19.14 -16.36 -14.69
N PRO B 291 -18.87 -15.14 -15.16
CA PRO B 291 -17.89 -14.85 -16.21
C PRO B 291 -16.49 -15.27 -15.76
N ASP B 292 -15.60 -15.47 -16.72
CA ASP B 292 -14.25 -15.80 -16.34
C ASP B 292 -13.64 -14.52 -15.74
N LEU B 293 -13.42 -14.54 -14.42
CA LEU B 293 -12.87 -13.41 -13.70
C LEU B 293 -11.35 -13.34 -13.69
N GLN B 294 -10.72 -14.29 -14.37
CA GLN B 294 -9.27 -14.35 -14.40
C GLN B 294 -8.56 -13.05 -14.72
N LYS B 295 -8.97 -12.40 -15.80
CA LYS B 295 -8.29 -11.17 -16.22
C LYS B 295 -8.28 -10.06 -15.19
N TYR B 296 -9.30 -9.98 -14.35
CA TYR B 296 -9.31 -8.91 -13.34
C TYR B 296 -8.42 -9.25 -12.14
N TYR B 297 -7.52 -10.20 -12.34
CA TYR B 297 -6.65 -10.65 -11.27
C TYR B 297 -6.01 -9.55 -10.42
N LYS B 298 -5.80 -8.37 -11.00
CA LYS B 298 -5.17 -7.28 -10.25
C LYS B 298 -6.07 -6.77 -9.13
N SER B 299 -7.38 -6.97 -9.27
CA SER B 299 -8.28 -6.48 -8.26
C SER B 299 -9.22 -7.51 -7.61
N ASN B 300 -9.30 -8.70 -8.21
CA ASN B 300 -10.14 -9.80 -7.75
C ASN B 300 -11.53 -9.46 -7.21
N PRO B 301 -12.41 -8.97 -8.06
CA PRO B 301 -13.71 -8.68 -7.46
C PRO B 301 -14.30 -9.97 -6.84
N GLY B 302 -14.12 -11.09 -7.53
CA GLY B 302 -14.63 -12.36 -7.02
C GLY B 302 -14.11 -12.67 -5.63
N HIS B 303 -12.82 -12.52 -5.42
CA HIS B 303 -12.25 -12.78 -4.12
C HIS B 303 -12.76 -11.81 -3.08
N TYR B 304 -13.19 -10.63 -3.49
CA TYR B 304 -13.71 -9.66 -2.53
C TYR B 304 -15.05 -10.21 -2.01
N LEU B 305 -15.89 -10.63 -2.94
CA LEU B 305 -17.19 -11.17 -2.54
C LEU B 305 -17.02 -12.41 -1.69
N GLY B 306 -16.17 -13.32 -2.12
CA GLY B 306 -15.94 -14.50 -1.34
C GLY B 306 -15.48 -14.09 0.05
N HIS B 307 -14.51 -13.18 0.12
CA HIS B 307 -14.02 -12.73 1.41
C HIS B 307 -15.14 -12.38 2.39
N LEU B 308 -16.17 -11.66 1.92
CA LEU B 308 -17.26 -11.29 2.81
C LEU B 308 -18.26 -12.43 3.04
N ILE B 309 -18.83 -12.95 1.97
CA ILE B 309 -19.78 -14.04 2.10
C ILE B 309 -19.20 -15.21 2.89
N GLY B 310 -17.91 -15.49 2.70
CA GLY B 310 -17.29 -16.60 3.40
C GLY B 310 -16.72 -16.22 4.74
N HIS B 311 -16.83 -14.95 5.10
CA HIS B 311 -16.29 -14.49 6.37
C HIS B 311 -17.00 -15.23 7.50
N GLU B 312 -16.30 -15.44 8.62
CA GLU B 312 -16.86 -16.17 9.74
C GLU B 312 -16.84 -15.43 11.08
N GLY B 313 -16.51 -14.16 11.07
CA GLY B 313 -16.51 -13.44 12.34
C GLY B 313 -17.87 -12.89 12.69
N PRO B 314 -17.94 -12.04 13.70
CA PRO B 314 -19.21 -11.46 14.10
C PRO B 314 -19.99 -10.81 12.94
N GLY B 315 -21.29 -11.06 12.87
CA GLY B 315 -22.11 -10.44 11.85
C GLY B 315 -22.21 -11.20 10.57
N SER B 316 -21.31 -12.15 10.39
CA SER B 316 -21.26 -12.94 9.16
C SER B 316 -22.40 -13.91 8.95
N LEU B 317 -22.69 -14.20 7.68
CA LEU B 317 -23.76 -15.14 7.35
C LEU B 317 -23.61 -16.44 8.16
N LEU B 318 -22.41 -16.99 8.23
CA LEU B 318 -22.19 -18.23 8.99
C LEU B 318 -22.80 -18.05 10.38
N SER B 319 -22.25 -17.10 11.12
CA SER B 319 -22.73 -16.81 12.47
C SER B 319 -24.23 -16.89 12.63
N GLU B 320 -24.98 -16.33 11.70
CA GLU B 320 -26.42 -16.36 11.80
C GLU B 320 -26.95 -17.78 11.60
N LEU B 321 -26.53 -18.42 10.53
CA LEU B 321 -26.96 -19.77 10.22
C LEU B 321 -26.58 -20.74 11.36
N LYS B 322 -25.45 -20.48 11.99
CA LYS B 322 -24.98 -21.32 13.08
C LYS B 322 -25.83 -21.14 14.37
N SER B 323 -26.24 -19.90 14.65
CA SER B 323 -27.06 -19.61 15.84
C SER B 323 -28.44 -20.22 15.73
N LYS B 324 -28.95 -20.32 14.51
CA LYS B 324 -30.26 -20.90 14.32
C LYS B 324 -30.05 -22.40 14.25
N GLY B 325 -28.84 -22.83 14.66
CA GLY B 325 -28.47 -24.24 14.66
C GLY B 325 -28.70 -24.92 13.32
N TRP B 326 -28.41 -24.24 12.22
CA TRP B 326 -28.62 -24.81 10.90
C TRP B 326 -27.41 -25.35 10.14
N VAL B 327 -26.27 -24.70 10.32
CA VAL B 327 -25.07 -25.15 9.64
C VAL B 327 -23.99 -25.05 10.68
N ASN B 328 -22.88 -25.72 10.42
CA ASN B 328 -21.73 -25.69 11.29
C ASN B 328 -20.65 -24.91 10.58
N THR B 329 -20.49 -25.25 9.30
CA THR B 329 -19.49 -24.60 8.46
C THR B 329 -20.04 -24.02 7.16
N LEU B 330 -19.31 -23.04 6.62
CA LEU B 330 -19.63 -22.36 5.36
C LEU B 330 -18.39 -22.05 4.53
N VAL B 331 -18.52 -22.21 3.21
CA VAL B 331 -17.44 -21.91 2.29
C VAL B 331 -18.00 -21.15 1.11
N GLY B 332 -17.47 -19.95 0.87
CA GLY B 332 -17.96 -19.14 -0.25
C GLY B 332 -16.84 -18.55 -1.08
N GLY B 333 -17.17 -17.99 -2.24
CA GLY B 333 -16.16 -17.39 -3.09
C GLY B 333 -16.14 -17.92 -4.51
N GLN B 334 -15.11 -17.59 -5.28
CA GLN B 334 -15.07 -18.08 -6.67
C GLN B 334 -14.39 -19.41 -6.80
N LYS B 335 -14.94 -20.22 -7.69
CA LYS B 335 -14.48 -21.57 -8.00
C LYS B 335 -14.07 -21.53 -9.48
N GLU B 336 -12.88 -22.01 -9.78
CA GLU B 336 -12.41 -21.98 -11.14
C GLU B 336 -13.19 -22.91 -12.06
N GLY B 337 -13.09 -22.66 -13.36
CA GLY B 337 -13.75 -23.48 -14.35
C GLY B 337 -12.76 -23.72 -15.47
N ALA B 338 -12.59 -22.73 -16.33
CA ALA B 338 -11.62 -22.83 -17.41
C ALA B 338 -11.66 -21.52 -18.18
N ARG B 339 -10.73 -21.36 -19.12
CA ARG B 339 -10.65 -20.16 -19.95
C ARG B 339 -12.05 -19.87 -20.45
N GLY B 340 -12.71 -18.88 -19.87
CA GLY B 340 -14.04 -18.57 -20.36
C GLY B 340 -15.18 -18.64 -19.40
N PHE B 341 -15.05 -19.43 -18.33
CA PHE B 341 -16.14 -19.54 -17.35
C PHE B 341 -15.61 -19.92 -15.99
N MET B 342 -16.35 -19.50 -14.97
CA MET B 342 -16.02 -19.76 -13.57
C MET B 342 -17.33 -19.91 -12.79
N PHE B 343 -17.20 -20.10 -11.48
CA PHE B 343 -18.36 -20.27 -10.63
C PHE B 343 -18.23 -19.48 -9.35
N PHE B 344 -19.36 -19.14 -8.76
CA PHE B 344 -19.32 -18.49 -7.47
C PHE B 344 -20.14 -19.46 -6.62
N ILE B 345 -19.60 -19.88 -5.49
CA ILE B 345 -20.37 -20.81 -4.69
C ILE B 345 -20.51 -20.43 -3.24
N ILE B 346 -21.49 -21.05 -2.61
CA ILE B 346 -21.73 -20.90 -1.18
C ILE B 346 -22.20 -22.27 -0.76
N ASN B 347 -21.38 -22.94 0.03
CA ASN B 347 -21.74 -24.27 0.48
C ASN B 347 -21.74 -24.34 1.98
N VAL B 348 -22.72 -25.03 2.54
CA VAL B 348 -22.80 -25.20 3.99
C VAL B 348 -23.19 -26.63 4.26
N ASP B 349 -22.80 -27.12 5.43
CA ASP B 349 -23.18 -28.45 5.86
C ASP B 349 -24.53 -28.26 6.60
N LEU B 350 -25.21 -29.35 6.92
CA LEU B 350 -26.48 -29.19 7.58
C LEU B 350 -26.69 -29.96 8.89
N THR B 351 -27.32 -29.29 9.84
CA THR B 351 -27.68 -29.91 11.11
C THR B 351 -28.99 -30.60 10.72
N GLU B 352 -29.46 -31.54 11.53
CA GLU B 352 -30.71 -32.23 11.20
C GLU B 352 -31.79 -31.17 10.98
N GLU B 353 -31.75 -30.12 11.81
CA GLU B 353 -32.70 -29.04 11.67
C GLU B 353 -32.46 -28.30 10.34
N GLY B 354 -31.19 -27.96 10.06
CA GLY B 354 -30.84 -27.28 8.83
C GLY B 354 -31.36 -27.99 7.60
N LEU B 355 -31.27 -29.31 7.61
CA LEU B 355 -31.76 -30.09 6.48
C LEU B 355 -33.25 -29.83 6.26
N LEU B 356 -33.97 -29.51 7.32
CA LEU B 356 -35.39 -29.22 7.20
C LEU B 356 -35.62 -27.73 7.04
N HIS B 357 -34.56 -26.98 6.77
CA HIS B 357 -34.70 -25.55 6.62
C HIS B 357 -33.89 -24.98 5.46
N VAL B 358 -33.62 -25.80 4.44
CA VAL B 358 -32.85 -25.31 3.29
C VAL B 358 -33.41 -24.00 2.72
N GLU B 359 -34.70 -23.96 2.42
CA GLU B 359 -35.28 -22.75 1.89
C GLU B 359 -34.92 -21.53 2.72
N ASP B 360 -35.01 -21.63 4.04
CA ASP B 360 -34.69 -20.49 4.89
C ASP B 360 -33.22 -20.15 4.85
N ILE B 361 -32.38 -21.18 4.86
CA ILE B 361 -30.94 -21.00 4.82
C ILE B 361 -30.62 -20.19 3.58
N ILE B 362 -31.11 -20.66 2.43
CA ILE B 362 -30.89 -19.98 1.16
C ILE B 362 -31.41 -18.54 1.23
N LEU B 363 -32.61 -18.37 1.77
CA LEU B 363 -33.17 -17.02 1.93
C LEU B 363 -32.17 -16.13 2.66
N HIS B 364 -31.56 -16.69 3.70
CA HIS B 364 -30.59 -15.96 4.48
C HIS B 364 -29.36 -15.60 3.69
N MET B 365 -28.95 -16.49 2.80
CA MET B 365 -27.79 -16.20 1.98
C MET B 365 -28.12 -14.94 1.20
N PHE B 366 -29.26 -14.95 0.53
CA PHE B 366 -29.66 -13.82 -0.26
C PHE B 366 -29.80 -12.53 0.54
N GLN B 367 -30.23 -12.62 1.78
CA GLN B 367 -30.34 -11.40 2.56
C GLN B 367 -28.98 -10.78 2.80
N TYR B 368 -27.95 -11.61 2.92
CA TYR B 368 -26.62 -11.07 3.16
C TYR B 368 -26.15 -10.46 1.84
N ILE B 369 -26.35 -11.19 0.75
CA ILE B 369 -25.95 -10.71 -0.55
C ILE B 369 -26.61 -9.35 -0.74
N GLN B 370 -27.84 -9.27 -0.27
CA GLN B 370 -28.64 -8.05 -0.38
C GLN B 370 -28.02 -6.94 0.46
N LYS B 371 -27.60 -7.27 1.67
CA LYS B 371 -26.98 -6.31 2.57
C LYS B 371 -25.72 -5.73 1.90
N LEU B 372 -25.03 -6.56 1.10
CA LEU B 372 -23.82 -6.10 0.43
C LEU B 372 -24.14 -5.14 -0.70
N ARG B 373 -25.21 -5.42 -1.43
CA ARG B 373 -25.61 -4.53 -2.52
C ARG B 373 -25.92 -3.17 -1.91
N ALA B 374 -26.67 -3.19 -0.81
CA ALA B 374 -27.11 -1.98 -0.13
C ALA B 374 -26.03 -1.16 0.59
N GLU B 375 -24.78 -1.56 0.49
CA GLU B 375 -23.70 -0.83 1.15
C GLU B 375 -22.64 -0.52 0.13
N GLY B 376 -22.74 -1.19 -1.03
CA GLY B 376 -21.78 -1.01 -2.10
C GLY B 376 -20.37 -1.38 -1.68
N PRO B 377 -19.51 -1.69 -2.65
CA PRO B 377 -18.13 -2.05 -2.34
C PRO B 377 -17.55 -1.24 -1.20
N GLN B 378 -16.75 -1.92 -0.38
CA GLN B 378 -16.12 -1.35 0.80
C GLN B 378 -14.60 -1.33 0.58
N GLU B 379 -14.06 -0.16 0.26
CA GLU B 379 -12.62 -0.03 0.00
C GLU B 379 -11.70 -0.27 1.18
N TRP B 380 -12.09 0.17 2.38
CA TRP B 380 -11.20 -0.03 3.52
C TRP B 380 -10.92 -1.51 3.64
N VAL B 381 -11.90 -2.30 3.17
CA VAL B 381 -11.81 -3.76 3.19
C VAL B 381 -10.79 -4.25 2.16
N PHE B 382 -10.98 -3.91 0.89
CA PHE B 382 -10.05 -4.29 -0.17
C PHE B 382 -8.64 -3.83 0.25
N GLN B 383 -8.59 -2.65 0.87
CA GLN B 383 -7.37 -2.06 1.37
C GLN B 383 -6.75 -2.92 2.49
N GLU B 384 -7.58 -3.38 3.43
CA GLU B 384 -7.10 -4.23 4.53
C GLU B 384 -6.43 -5.50 3.97
N CYS B 385 -7.10 -6.18 3.04
CA CYS B 385 -6.55 -7.38 2.42
C CYS B 385 -5.24 -7.03 1.71
N LYS B 386 -5.27 -5.97 0.92
CA LYS B 386 -4.08 -5.53 0.19
C LYS B 386 -2.87 -5.54 1.12
N ASP B 387 -2.91 -4.70 2.16
CA ASP B 387 -1.82 -4.60 3.13
C ASP B 387 -1.46 -5.91 3.77
N LEU B 388 -2.46 -6.75 4.05
CA LEU B 388 -2.21 -8.05 4.65
C LEU B 388 -1.38 -8.83 3.64
N ASN B 389 -1.95 -9.06 2.47
CA ASN B 389 -1.26 -9.77 1.40
C ASN B 389 0.16 -9.23 1.22
N ALA B 390 0.32 -7.93 1.37
CA ALA B 390 1.62 -7.31 1.22
C ALA B 390 2.61 -7.94 2.20
N VAL B 391 2.23 -7.93 3.47
CA VAL B 391 3.04 -8.52 4.52
C VAL B 391 3.29 -9.99 4.23
N ALA B 392 2.22 -10.69 3.87
CA ALA B 392 2.32 -12.12 3.58
C ALA B 392 3.42 -12.40 2.60
N PHE B 393 3.33 -11.75 1.43
CA PHE B 393 4.31 -11.95 0.37
C PHE B 393 5.73 -11.67 0.84
N ARG B 394 5.87 -10.60 1.61
CA ARG B 394 7.16 -10.21 2.12
C ARG B 394 7.77 -11.26 3.05
N PHE B 395 7.04 -11.67 4.08
CA PHE B 395 7.56 -12.64 5.02
C PHE B 395 7.23 -14.08 4.72
N LYS B 396 6.82 -14.31 3.48
CA LYS B 396 6.49 -15.63 2.98
C LYS B 396 7.52 -16.67 3.41
N ASP B 397 7.11 -17.91 3.66
CA ASP B 397 8.10 -18.93 4.04
C ASP B 397 8.80 -19.35 2.76
N LYS B 398 10.04 -19.84 2.85
CA LYS B 398 10.74 -20.28 1.66
C LYS B 398 10.09 -21.57 1.17
N GLU B 399 9.62 -21.54 -0.08
CA GLU B 399 8.98 -22.71 -0.65
C GLU B 399 9.91 -23.90 -0.68
N ARG B 400 9.36 -25.05 -1.05
CA ARG B 400 10.13 -26.27 -1.15
C ARG B 400 10.23 -26.43 -2.66
N PRO B 401 11.44 -26.63 -3.19
CA PRO B 401 11.72 -26.78 -4.63
C PRO B 401 10.64 -27.40 -5.52
N ARG B 402 10.46 -28.71 -5.39
CA ARG B 402 9.50 -29.46 -6.19
C ARG B 402 8.15 -28.76 -6.32
N GLY B 403 7.56 -28.37 -5.19
CA GLY B 403 6.29 -27.68 -5.23
C GLY B 403 6.36 -26.33 -5.91
N TYR B 404 7.40 -25.58 -5.59
CA TYR B 404 7.61 -24.24 -6.12
C TYR B 404 7.76 -24.28 -7.64
N THR B 405 8.61 -25.16 -8.15
CA THR B 405 8.83 -25.24 -9.59
C THR B 405 7.54 -25.54 -10.33
N SER B 406 6.87 -26.59 -9.89
CA SER B 406 5.61 -27.02 -10.47
C SER B 406 4.60 -25.86 -10.45
N LYS B 407 4.38 -25.33 -9.27
CA LYS B 407 3.45 -24.21 -9.12
C LYS B 407 3.78 -23.12 -10.14
N ILE B 408 5.03 -22.68 -10.11
CA ILE B 408 5.45 -21.63 -11.00
C ILE B 408 5.20 -22.03 -12.44
N ALA B 409 5.68 -23.22 -12.81
CA ALA B 409 5.51 -23.73 -14.18
C ALA B 409 4.07 -23.59 -14.66
N GLY B 410 3.13 -23.61 -13.72
CA GLY B 410 1.74 -23.50 -14.09
C GLY B 410 1.20 -22.09 -14.26
N ILE B 411 1.54 -21.17 -13.35
CA ILE B 411 1.02 -19.81 -13.48
C ILE B 411 1.76 -18.96 -14.53
N LEU B 412 2.87 -19.48 -15.04
CA LEU B 412 3.64 -18.82 -16.08
C LEU B 412 2.79 -18.61 -17.33
N HIS B 413 1.74 -19.42 -17.45
CA HIS B 413 0.83 -19.35 -18.58
C HIS B 413 -0.19 -18.25 -18.36
N TYR B 414 -0.18 -17.63 -17.18
CA TYR B 414 -1.18 -16.61 -16.86
C TYR B 414 -0.69 -15.21 -16.58
N TYR B 415 0.61 -15.06 -16.35
CA TYR B 415 1.18 -13.76 -16.02
C TYR B 415 2.51 -13.50 -16.72
N PRO B 416 2.86 -12.22 -16.90
CA PRO B 416 4.09 -11.75 -17.55
C PRO B 416 5.32 -12.23 -16.75
N LEU B 417 6.35 -12.69 -17.44
CA LEU B 417 7.55 -13.21 -16.76
C LEU B 417 7.89 -12.48 -15.46
N GLU B 418 7.79 -11.16 -15.47
CA GLU B 418 8.13 -10.33 -14.33
C GLU B 418 7.13 -10.41 -13.16
N GLU B 419 5.87 -10.66 -13.47
CA GLU B 419 4.84 -10.72 -12.44
C GLU B 419 4.58 -12.09 -11.75
N VAL B 420 4.90 -13.21 -12.41
CA VAL B 420 4.66 -14.56 -11.85
C VAL B 420 4.78 -14.72 -10.34
N LEU B 421 5.93 -14.30 -9.81
CA LEU B 421 6.22 -14.40 -8.39
C LEU B 421 5.30 -13.58 -7.51
N THR B 422 4.57 -12.63 -8.08
CA THR B 422 3.71 -11.79 -7.25
C THR B 422 2.26 -11.67 -7.71
N ALA B 423 2.01 -12.00 -8.96
CA ALA B 423 0.67 -11.87 -9.50
C ALA B 423 -0.39 -12.49 -8.60
N GLU B 424 -0.07 -13.61 -7.95
CA GLU B 424 -1.07 -14.25 -7.10
C GLU B 424 -1.07 -13.85 -5.64
N TYR B 425 -0.15 -12.99 -5.23
CA TYR B 425 -0.10 -12.54 -3.84
C TYR B 425 -0.58 -11.09 -3.69
N LEU B 426 -0.19 -10.23 -4.62
CA LEU B 426 -0.51 -8.81 -4.56
C LEU B 426 -1.80 -8.28 -5.20
N LEU B 427 -2.41 -7.32 -4.54
CA LEU B 427 -3.62 -6.66 -5.01
C LEU B 427 -3.16 -5.30 -5.48
N GLU B 428 -3.86 -4.74 -6.46
CA GLU B 428 -3.46 -3.44 -6.97
C GLU B 428 -4.49 -2.36 -6.74
N GLU B 429 -5.36 -2.16 -7.73
CA GLU B 429 -6.41 -1.15 -7.67
C GLU B 429 -7.79 -1.73 -7.31
N PHE B 430 -8.53 -1.02 -6.48
CA PHE B 430 -9.85 -1.43 -6.05
C PHE B 430 -10.90 -1.06 -7.10
N ARG B 431 -11.49 -2.05 -7.75
CA ARG B 431 -12.45 -1.76 -8.80
C ARG B 431 -13.89 -2.01 -8.43
N PRO B 432 -14.45 -1.14 -7.57
CA PRO B 432 -15.83 -1.23 -7.11
C PRO B 432 -16.83 -1.62 -8.19
N ASP B 433 -16.58 -1.12 -9.40
CA ASP B 433 -17.45 -1.39 -10.54
C ASP B 433 -17.47 -2.88 -10.93
N LEU B 434 -16.32 -3.53 -10.87
CA LEU B 434 -16.24 -4.94 -11.20
C LEU B 434 -16.99 -5.73 -10.14
N ILE B 435 -16.81 -5.32 -8.91
CA ILE B 435 -17.49 -5.97 -7.80
C ILE B 435 -18.99 -5.98 -8.04
N GLU B 436 -19.55 -4.84 -8.38
CA GLU B 436 -20.98 -4.81 -8.61
C GLU B 436 -21.30 -5.72 -9.78
N MET B 437 -20.48 -5.68 -10.82
CA MET B 437 -20.69 -6.51 -11.99
C MET B 437 -20.96 -7.96 -11.58
N VAL B 438 -20.11 -8.45 -10.68
CA VAL B 438 -20.17 -9.81 -10.17
C VAL B 438 -21.30 -10.00 -9.17
N LEU B 439 -21.36 -9.11 -8.18
CA LEU B 439 -22.38 -9.18 -7.16
C LEU B 439 -23.73 -9.31 -7.82
N ASP B 440 -23.85 -8.69 -8.98
CA ASP B 440 -25.10 -8.71 -9.72
C ASP B 440 -25.47 -10.08 -10.28
N LYS B 441 -24.49 -10.97 -10.37
CA LYS B 441 -24.75 -12.32 -10.89
C LYS B 441 -25.29 -13.22 -9.76
N LEU B 442 -25.03 -12.83 -8.52
CA LEU B 442 -25.50 -13.62 -7.40
C LEU B 442 -26.95 -13.29 -7.08
N ARG B 443 -27.86 -13.82 -7.89
CA ARG B 443 -29.30 -13.59 -7.73
C ARG B 443 -30.11 -14.88 -7.92
N PRO B 444 -31.27 -14.98 -7.24
CA PRO B 444 -32.14 -16.16 -7.33
C PRO B 444 -32.32 -16.74 -8.73
N GLU B 445 -32.76 -15.92 -9.67
CA GLU B 445 -33.00 -16.39 -11.02
C GLU B 445 -31.88 -17.20 -11.66
N ASN B 446 -30.63 -17.02 -11.25
CA ASN B 446 -29.61 -17.87 -11.84
C ASN B 446 -28.85 -18.72 -10.81
N VAL B 447 -29.60 -19.36 -9.93
CA VAL B 447 -28.97 -20.18 -8.92
C VAL B 447 -29.23 -21.66 -9.17
N ARG B 448 -28.38 -22.48 -8.56
CA ARG B 448 -28.47 -23.93 -8.66
C ARG B 448 -28.29 -24.42 -7.25
N VAL B 449 -29.28 -25.15 -6.74
CA VAL B 449 -29.22 -25.67 -5.39
C VAL B 449 -29.08 -27.18 -5.44
N ALA B 450 -28.26 -27.71 -4.55
CA ALA B 450 -28.07 -29.15 -4.47
C ALA B 450 -28.00 -29.55 -3.00
N ILE B 451 -28.81 -30.54 -2.65
CA ILE B 451 -28.84 -31.03 -1.27
C ILE B 451 -28.31 -32.45 -1.23
N VAL B 452 -27.58 -32.77 -0.18
CA VAL B 452 -27.01 -34.12 -0.06
C VAL B 452 -27.32 -34.72 1.30
N SER B 453 -28.00 -35.86 1.28
CA SER B 453 -28.41 -36.50 2.52
C SER B 453 -28.81 -37.94 2.26
N LYS B 454 -28.80 -38.75 3.31
CA LYS B 454 -29.22 -40.12 3.15
C LYS B 454 -30.74 -40.12 3.00
N SER B 455 -31.36 -39.12 3.60
CA SER B 455 -32.81 -38.93 3.56
C SER B 455 -33.42 -38.99 2.16
N PHE B 456 -32.59 -39.07 1.13
CA PHE B 456 -33.13 -39.11 -0.22
C PHE B 456 -33.00 -40.53 -0.72
N GLU B 457 -32.47 -41.38 0.15
CA GLU B 457 -32.27 -42.79 -0.13
C GLU B 457 -33.60 -43.39 -0.58
N GLY B 458 -33.62 -44.00 -1.76
CA GLY B 458 -34.86 -44.58 -2.25
C GLY B 458 -35.86 -43.59 -2.83
N LYS B 459 -35.62 -42.30 -2.70
CA LYS B 459 -36.55 -41.31 -3.25
C LYS B 459 -36.05 -40.60 -4.49
N THR B 460 -34.96 -41.09 -5.08
CA THR B 460 -34.35 -40.48 -6.27
C THR B 460 -34.69 -41.29 -7.50
N ASP B 461 -34.73 -40.66 -8.66
CA ASP B 461 -35.04 -41.38 -9.88
C ASP B 461 -34.06 -41.28 -11.04
N ARG B 462 -32.84 -40.79 -10.80
CA ARG B 462 -31.83 -40.67 -11.87
C ARG B 462 -30.47 -41.17 -11.43
N THR B 463 -29.68 -41.64 -12.38
CA THR B 463 -28.34 -42.13 -12.07
C THR B 463 -27.28 -41.44 -12.93
N GLU B 464 -26.13 -41.12 -12.32
CA GLU B 464 -25.04 -40.48 -13.06
C GLU B 464 -24.25 -41.68 -13.55
N GLU B 465 -24.09 -41.80 -14.86
CA GLU B 465 -23.43 -42.97 -15.44
C GLU B 465 -21.98 -43.29 -15.09
N TRP B 466 -21.17 -42.31 -14.73
CA TRP B 466 -19.77 -42.61 -14.41
C TRP B 466 -19.45 -43.09 -12.99
N TYR B 467 -20.20 -42.63 -11.99
CA TYR B 467 -19.97 -43.05 -10.60
C TYR B 467 -21.23 -43.72 -10.05
N GLY B 468 -22.30 -43.74 -10.86
CA GLY B 468 -23.55 -44.33 -10.44
C GLY B 468 -24.33 -43.57 -9.37
N THR B 469 -23.94 -42.32 -9.12
CA THR B 469 -24.60 -41.49 -8.12
C THR B 469 -26.12 -41.47 -8.27
N GLN B 470 -26.82 -41.60 -7.14
CA GLN B 470 -28.29 -41.61 -7.10
C GLN B 470 -28.81 -40.21 -6.83
N TYR B 471 -29.60 -39.65 -7.74
CA TYR B 471 -30.13 -38.32 -7.48
C TYR B 471 -31.44 -38.04 -8.20
N LYS B 472 -32.02 -36.91 -7.85
CA LYS B 472 -33.27 -36.48 -8.46
C LYS B 472 -33.10 -35.00 -8.81
N GLN B 473 -33.72 -34.58 -9.91
CA GLN B 473 -33.65 -33.20 -10.36
C GLN B 473 -35.04 -32.57 -10.33
N GLU B 474 -35.10 -31.28 -10.03
CA GLU B 474 -36.37 -30.55 -9.99
C GLU B 474 -36.11 -29.08 -10.31
N ALA B 475 -37.16 -28.37 -10.70
CA ALA B 475 -37.01 -26.95 -11.01
C ALA B 475 -37.55 -26.16 -9.85
N ILE B 476 -36.68 -25.41 -9.18
CA ILE B 476 -37.12 -24.62 -8.05
C ILE B 476 -38.38 -23.85 -8.44
N PRO B 477 -39.45 -23.98 -7.62
CA PRO B 477 -40.74 -23.32 -7.84
C PRO B 477 -40.61 -21.80 -7.87
N ASP B 478 -41.26 -21.20 -8.85
CA ASP B 478 -41.24 -19.76 -9.01
C ASP B 478 -41.57 -19.05 -7.71
N GLU B 479 -42.50 -19.60 -6.94
CA GLU B 479 -42.85 -18.93 -5.69
C GLU B 479 -41.66 -18.81 -4.76
N VAL B 480 -40.82 -19.85 -4.73
CA VAL B 480 -39.63 -19.81 -3.89
C VAL B 480 -38.60 -18.83 -4.48
N ILE B 481 -38.38 -18.91 -5.79
CA ILE B 481 -37.45 -18.00 -6.44
C ILE B 481 -37.90 -16.57 -6.13
N LYS B 482 -39.21 -16.32 -6.18
CA LYS B 482 -39.71 -14.99 -5.90
C LYS B 482 -39.48 -14.54 -4.46
N LYS B 483 -39.73 -15.41 -3.50
CA LYS B 483 -39.52 -15.06 -2.10
C LYS B 483 -38.06 -14.65 -1.89
N TRP B 484 -37.14 -15.39 -2.51
CA TRP B 484 -35.72 -15.10 -2.41
C TRP B 484 -35.37 -13.77 -3.06
N GLN B 485 -35.95 -13.51 -4.21
CA GLN B 485 -35.71 -12.26 -4.92
C GLN B 485 -36.14 -11.09 -4.04
N ASN B 486 -37.09 -11.33 -3.15
CA ASN B 486 -37.59 -10.29 -2.26
C ASN B 486 -36.84 -10.19 -0.95
N ALA B 487 -35.77 -10.96 -0.80
CA ALA B 487 -34.99 -10.93 0.45
C ALA B 487 -34.72 -9.51 0.91
N ASP B 488 -35.15 -9.19 2.14
CA ASP B 488 -34.95 -7.85 2.68
C ASP B 488 -33.73 -7.85 3.60
N LEU B 489 -33.58 -6.80 4.41
CA LEU B 489 -32.41 -6.71 5.29
C LEU B 489 -32.61 -7.27 6.69
N ASN B 490 -31.82 -8.28 7.01
CA ASN B 490 -31.84 -8.95 8.31
C ASN B 490 -30.84 -8.22 9.22
N GLY B 491 -31.35 -7.60 10.28
CA GLY B 491 -30.49 -6.87 11.19
C GLY B 491 -29.34 -7.62 11.83
N LYS B 492 -29.18 -8.91 11.57
CA LYS B 492 -28.09 -9.65 12.20
C LYS B 492 -26.81 -9.69 11.34
N PHE B 493 -26.93 -9.18 10.13
CA PHE B 493 -25.81 -9.16 9.21
C PHE B 493 -25.10 -7.82 9.11
N LYS B 494 -23.82 -7.80 9.47
CA LYS B 494 -23.01 -6.58 9.37
C LYS B 494 -21.70 -6.90 8.65
N LEU B 495 -21.11 -5.90 8.00
CA LEU B 495 -19.84 -6.15 7.36
C LEU B 495 -18.93 -6.38 8.56
N PRO B 496 -17.71 -6.88 8.31
CA PRO B 496 -16.78 -7.13 9.43
C PRO B 496 -16.30 -5.84 10.06
N THR B 497 -15.44 -5.97 11.06
CA THR B 497 -14.88 -4.81 11.73
C THR B 497 -13.40 -4.77 11.37
N LYS B 498 -12.73 -3.65 11.62
CA LYS B 498 -11.32 -3.57 11.28
C LYS B 498 -10.63 -4.72 11.99
N ASN B 499 -9.76 -5.44 11.29
CA ASN B 499 -9.10 -6.60 11.86
C ASN B 499 -8.07 -6.26 12.92
N GLU B 500 -8.41 -6.52 14.18
CA GLU B 500 -7.55 -6.25 15.31
C GLU B 500 -6.27 -7.08 15.35
N PHE B 501 -6.23 -8.19 14.61
CA PHE B 501 -5.04 -9.00 14.69
C PHE B 501 -3.94 -8.66 13.72
N ILE B 502 -4.25 -7.79 12.77
CA ILE B 502 -3.24 -7.42 11.81
C ILE B 502 -1.96 -7.11 12.56
N PRO B 503 -0.87 -7.82 12.23
CA PRO B 503 0.43 -7.67 12.87
C PRO B 503 1.17 -6.37 12.50
N THR B 504 1.83 -5.78 13.49
CA THR B 504 2.55 -4.55 13.29
C THR B 504 4.04 -4.62 13.66
N ASN B 505 4.43 -5.42 14.64
CA ASN B 505 5.84 -5.52 15.02
C ASN B 505 6.64 -6.63 14.32
N PHE B 506 7.37 -6.29 13.25
CA PHE B 506 8.11 -7.34 12.56
C PHE B 506 9.59 -7.38 12.84
N GLU B 507 10.01 -6.85 13.98
CA GLU B 507 11.44 -6.87 14.26
C GLU B 507 11.99 -8.22 14.66
N ILE B 508 13.07 -8.63 14.00
CA ILE B 508 13.73 -9.88 14.33
C ILE B 508 14.66 -9.56 15.49
N LEU B 509 14.29 -9.99 16.69
CA LEU B 509 15.14 -9.73 17.84
C LEU B 509 16.52 -10.30 17.56
N PRO B 510 17.56 -9.65 18.12
CA PRO B 510 18.94 -10.12 17.91
C PRO B 510 19.28 -11.39 18.70
N LEU B 511 20.02 -12.28 18.07
CA LEU B 511 20.45 -13.55 18.67
C LEU B 511 21.19 -13.33 20.00
N GLU B 512 20.67 -13.93 21.07
CA GLU B 512 21.24 -13.82 22.42
C GLU B 512 22.60 -14.50 22.48
N LYS B 513 23.52 -13.98 23.29
CA LYS B 513 24.86 -14.58 23.40
C LYS B 513 24.78 -16.05 23.80
N GLU B 514 23.75 -16.39 24.57
CA GLU B 514 23.56 -17.76 25.03
C GLU B 514 22.65 -18.58 24.11
N ALA B 515 22.58 -18.19 22.84
CA ALA B 515 21.72 -18.89 21.89
C ALA B 515 22.30 -20.26 21.58
N THR B 516 21.41 -21.24 21.40
CA THR B 516 21.82 -22.60 21.09
C THR B 516 21.33 -23.03 19.71
N PRO B 517 22.06 -23.94 19.05
CA PRO B 517 21.73 -24.46 17.72
C PRO B 517 20.50 -25.34 17.74
N TYR B 518 20.39 -26.13 18.81
CA TYR B 518 19.28 -27.03 19.01
C TYR B 518 18.48 -26.50 20.18
N PRO B 519 17.30 -27.09 20.42
CA PRO B 519 16.46 -26.65 21.54
C PRO B 519 17.11 -26.97 22.86
N ALA B 520 17.09 -25.99 23.75
CA ALA B 520 17.66 -26.12 25.08
C ALA B 520 16.53 -26.21 26.10
N LEU B 521 16.72 -27.05 27.12
CA LEU B 521 15.70 -27.18 28.16
C LEU B 521 15.89 -26.01 29.14
N ILE B 522 14.97 -25.06 29.15
CA ILE B 522 15.13 -23.92 30.02
C ILE B 522 14.28 -23.92 31.27
N LYS B 523 13.46 -24.94 31.43
CA LYS B 523 12.61 -25.04 32.61
C LYS B 523 12.24 -26.49 32.79
N ASP B 524 12.43 -27.01 34.00
CA ASP B 524 12.12 -28.42 34.29
C ASP B 524 11.47 -28.59 35.65
N THR B 525 10.15 -28.58 35.69
CA THR B 525 9.47 -28.73 36.96
C THR B 525 8.34 -29.76 36.87
N ALA B 526 7.65 -29.98 37.98
CA ALA B 526 6.58 -30.94 38.02
C ALA B 526 5.48 -30.49 37.10
N MET B 527 5.30 -29.17 37.05
CA MET B 527 4.25 -28.58 36.24
C MET B 527 4.63 -28.50 34.77
N SER B 528 5.87 -28.12 34.48
CA SER B 528 6.24 -27.97 33.09
C SER B 528 7.71 -28.15 32.72
N LYS B 529 7.90 -28.80 31.58
CA LYS B 529 9.21 -29.07 31.00
C LYS B 529 9.27 -28.22 29.71
N LEU B 530 10.05 -27.13 29.74
CA LEU B 530 10.15 -26.22 28.60
C LEU B 530 11.40 -26.24 27.74
N TRP B 531 11.21 -26.55 26.45
CA TRP B 531 12.29 -26.57 25.47
C TRP B 531 12.23 -25.28 24.63
N PHE B 532 13.34 -24.55 24.59
CA PHE B 532 13.38 -23.29 23.86
C PHE B 532 14.52 -23.21 22.85
N LYS B 533 14.35 -22.34 21.85
CA LYS B 533 15.39 -22.13 20.85
C LYS B 533 15.06 -20.94 19.99
N GLN B 534 15.90 -19.91 20.06
CA GLN B 534 15.70 -18.71 19.25
C GLN B 534 16.09 -19.07 17.81
N ASP B 535 15.21 -18.75 16.86
CA ASP B 535 15.47 -19.06 15.47
C ASP B 535 16.79 -18.47 14.99
N ASP B 536 17.65 -19.31 14.41
CA ASP B 536 18.93 -18.83 13.92
C ASP B 536 19.15 -19.15 12.44
N LYS B 537 18.08 -19.29 11.66
CA LYS B 537 18.28 -19.62 10.25
C LYS B 537 17.42 -18.82 9.30
N PHE B 538 16.23 -18.45 9.75
CA PHE B 538 15.30 -17.78 8.87
C PHE B 538 15.04 -16.30 9.10
N PHE B 539 15.10 -15.86 10.34
CA PHE B 539 14.92 -14.46 10.68
C PHE B 539 13.67 -13.80 10.09
N LEU B 540 12.54 -14.50 10.22
CA LEU B 540 11.26 -13.98 9.78
C LEU B 540 10.55 -13.71 11.11
N PRO B 541 9.63 -12.73 11.14
CA PRO B 541 8.89 -12.38 12.36
C PRO B 541 7.77 -13.36 12.77
N LYS B 542 8.15 -14.62 12.99
CA LYS B 542 7.19 -15.68 13.35
C LYS B 542 7.71 -16.57 14.46
N ALA B 543 6.81 -17.37 15.03
CA ALA B 543 7.18 -18.29 16.10
C ALA B 543 6.22 -19.47 16.16
N CYS B 544 6.71 -20.59 16.67
CA CYS B 544 5.86 -21.77 16.84
C CYS B 544 5.82 -21.98 18.33
N LEU B 545 4.61 -22.12 18.86
CA LEU B 545 4.47 -22.32 20.28
C LEU B 545 3.71 -23.64 20.42
N ASN B 546 4.46 -24.71 20.69
CA ASN B 546 3.84 -26.03 20.81
C ASN B 546 3.82 -26.55 22.24
N PHE B 547 2.65 -27.01 22.65
CA PHE B 547 2.42 -27.53 24.00
C PHE B 547 1.72 -28.87 24.03
N GLU B 548 2.23 -29.77 24.87
CA GLU B 548 1.61 -31.07 25.05
C GLU B 548 1.14 -31.04 26.50
N PHE B 549 -0.15 -31.33 26.71
CA PHE B 549 -0.73 -31.35 28.06
C PHE B 549 -1.01 -32.81 28.40
N PHE B 550 -0.50 -33.26 29.55
CA PHE B 550 -0.75 -34.64 29.92
C PHE B 550 -1.77 -34.80 31.05
N SER B 551 -2.68 -35.74 30.85
CA SER B 551 -3.68 -36.08 31.82
C SER B 551 -4.22 -37.40 31.40
N PRO B 552 -4.28 -38.34 32.36
CA PRO B 552 -4.78 -39.71 32.18
C PRO B 552 -6.26 -39.73 31.79
N PHE B 553 -7.04 -38.82 32.37
CA PHE B 553 -8.47 -38.76 32.10
C PHE B 553 -8.83 -38.37 30.68
N ALA B 554 -7.80 -38.15 29.88
CA ALA B 554 -8.00 -37.78 28.50
C ALA B 554 -8.29 -39.04 27.68
N TYR B 555 -7.69 -40.15 28.08
CA TYR B 555 -7.87 -41.36 27.31
C TYR B 555 -8.05 -42.62 28.17
N VAL B 556 -8.45 -42.43 29.42
CA VAL B 556 -8.62 -43.55 30.35
C VAL B 556 -9.66 -44.57 29.90
N ASP B 557 -10.59 -44.15 29.04
CA ASP B 557 -11.63 -45.05 28.54
C ASP B 557 -12.45 -44.41 27.43
N PRO B 558 -13.12 -45.22 26.61
CA PRO B 558 -13.95 -44.68 25.53
C PRO B 558 -14.78 -43.44 25.91
N LEU B 559 -15.47 -43.48 27.05
CA LEU B 559 -16.28 -42.33 27.45
C LEU B 559 -15.44 -41.07 27.62
N HIS B 560 -14.27 -41.21 28.22
CA HIS B 560 -13.43 -40.06 28.43
C HIS B 560 -12.70 -39.59 27.18
N CYS B 561 -12.47 -40.49 26.25
CA CYS B 561 -11.84 -40.12 25.00
C CYS B 561 -12.87 -39.28 24.28
N ASN B 562 -14.09 -39.80 24.21
CA ASN B 562 -15.19 -39.09 23.56
C ASN B 562 -15.40 -37.70 24.15
N MET B 563 -15.20 -37.57 25.46
CA MET B 563 -15.42 -36.27 26.08
C MET B 563 -14.28 -35.35 25.85
N ALA B 564 -13.07 -35.89 25.89
CA ALA B 564 -11.88 -35.07 25.68
C ALA B 564 -11.94 -34.46 24.28
N TYR B 565 -12.38 -35.25 23.30
CA TYR B 565 -12.51 -34.75 21.94
C TYR B 565 -13.60 -33.69 21.93
N LEU B 566 -14.80 -34.15 22.22
CA LEU B 566 -16.00 -33.32 22.29
C LEU B 566 -15.74 -31.99 23.00
N TYR B 567 -14.89 -32.02 24.00
CA TYR B 567 -14.57 -30.83 24.77
C TYR B 567 -13.85 -29.78 23.94
N LEU B 568 -12.71 -30.17 23.37
CA LEU B 568 -11.93 -29.27 22.55
C LEU B 568 -12.74 -28.78 21.34
N GLU B 569 -13.58 -29.65 20.79
CA GLU B 569 -14.38 -29.25 19.67
C GLU B 569 -15.30 -28.11 20.04
N LEU B 570 -15.85 -28.16 21.24
CA LEU B 570 -16.77 -27.09 21.65
C LEU B 570 -16.01 -25.82 21.88
N LEU B 571 -14.81 -25.97 22.42
CA LEU B 571 -13.95 -24.81 22.69
C LEU B 571 -13.58 -24.16 21.36
N LYS B 572 -13.13 -24.95 20.40
CA LYS B 572 -12.77 -24.40 19.10
C LYS B 572 -13.96 -23.67 18.50
N ASP B 573 -15.14 -24.22 18.70
CA ASP B 573 -16.32 -23.59 18.15
C ASP B 573 -16.59 -22.25 18.80
N SER B 574 -16.41 -22.13 20.11
CA SER B 574 -16.71 -20.85 20.70
C SER B 574 -15.66 -19.81 20.30
N LEU B 575 -14.40 -20.22 20.25
CA LEU B 575 -13.33 -19.30 19.87
C LEU B 575 -13.34 -18.92 18.41
N ASN B 576 -13.94 -19.76 17.58
CA ASN B 576 -13.97 -19.52 16.15
C ASN B 576 -14.15 -18.08 15.63
N GLU B 577 -15.22 -17.38 16.01
CA GLU B 577 -15.40 -16.00 15.52
C GLU B 577 -14.19 -15.14 15.84
N TYR B 578 -13.75 -15.25 17.09
CA TYR B 578 -12.61 -14.51 17.55
C TYR B 578 -11.34 -14.87 16.80
N ALA B 579 -11.11 -16.15 16.54
CA ALA B 579 -9.87 -16.55 15.87
C ALA B 579 -9.88 -16.46 14.36
N TYR B 580 -11.08 -16.43 13.76
CA TYR B 580 -11.16 -16.35 12.33
C TYR B 580 -10.32 -15.19 11.89
N ALA B 581 -10.49 -14.08 12.61
CA ALA B 581 -9.77 -12.87 12.33
C ALA B 581 -8.26 -13.08 12.40
N ALA B 582 -7.82 -13.68 13.50
CA ALA B 582 -6.41 -13.93 13.70
C ALA B 582 -5.80 -14.70 12.52
N GLU B 583 -6.50 -15.70 12.06
CA GLU B 583 -6.02 -16.52 10.96
C GLU B 583 -5.80 -15.70 9.70
N LEU B 584 -6.75 -14.83 9.41
CA LEU B 584 -6.69 -13.95 8.26
C LEU B 584 -5.42 -13.12 8.40
N ALA B 585 -5.05 -12.85 9.65
CA ALA B 585 -3.88 -12.05 9.94
C ALA B 585 -2.63 -12.90 10.20
N GLY B 586 -2.65 -14.16 9.78
CA GLY B 586 -1.49 -15.01 9.95
C GLY B 586 -1.13 -15.50 11.34
N LEU B 587 -2.13 -15.55 12.23
CA LEU B 587 -1.95 -16.04 13.60
C LEU B 587 -2.81 -17.30 13.69
N SER B 588 -2.18 -18.44 13.48
CA SER B 588 -2.90 -19.70 13.50
C SER B 588 -2.77 -20.51 14.81
N TYR B 589 -3.77 -21.34 15.09
CA TYR B 589 -3.71 -22.17 16.29
C TYR B 589 -4.36 -23.52 16.03
N ASP B 590 -3.81 -24.54 16.67
CA ASP B 590 -4.31 -25.90 16.54
C ASP B 590 -4.58 -26.49 17.92
N LEU B 591 -5.76 -27.07 18.09
CA LEU B 591 -6.15 -27.63 19.38
C LEU B 591 -6.90 -28.94 19.21
N GLN B 592 -6.29 -30.04 19.64
CA GLN B 592 -6.89 -31.38 19.55
C GLN B 592 -6.45 -32.32 20.68
N ASN B 593 -7.33 -33.24 21.07
CA ASN B 593 -7.03 -34.20 22.15
C ASN B 593 -6.14 -35.35 21.68
N THR B 594 -5.25 -35.81 22.57
CA THR B 594 -4.31 -36.91 22.24
C THR B 594 -4.57 -38.16 23.10
N ILE B 595 -3.78 -39.22 22.90
CA ILE B 595 -4.00 -40.42 23.72
C ILE B 595 -3.43 -40.19 25.10
N TYR B 596 -2.56 -39.19 25.22
CA TYR B 596 -1.93 -38.84 26.49
C TYR B 596 -2.45 -37.52 27.06
N GLY B 597 -3.34 -36.86 26.31
CA GLY B 597 -3.90 -35.60 26.78
C GLY B 597 -4.42 -34.62 25.75
N MET B 598 -3.80 -33.44 25.70
CA MET B 598 -4.20 -32.40 24.75
C MET B 598 -3.01 -31.82 24.06
N TYR B 599 -3.24 -31.34 22.85
CA TYR B 599 -2.18 -30.71 22.08
C TYR B 599 -2.64 -29.33 21.66
N LEU B 600 -1.75 -28.35 21.82
CA LEU B 600 -2.09 -26.99 21.44
C LEU B 600 -0.87 -26.41 20.75
N SER B 601 -1.09 -25.85 19.57
CA SER B 601 0.00 -25.27 18.80
C SER B 601 -0.38 -23.95 18.22
N VAL B 602 0.37 -22.90 18.53
CA VAL B 602 0.10 -21.56 17.98
C VAL B 602 1.26 -21.20 17.03
N LYS B 603 0.94 -21.00 15.76
CA LYS B 603 1.96 -20.67 14.76
C LYS B 603 1.64 -19.34 14.05
N GLY B 604 2.64 -18.73 13.40
CA GLY B 604 2.38 -17.49 12.69
C GLY B 604 3.17 -16.28 13.16
N TYR B 605 2.76 -15.08 12.76
CA TYR B 605 3.49 -13.88 13.20
C TYR B 605 3.54 -13.81 14.72
N ASN B 606 4.75 -13.68 15.25
CA ASN B 606 4.95 -13.64 16.67
C ASN B 606 4.33 -12.45 17.38
N ASP B 607 4.18 -11.33 16.70
CA ASP B 607 3.63 -10.12 17.32
C ASP B 607 2.46 -10.33 18.29
N LYS B 608 1.35 -10.85 17.79
CA LYS B 608 0.18 -11.03 18.63
C LYS B 608 -0.13 -12.41 19.22
N GLN B 609 0.80 -13.34 19.13
CA GLN B 609 0.56 -14.67 19.66
C GLN B 609 0.20 -14.68 21.15
N PRO B 610 0.99 -13.99 21.98
CA PRO B 610 0.67 -13.97 23.42
C PRO B 610 -0.79 -13.71 23.73
N ILE B 611 -1.45 -12.96 22.87
CA ILE B 611 -2.84 -12.61 23.06
C ILE B 611 -3.80 -13.76 22.75
N LEU B 612 -3.70 -14.29 21.53
CA LEU B 612 -4.57 -15.40 21.13
C LEU B 612 -4.39 -16.55 22.11
N LEU B 613 -3.13 -16.84 22.42
CA LEU B 613 -2.78 -17.92 23.34
C LEU B 613 -3.48 -17.68 24.67
N LYS B 614 -3.13 -16.59 25.33
CA LYS B 614 -3.76 -16.31 26.62
C LYS B 614 -5.27 -16.42 26.57
N LYS B 615 -5.87 -16.02 25.46
CA LYS B 615 -7.32 -16.09 25.33
C LYS B 615 -7.78 -17.55 25.30
N ILE B 616 -7.05 -18.37 24.54
CA ILE B 616 -7.35 -19.79 24.41
C ILE B 616 -7.27 -20.51 25.74
N ILE B 617 -6.14 -20.36 26.43
CA ILE B 617 -5.95 -21.01 27.72
C ILE B 617 -6.99 -20.49 28.68
N GLU B 618 -7.31 -19.21 28.59
CA GLU B 618 -8.30 -18.64 29.46
C GLU B 618 -9.68 -19.27 29.21
N LYS B 619 -10.01 -19.45 27.95
CA LYS B 619 -11.29 -20.03 27.62
C LYS B 619 -11.38 -21.47 28.03
N MET B 620 -10.36 -22.26 27.74
CA MET B 620 -10.43 -23.67 28.08
C MET B 620 -10.49 -23.92 29.59
N ALA B 621 -10.00 -22.98 30.39
CA ALA B 621 -10.04 -23.17 31.83
C ALA B 621 -11.26 -22.54 32.49
N THR B 622 -12.12 -21.91 31.71
CA THR B 622 -13.31 -21.25 32.25
C THR B 622 -14.44 -21.44 31.28
N PHE B 623 -14.27 -22.44 30.43
CA PHE B 623 -15.25 -22.75 29.40
C PHE B 623 -16.67 -23.04 29.93
N GLU B 624 -17.66 -22.46 29.27
CA GLU B 624 -19.06 -22.70 29.63
C GLU B 624 -19.71 -23.30 28.39
N ILE B 625 -20.25 -24.50 28.54
CA ILE B 625 -20.86 -25.21 27.43
C ILE B 625 -22.27 -24.79 27.01
N ASP B 626 -22.50 -24.76 25.70
CA ASP B 626 -23.80 -24.42 25.15
C ASP B 626 -24.49 -25.74 24.84
N GLU B 627 -25.60 -26.02 25.51
CA GLU B 627 -26.31 -27.28 25.29
C GLU B 627 -26.57 -27.52 23.81
N LYS B 628 -27.19 -26.54 23.16
CA LYS B 628 -27.53 -26.60 21.75
C LYS B 628 -26.32 -27.00 20.89
N ARG B 629 -25.25 -26.23 21.03
CA ARG B 629 -23.99 -26.49 20.31
C ARG B 629 -23.58 -27.95 20.54
N PHE B 630 -23.47 -28.30 21.82
CA PHE B 630 -23.10 -29.64 22.28
C PHE B 630 -23.92 -30.74 21.60
N GLU B 631 -25.22 -30.56 21.49
CA GLU B 631 -26.04 -31.59 20.86
C GLU B 631 -25.65 -31.73 19.41
N ILE B 632 -25.47 -30.59 18.74
CA ILE B 632 -25.11 -30.59 17.32
C ILE B 632 -23.75 -31.26 17.05
N ILE B 633 -22.73 -30.81 17.76
CA ILE B 633 -21.42 -31.37 17.57
C ILE B 633 -21.40 -32.86 17.84
N LYS B 634 -21.95 -33.28 18.97
CA LYS B 634 -21.98 -34.69 19.31
C LYS B 634 -22.58 -35.53 18.18
N GLU B 635 -23.71 -35.08 17.65
CA GLU B 635 -24.38 -35.81 16.56
C GLU B 635 -23.46 -35.95 15.36
N ALA B 636 -22.73 -34.86 15.08
CA ALA B 636 -21.79 -34.81 13.98
C ALA B 636 -20.62 -35.77 14.25
N TYR B 637 -20.26 -35.88 15.53
CA TYR B 637 -19.19 -36.77 15.96
C TYR B 637 -19.68 -38.20 15.78
N MET B 638 -20.97 -38.41 16.00
CA MET B 638 -21.53 -39.74 15.84
C MET B 638 -21.33 -40.14 14.37
N ARG B 639 -21.88 -39.35 13.44
CA ARG B 639 -21.75 -39.65 12.02
C ARG B 639 -20.30 -39.82 11.62
N SER B 640 -19.47 -38.92 12.09
CA SER B 640 -18.06 -38.97 11.79
C SER B 640 -17.51 -40.36 12.03
N LEU B 641 -17.71 -40.87 13.24
CA LEU B 641 -17.24 -42.20 13.60
C LEU B 641 -17.81 -43.30 12.73
N ASN B 642 -19.09 -43.23 12.39
CA ASN B 642 -19.68 -44.26 11.54
C ASN B 642 -19.20 -44.15 10.10
N ASN B 643 -18.98 -42.92 9.65
CA ASN B 643 -18.56 -42.73 8.28
C ASN B 643 -17.21 -43.36 7.98
N PHE B 644 -16.49 -43.80 9.01
CA PHE B 644 -15.20 -44.42 8.79
C PHE B 644 -15.33 -45.71 7.93
N ARG B 645 -16.55 -46.22 7.81
CA ARG B 645 -16.77 -47.43 7.03
C ARG B 645 -16.66 -47.17 5.56
N ALA B 646 -16.92 -45.93 5.15
CA ALA B 646 -16.83 -45.53 3.76
C ALA B 646 -15.40 -45.18 3.36
N GLU B 647 -14.45 -45.32 4.30
CA GLU B 647 -13.03 -45.07 4.03
C GLU B 647 -12.48 -46.18 3.15
N GLN B 648 -11.21 -46.07 2.80
CA GLN B 648 -10.63 -47.06 1.92
C GLN B 648 -9.92 -48.25 2.54
N PRO B 649 -10.06 -49.42 1.89
CA PRO B 649 -9.45 -50.68 2.32
C PRO B 649 -8.07 -50.53 2.93
N HIS B 650 -7.16 -49.91 2.19
CA HIS B 650 -5.81 -49.75 2.72
C HIS B 650 -5.79 -48.90 3.99
N GLN B 651 -6.77 -48.03 4.15
CA GLN B 651 -6.80 -47.25 5.36
C GLN B 651 -7.29 -48.15 6.49
N HIS B 652 -8.42 -48.81 6.26
CA HIS B 652 -8.95 -49.74 7.26
C HIS B 652 -7.81 -50.65 7.69
N ALA B 653 -7.04 -51.14 6.73
CA ALA B 653 -5.94 -52.04 7.05
C ALA B 653 -5.04 -51.40 8.07
N MET B 654 -4.53 -50.21 7.75
CA MET B 654 -3.64 -49.46 8.63
C MET B 654 -4.27 -49.22 10.01
N TYR B 655 -5.56 -48.91 10.01
CA TYR B 655 -6.32 -48.67 11.24
C TYR B 655 -6.22 -49.88 12.17
N TYR B 656 -6.57 -51.04 11.63
CA TYR B 656 -6.52 -52.27 12.37
C TYR B 656 -5.12 -52.53 12.89
N LEU B 657 -4.14 -52.52 11.99
CA LEU B 657 -2.78 -52.76 12.44
C LEU B 657 -2.46 -51.95 13.69
N ARG B 658 -2.87 -50.68 13.68
CA ARG B 658 -2.64 -49.76 14.80
C ARG B 658 -3.23 -50.35 16.07
N LEU B 659 -4.52 -50.64 16.03
CA LEU B 659 -5.20 -51.22 17.17
C LEU B 659 -4.46 -52.46 17.70
N LEU B 660 -4.19 -53.41 16.81
CA LEU B 660 -3.50 -54.62 17.19
C LEU B 660 -2.16 -54.43 17.91
N MET B 661 -1.27 -53.64 17.34
CA MET B 661 0.05 -53.45 17.93
C MET B 661 0.20 -52.48 19.07
N THR B 662 -0.91 -51.87 19.52
CA THR B 662 -0.81 -50.91 20.62
C THR B 662 -1.46 -51.33 21.95
N GLU B 663 -0.71 -51.11 23.02
CA GLU B 663 -1.10 -51.45 24.38
C GLU B 663 -2.56 -51.16 24.61
N VAL B 664 -2.92 -49.89 24.56
CA VAL B 664 -4.31 -49.48 24.74
C VAL B 664 -4.71 -48.74 23.49
N ALA B 665 -5.91 -49.01 23.00
CA ALA B 665 -6.36 -48.34 21.78
C ALA B 665 -7.86 -48.47 21.58
N TRP B 666 -8.63 -47.53 22.10
CA TRP B 666 -10.08 -47.59 21.97
C TRP B 666 -10.49 -47.59 20.51
N THR B 667 -11.43 -48.45 20.15
CA THR B 667 -11.89 -48.55 18.77
C THR B 667 -13.06 -47.62 18.43
N LYS B 668 -13.29 -47.46 17.13
CA LYS B 668 -14.37 -46.60 16.65
C LYS B 668 -15.65 -47.14 17.22
N ASP B 669 -15.82 -48.47 17.15
CA ASP B 669 -17.02 -49.09 17.68
C ASP B 669 -17.17 -48.80 19.16
N GLU B 670 -16.10 -49.05 19.93
CA GLU B 670 -16.14 -48.79 21.37
C GLU B 670 -16.53 -47.34 21.64
N LEU B 671 -15.95 -46.43 20.87
CA LEU B 671 -16.21 -44.99 21.04
C LEU B 671 -17.62 -44.56 20.70
N LYS B 672 -18.21 -45.09 19.63
CA LYS B 672 -19.56 -44.65 19.30
C LYS B 672 -20.65 -45.19 20.18
N GLU B 673 -20.35 -46.25 20.92
CA GLU B 673 -21.32 -46.81 21.84
C GLU B 673 -21.29 -45.97 23.10
N ALA B 674 -20.07 -45.70 23.58
CA ALA B 674 -19.85 -44.89 24.76
C ALA B 674 -20.35 -43.47 24.55
N LEU B 675 -20.42 -43.05 23.30
CA LEU B 675 -20.85 -41.71 22.97
C LEU B 675 -22.22 -41.40 23.53
N ASP B 676 -23.17 -42.28 23.27
CA ASP B 676 -24.54 -42.11 23.74
C ASP B 676 -24.56 -41.64 25.17
N ASP B 677 -23.71 -42.24 25.98
CA ASP B 677 -23.68 -41.87 27.38
C ASP B 677 -23.10 -40.51 27.74
N VAL B 678 -22.31 -39.89 26.86
CA VAL B 678 -21.78 -38.55 27.16
C VAL B 678 -23.01 -37.64 27.23
N THR B 679 -23.20 -36.97 28.36
CA THR B 679 -24.35 -36.07 28.54
C THR B 679 -23.85 -34.73 29.04
N LEU B 680 -24.57 -33.65 28.74
CA LEU B 680 -24.09 -32.35 29.16
C LEU B 680 -23.48 -32.32 30.56
N PRO B 681 -24.23 -32.75 31.58
CA PRO B 681 -23.70 -32.75 32.94
C PRO B 681 -22.38 -33.51 33.05
N ARG B 682 -22.40 -34.74 32.55
CA ARG B 682 -21.19 -35.57 32.58
C ARG B 682 -19.98 -34.85 31.96
N LEU B 683 -20.21 -34.06 30.92
CA LEU B 683 -19.15 -33.32 30.25
C LEU B 683 -18.71 -32.18 31.15
N LYS B 684 -19.68 -31.38 31.61
CA LYS B 684 -19.39 -30.26 32.50
C LYS B 684 -18.50 -30.73 33.63
N ALA B 685 -18.85 -31.89 34.17
CA ALA B 685 -18.09 -32.49 35.25
C ALA B 685 -16.71 -32.92 34.78
N PHE B 686 -16.65 -33.40 33.54
CA PHE B 686 -15.42 -33.88 32.95
C PHE B 686 -14.24 -32.92 32.85
N ILE B 687 -14.53 -31.67 32.51
CA ILE B 687 -13.48 -30.70 32.31
C ILE B 687 -12.61 -30.34 33.52
N PRO B 688 -13.24 -29.89 34.61
CA PRO B 688 -12.43 -29.54 35.79
C PRO B 688 -11.51 -30.70 36.16
N GLN B 689 -12.05 -31.90 36.05
CA GLN B 689 -11.28 -33.09 36.36
C GLN B 689 -10.11 -33.16 35.40
N LEU B 690 -10.41 -33.00 34.12
CA LEU B 690 -9.39 -33.07 33.09
C LEU B 690 -8.27 -32.08 33.37
N LEU B 691 -8.63 -30.85 33.72
CA LEU B 691 -7.62 -29.84 33.99
C LEU B 691 -6.92 -29.94 35.33
N SER B 692 -7.70 -30.14 36.39
CA SER B 692 -7.20 -30.25 37.77
C SER B 692 -5.73 -30.63 37.93
N ARG B 693 -5.28 -31.67 37.25
CA ARG B 693 -3.88 -32.06 37.34
C ARG B 693 -3.28 -32.32 35.97
N LEU B 694 -2.16 -31.67 35.69
CA LEU B 694 -1.46 -31.78 34.41
C LEU B 694 0.04 -31.61 34.47
N HIS B 695 0.68 -32.01 33.39
CA HIS B 695 2.11 -31.81 33.23
C HIS B 695 2.15 -31.16 31.86
N ILE B 696 2.94 -30.11 31.71
CA ILE B 696 3.03 -29.43 30.42
C ILE B 696 4.43 -29.51 29.84
N GLU B 697 4.56 -30.06 28.64
CA GLU B 697 5.85 -30.10 27.98
C GLU B 697 5.66 -29.23 26.75
N ALA B 698 6.54 -28.25 26.56
CA ALA B 698 6.41 -27.33 25.43
C ALA B 698 7.70 -27.07 24.68
N LEU B 699 7.53 -26.65 23.42
CA LEU B 699 8.66 -26.30 22.57
C LEU B 699 8.34 -24.91 22.04
N LEU B 700 9.16 -23.92 22.36
CA LEU B 700 8.95 -22.57 21.83
C LEU B 700 10.12 -22.30 20.89
N HIS B 701 9.80 -22.27 19.61
CA HIS B 701 10.80 -22.07 18.58
C HIS B 701 10.41 -20.87 17.72
N GLY B 702 11.38 -19.99 17.45
CA GLY B 702 11.09 -18.85 16.60
C GLY B 702 11.72 -17.51 16.93
N ASN B 703 11.07 -16.43 16.50
CA ASN B 703 11.58 -15.09 16.76
C ASN B 703 11.20 -14.67 18.16
N ILE B 704 11.86 -15.29 19.12
CA ILE B 704 11.59 -14.99 20.49
C ILE B 704 12.86 -15.17 21.32
N THR B 705 12.88 -14.58 22.51
CA THR B 705 14.03 -14.72 23.37
C THR B 705 13.75 -15.67 24.52
N LYS B 706 14.81 -16.14 25.17
CA LYS B 706 14.63 -17.06 26.29
C LYS B 706 13.69 -16.45 27.35
N GLN B 707 13.99 -15.24 27.78
CA GLN B 707 13.18 -14.56 28.78
C GLN B 707 11.73 -14.47 28.33
N ALA B 708 11.54 -14.38 27.03
CA ALA B 708 10.20 -14.30 26.48
C ALA B 708 9.55 -15.66 26.68
N ALA B 709 10.29 -16.70 26.31
CA ALA B 709 9.81 -18.08 26.41
C ALA B 709 9.30 -18.31 27.82
N LEU B 710 10.22 -18.18 28.78
CA LEU B 710 9.88 -18.39 30.17
C LEU B 710 8.61 -17.62 30.49
N GLY B 711 8.53 -16.41 29.95
CA GLY B 711 7.35 -15.59 30.18
C GLY B 711 6.05 -16.19 29.65
N ILE B 712 6.10 -16.74 28.44
CA ILE B 712 4.91 -17.34 27.87
C ILE B 712 4.49 -18.55 28.71
N MET B 713 5.43 -19.46 28.88
CA MET B 713 5.21 -20.68 29.65
C MET B 713 4.62 -20.34 31.00
N GLN B 714 5.19 -19.34 31.66
CA GLN B 714 4.73 -18.91 32.97
C GLN B 714 3.27 -18.43 32.90
N MET B 715 2.90 -17.79 31.80
CA MET B 715 1.54 -17.28 31.65
C MET B 715 0.54 -18.41 31.50
N VAL B 716 0.92 -19.44 30.73
CA VAL B 716 0.07 -20.60 30.52
C VAL B 716 -0.17 -21.21 31.89
N GLU B 717 0.91 -21.46 32.62
CA GLU B 717 0.85 -22.02 33.96
C GLU B 717 -0.09 -21.21 34.88
N ASP B 718 0.18 -19.92 35.00
CA ASP B 718 -0.59 -19.02 35.85
C ASP B 718 -2.07 -19.00 35.56
N THR B 719 -2.41 -19.05 34.27
CA THR B 719 -3.81 -19.03 33.85
C THR B 719 -4.52 -20.30 34.31
N LEU B 720 -3.92 -21.44 33.96
CA LEU B 720 -4.48 -22.72 34.34
C LEU B 720 -4.62 -22.81 35.86
N ILE B 721 -3.57 -22.46 36.56
CA ILE B 721 -3.59 -22.50 38.02
C ILE B 721 -4.72 -21.66 38.62
N GLU B 722 -4.78 -20.40 38.20
CA GLU B 722 -5.78 -19.48 38.72
C GLU B 722 -7.21 -19.78 38.35
N HIS B 723 -7.44 -20.39 37.19
CA HIS B 723 -8.81 -20.66 36.76
C HIS B 723 -9.23 -22.11 36.83
N ALA B 724 -8.25 -23.01 36.85
CA ALA B 724 -8.55 -24.43 36.89
C ALA B 724 -7.89 -25.09 38.09
N HIS B 725 -7.33 -24.27 38.97
CA HIS B 725 -6.68 -24.77 40.17
C HIS B 725 -5.75 -25.95 39.92
N THR B 726 -5.17 -25.98 38.73
CA THR B 726 -4.26 -27.03 38.33
C THR B 726 -3.03 -27.26 39.21
N LYS B 727 -2.83 -28.51 39.66
CA LYS B 727 -1.66 -28.87 40.46
C LYS B 727 -0.85 -29.82 39.56
N PRO B 728 0.44 -30.03 39.87
CA PRO B 728 1.27 -30.93 39.05
C PRO B 728 0.85 -32.39 39.11
N LEU B 729 1.26 -33.15 38.09
CA LEU B 729 0.95 -34.56 37.99
C LEU B 729 2.09 -35.30 38.69
N LEU B 730 1.98 -36.62 38.78
CA LEU B 730 3.03 -37.38 39.42
C LEU B 730 3.92 -37.95 38.34
N PRO B 731 5.22 -38.02 38.61
CA PRO B 731 6.11 -38.56 37.59
C PRO B 731 5.73 -40.00 37.21
N SER B 732 5.44 -40.83 38.22
CA SER B 732 5.04 -42.23 37.99
C SER B 732 3.73 -42.26 37.20
N GLN B 733 2.93 -41.22 37.39
CA GLN B 733 1.64 -41.06 36.73
C GLN B 733 1.77 -40.82 35.22
N LEU B 734 2.96 -40.39 34.78
CA LEU B 734 3.20 -40.09 33.37
C LEU B 734 3.55 -41.29 32.51
N VAL B 735 2.58 -42.16 32.26
CA VAL B 735 2.79 -43.38 31.48
C VAL B 735 2.70 -43.22 29.95
N ARG B 736 3.44 -44.07 29.23
CA ARG B 736 3.44 -44.08 27.76
C ARG B 736 3.10 -45.50 27.28
N TYR B 737 2.36 -45.61 26.18
CA TYR B 737 1.98 -46.92 25.68
C TYR B 737 3.10 -47.71 25.03
N ARG B 738 2.98 -49.03 25.11
CA ARG B 738 3.96 -49.94 24.57
C ARG B 738 3.45 -50.66 23.33
N GLU B 739 4.37 -51.22 22.56
CA GLU B 739 3.99 -51.97 21.38
C GLU B 739 3.97 -53.47 21.72
N VAL B 740 2.98 -54.17 21.18
CA VAL B 740 2.89 -55.61 21.38
C VAL B 740 4.19 -56.20 20.89
N GLN B 741 4.68 -57.24 21.54
CA GLN B 741 5.92 -57.86 21.13
C GLN B 741 5.70 -59.18 20.39
N LEU B 742 5.75 -59.15 19.06
CA LEU B 742 5.55 -60.36 18.28
C LEU B 742 6.69 -61.31 18.57
N PRO B 743 6.39 -62.62 18.61
CA PRO B 743 7.36 -63.69 18.89
C PRO B 743 8.13 -64.15 17.65
N ASP B 744 9.37 -64.59 17.87
CA ASP B 744 10.22 -65.07 16.79
C ASP B 744 9.52 -66.19 16.03
N ARG B 745 9.46 -66.07 14.70
CA ARG B 745 8.83 -67.04 13.81
C ARG B 745 7.30 -67.00 13.78
N GLY B 746 6.70 -66.11 14.58
CA GLY B 746 5.26 -66.05 14.58
C GLY B 746 4.68 -65.39 13.35
N TRP B 747 3.44 -65.72 13.01
CA TRP B 747 2.77 -65.09 11.88
C TRP B 747 1.26 -65.04 12.10
N PHE B 748 0.76 -63.87 12.46
CA PHE B 748 -0.67 -63.71 12.68
C PHE B 748 -1.34 -62.98 11.52
N VAL B 749 -2.65 -63.10 11.46
CA VAL B 749 -3.43 -62.48 10.41
C VAL B 749 -4.76 -62.07 11.01
N TYR B 750 -5.11 -60.81 10.86
CA TYR B 750 -6.39 -60.32 11.33
C TYR B 750 -7.10 -59.99 10.01
N GLN B 751 -8.36 -60.36 9.91
CA GLN B 751 -9.11 -60.12 8.68
C GLN B 751 -10.48 -59.47 8.88
N GLN B 752 -10.82 -58.53 8.00
CA GLN B 752 -12.08 -57.79 8.05
C GLN B 752 -12.52 -57.53 6.61
N ARG B 753 -13.72 -56.98 6.45
CA ARG B 753 -14.23 -56.66 5.13
C ARG B 753 -14.66 -55.19 5.09
N ASN B 754 -14.38 -54.51 3.98
CA ASN B 754 -14.78 -53.11 3.80
C ASN B 754 -16.18 -53.21 3.16
N GLU B 755 -17.18 -52.65 3.82
CA GLU B 755 -18.52 -52.76 3.29
C GLU B 755 -18.84 -51.82 2.13
N VAL B 756 -17.99 -50.83 1.91
CA VAL B 756 -18.28 -49.87 0.86
C VAL B 756 -17.51 -50.05 -0.45
N HIS B 757 -16.23 -50.34 -0.34
CA HIS B 757 -15.42 -50.48 -1.52
C HIS B 757 -15.23 -51.92 -1.95
N ASN B 758 -15.69 -52.23 -3.16
CA ASN B 758 -15.52 -53.56 -3.67
C ASN B 758 -14.08 -53.66 -4.18
N ASN B 759 -13.14 -53.52 -3.26
CA ASN B 759 -11.71 -53.59 -3.56
C ASN B 759 -10.94 -54.03 -2.31
N CYS B 760 -9.79 -54.68 -2.49
CA CYS B 760 -9.03 -55.14 -1.33
C CYS B 760 -7.98 -54.21 -0.83
N GLY B 761 -7.51 -54.51 0.39
CA GLY B 761 -6.49 -53.73 1.07
C GLY B 761 -5.71 -54.67 1.97
N ILE B 762 -4.51 -54.25 2.36
CA ILE B 762 -3.68 -55.10 3.21
C ILE B 762 -2.44 -54.40 3.74
N GLU B 763 -2.09 -54.65 4.99
CA GLU B 763 -0.86 -54.10 5.53
C GLU B 763 -0.05 -55.29 6.03
N ILE B 764 1.23 -55.34 5.67
CA ILE B 764 2.10 -56.41 6.10
C ILE B 764 3.20 -55.78 6.93
N TYR B 765 3.33 -56.23 8.17
CA TYR B 765 4.31 -55.66 9.08
C TYR B 765 5.29 -56.69 9.59
N TYR B 766 6.56 -56.42 9.36
CA TYR B 766 7.65 -57.28 9.80
C TYR B 766 8.32 -56.47 10.88
N GLN B 767 7.93 -56.74 12.12
CA GLN B 767 8.48 -56.05 13.26
C GLN B 767 9.90 -56.48 13.52
N THR B 768 10.86 -55.56 13.43
CA THR B 768 12.23 -55.93 13.71
C THR B 768 12.48 -55.82 15.20
N ASP B 769 12.93 -54.65 15.65
CA ASP B 769 13.18 -54.46 17.07
C ASP B 769 12.99 -53.01 17.47
N MET B 770 13.49 -52.69 18.65
CA MET B 770 13.42 -51.35 19.24
C MET B 770 14.35 -50.42 18.49
N GLN B 771 13.92 -49.18 18.32
CA GLN B 771 14.72 -48.18 17.62
C GLN B 771 16.01 -47.96 18.38
N SER B 772 17.10 -47.87 17.62
CA SER B 772 18.44 -47.64 18.14
C SER B 772 19.23 -47.21 16.92
N THR B 773 20.25 -46.40 17.12
CA THR B 773 21.05 -45.92 15.99
C THR B 773 21.31 -47.01 14.92
N SER B 774 21.63 -48.22 15.37
CA SER B 774 21.92 -49.33 14.47
C SER B 774 20.70 -49.97 13.79
N GLU B 775 19.72 -50.40 14.59
CA GLU B 775 18.52 -51.03 14.04
C GLU B 775 17.79 -50.06 13.13
N ASN B 776 17.92 -48.78 13.43
CA ASN B 776 17.29 -47.73 12.65
C ASN B 776 17.83 -47.69 11.24
N MET B 777 19.15 -47.67 11.14
CA MET B 777 19.79 -47.59 9.85
C MET B 777 19.71 -48.89 9.08
N PHE B 778 19.75 -50.03 9.78
CA PHE B 778 19.62 -51.31 9.13
C PHE B 778 18.33 -51.26 8.31
N LEU B 779 17.25 -50.95 9.00
CA LEU B 779 15.93 -50.85 8.39
C LEU B 779 15.91 -49.77 7.30
N GLU B 780 16.27 -48.55 7.66
CA GLU B 780 16.28 -47.42 6.71
C GLU B 780 17.10 -47.71 5.45
N LEU B 781 18.28 -48.30 5.62
CA LEU B 781 19.15 -48.63 4.49
C LEU B 781 18.46 -49.70 3.64
N PHE B 782 18.03 -50.79 4.26
CA PHE B 782 17.36 -51.84 3.52
C PHE B 782 16.15 -51.27 2.80
N CYS B 783 15.38 -50.47 3.51
CA CYS B 783 14.19 -49.83 2.94
C CYS B 783 14.52 -49.06 1.67
N GLN B 784 15.61 -48.29 1.73
CA GLN B 784 16.09 -47.48 0.61
C GLN B 784 16.31 -48.40 -0.59
N ILE B 785 17.12 -49.42 -0.39
CA ILE B 785 17.41 -50.37 -1.45
C ILE B 785 16.17 -50.97 -2.13
N ILE B 786 15.24 -51.51 -1.35
CA ILE B 786 14.03 -52.15 -1.90
C ILE B 786 12.93 -51.21 -2.38
N SER B 787 13.06 -49.93 -2.06
CA SER B 787 12.02 -48.97 -2.44
C SER B 787 11.72 -48.92 -3.93
N GLU B 788 12.74 -48.57 -4.71
CA GLU B 788 12.60 -48.50 -6.16
C GLU B 788 11.95 -49.78 -6.74
N PRO B 789 12.63 -50.94 -6.57
CA PRO B 789 12.15 -52.22 -7.07
C PRO B 789 10.71 -52.50 -6.67
N CYS B 790 10.40 -52.32 -5.38
CA CYS B 790 9.06 -52.58 -4.90
C CYS B 790 8.01 -51.94 -5.78
N PHE B 791 8.17 -50.65 -6.05
CA PHE B 791 7.20 -49.94 -6.86
C PHE B 791 7.15 -50.49 -8.28
N ASN B 792 8.29 -50.47 -8.94
CA ASN B 792 8.34 -50.94 -10.31
C ASN B 792 7.75 -52.34 -10.48
N THR B 793 8.08 -53.21 -9.54
CA THR B 793 7.64 -54.60 -9.56
C THR B 793 6.19 -54.90 -9.22
N LEU B 794 5.74 -54.49 -8.04
CA LEU B 794 4.38 -54.76 -7.62
C LEU B 794 3.32 -53.97 -8.37
N ARG B 795 3.66 -52.75 -8.80
CA ARG B 795 2.71 -51.92 -9.55
C ARG B 795 2.96 -51.83 -11.04
N THR B 796 4.17 -51.42 -11.44
CA THR B 796 4.48 -51.27 -12.85
C THR B 796 4.46 -52.60 -13.60
N LYS B 797 5.27 -53.55 -13.12
CA LYS B 797 5.30 -54.87 -13.75
C LYS B 797 4.00 -55.63 -13.45
N GLU B 798 3.82 -56.02 -12.20
CA GLU B 798 2.65 -56.80 -11.77
C GLU B 798 1.25 -56.14 -11.75
N GLN B 799 1.19 -54.82 -11.65
CA GLN B 799 -0.09 -54.11 -11.66
C GLN B 799 -1.13 -54.65 -10.65
N LEU B 800 -0.71 -54.77 -9.38
CA LEU B 800 -1.60 -55.25 -8.33
C LEU B 800 -2.63 -54.19 -7.97
N GLY B 801 -2.16 -52.98 -7.73
CA GLY B 801 -3.07 -51.91 -7.40
C GLY B 801 -2.40 -50.56 -7.60
N TYR B 802 -3.22 -49.52 -7.77
CA TYR B 802 -2.70 -48.18 -7.97
C TYR B 802 -1.89 -47.78 -6.74
N ILE B 803 -2.27 -48.34 -5.60
CA ILE B 803 -1.55 -48.06 -4.35
C ILE B 803 -0.72 -49.29 -3.99
N VAL B 804 0.59 -49.10 -3.91
CA VAL B 804 1.52 -50.18 -3.59
C VAL B 804 2.72 -49.62 -2.86
N PHE B 805 2.57 -49.40 -1.56
CA PHE B 805 3.62 -48.83 -0.73
C PHE B 805 4.48 -49.81 0.07
N SER B 806 5.70 -49.42 0.39
CA SER B 806 6.59 -50.21 1.26
C SER B 806 7.39 -49.14 2.02
N GLY B 807 8.19 -49.54 3.01
CA GLY B 807 8.94 -48.54 3.75
C GLY B 807 8.84 -48.80 5.24
N PRO B 808 9.67 -48.13 6.07
CA PRO B 808 9.65 -48.31 7.53
C PRO B 808 8.35 -47.92 8.25
N ARG B 809 8.11 -48.59 9.37
CA ARG B 809 6.95 -48.32 10.21
C ARG B 809 7.56 -48.09 11.60
N ARG B 810 7.26 -46.95 12.21
CA ARG B 810 7.77 -46.62 13.55
C ARG B 810 6.68 -46.25 14.52
N ALA B 811 6.71 -46.84 15.71
CA ALA B 811 5.69 -46.55 16.72
C ALA B 811 6.05 -47.05 18.11
N ASN B 812 5.66 -46.26 19.11
CA ASN B 812 5.90 -46.57 20.51
C ASN B 812 7.36 -46.86 20.81
N GLY B 813 8.23 -46.68 19.83
CA GLY B 813 9.65 -46.92 20.07
C GLY B 813 10.15 -48.12 19.32
N ILE B 814 9.22 -48.85 18.73
CA ILE B 814 9.56 -50.03 17.97
C ILE B 814 9.48 -49.69 16.51
N GLN B 815 9.96 -50.59 15.66
CA GLN B 815 9.92 -50.34 14.23
C GLN B 815 9.94 -51.63 13.47
N GLY B 816 10.01 -51.54 12.15
CA GLY B 816 10.02 -52.72 11.30
C GLY B 816 9.62 -52.39 9.88
N LEU B 817 9.67 -53.39 8.99
CA LEU B 817 9.34 -53.18 7.60
C LEU B 817 7.85 -53.31 7.36
N ARG B 818 7.31 -52.53 6.44
CA ARG B 818 5.90 -52.66 6.14
C ARG B 818 5.53 -52.43 4.69
N PHE B 819 4.49 -53.12 4.25
CA PHE B 819 4.01 -52.97 2.89
C PHE B 819 2.55 -52.68 3.02
N ILE B 820 2.04 -51.81 2.15
CA ILE B 820 0.62 -51.48 2.13
C ILE B 820 0.19 -51.63 0.67
N ILE B 821 -0.96 -52.24 0.43
CA ILE B 821 -1.42 -52.43 -0.96
C ILE B 821 -2.92 -52.50 -1.12
N GLN B 822 -3.47 -51.69 -2.03
CA GLN B 822 -4.89 -51.78 -2.28
C GLN B 822 -4.96 -52.49 -3.64
N SER B 823 -5.96 -53.34 -3.85
CA SER B 823 -6.05 -54.06 -5.12
C SER B 823 -7.34 -54.85 -5.33
N GLU B 824 -7.58 -55.27 -6.57
CA GLU B 824 -8.77 -56.05 -6.85
C GLU B 824 -8.44 -57.48 -6.51
N LYS B 825 -7.14 -57.79 -6.48
CA LYS B 825 -6.66 -59.13 -6.14
C LYS B 825 -6.91 -59.38 -4.63
N PRO B 826 -7.25 -60.63 -4.26
CA PRO B 826 -7.49 -60.95 -2.84
C PRO B 826 -6.17 -60.90 -2.07
N PRO B 827 -6.27 -60.59 -0.76
CA PRO B 827 -5.10 -60.49 0.11
C PRO B 827 -4.12 -61.65 0.15
N HIS B 828 -4.62 -62.88 0.25
CA HIS B 828 -3.67 -63.99 0.31
C HIS B 828 -2.73 -63.98 -0.86
N TYR B 829 -3.25 -63.61 -2.03
CA TYR B 829 -2.42 -63.56 -3.22
C TYR B 829 -1.39 -62.42 -3.14
N LEU B 830 -1.84 -61.25 -2.74
CA LEU B 830 -0.95 -60.10 -2.63
C LEU B 830 0.21 -60.48 -1.71
N GLU B 831 -0.16 -61.10 -0.61
CA GLU B 831 0.79 -61.53 0.40
C GLU B 831 1.87 -62.41 -0.25
N SER B 832 1.46 -63.22 -1.21
CA SER B 832 2.39 -64.12 -1.88
C SER B 832 3.38 -63.37 -2.76
N ARG B 833 2.86 -62.41 -3.53
CA ARG B 833 3.70 -61.60 -4.42
C ARG B 833 4.70 -60.83 -3.57
N VAL B 834 4.21 -60.21 -2.49
CA VAL B 834 5.07 -59.46 -1.59
C VAL B 834 6.20 -60.36 -1.13
N GLU B 835 5.88 -61.61 -0.85
CA GLU B 835 6.91 -62.52 -0.39
C GLU B 835 7.90 -62.86 -1.50
N ALA B 836 7.38 -63.00 -2.72
CA ALA B 836 8.20 -63.36 -3.87
C ALA B 836 9.25 -62.27 -4.10
N PHE B 837 8.75 -61.04 -4.16
CA PHE B 837 9.58 -59.87 -4.36
C PHE B 837 10.68 -59.86 -3.30
N LEU B 838 10.27 -60.14 -2.07
CA LEU B 838 11.17 -60.16 -0.93
C LEU B 838 12.35 -61.10 -1.20
N ILE B 839 12.09 -62.15 -1.98
CA ILE B 839 13.12 -63.13 -2.34
C ILE B 839 13.96 -62.55 -3.47
N THR B 840 13.28 -61.96 -4.45
CA THR B 840 13.94 -61.33 -5.58
C THR B 840 14.98 -60.37 -5.03
N MET B 841 14.55 -59.52 -4.09
CA MET B 841 15.44 -58.54 -3.49
C MET B 841 16.64 -59.21 -2.85
N GLU B 842 16.42 -60.37 -2.24
CA GLU B 842 17.49 -61.10 -1.58
C GLU B 842 18.66 -61.28 -2.54
N LYS B 843 18.37 -61.81 -3.73
CA LYS B 843 19.40 -62.03 -4.75
C LYS B 843 19.92 -60.69 -5.26
N SER B 844 18.99 -59.80 -5.59
CA SER B 844 19.30 -58.48 -6.09
C SER B 844 20.37 -57.74 -5.27
N ILE B 845 20.41 -57.99 -3.96
CA ILE B 845 21.39 -57.32 -3.10
C ILE B 845 22.74 -58.00 -3.19
N GLU B 846 22.74 -59.30 -2.98
CA GLU B 846 23.95 -60.09 -3.01
C GLU B 846 24.70 -59.90 -4.34
N ASP B 847 23.95 -59.52 -5.37
CA ASP B 847 24.52 -59.31 -6.70
C ASP B 847 24.86 -57.85 -7.04
N MET B 848 24.18 -56.89 -6.43
CA MET B 848 24.48 -55.49 -6.76
C MET B 848 25.94 -55.13 -6.44
N THR B 849 26.55 -54.42 -7.38
CA THR B 849 27.94 -53.98 -7.25
C THR B 849 28.15 -53.12 -6.02
N GLU B 850 29.33 -53.24 -5.43
CA GLU B 850 29.65 -52.44 -4.26
C GLU B 850 29.36 -50.98 -4.61
N GLU B 851 29.50 -50.64 -5.88
CA GLU B 851 29.26 -49.29 -6.34
C GLU B 851 27.77 -48.97 -6.17
N ALA B 852 26.91 -49.92 -6.54
CA ALA B 852 25.47 -49.74 -6.38
C ALA B 852 25.12 -49.50 -4.90
N PHE B 853 25.76 -50.26 -4.01
CA PHE B 853 25.52 -50.15 -2.58
C PHE B 853 25.75 -48.72 -2.07
N GLN B 854 26.96 -48.22 -2.28
CA GLN B 854 27.31 -46.87 -1.83
C GLN B 854 26.41 -45.80 -2.41
N LYS B 855 25.96 -45.98 -3.64
CA LYS B 855 25.09 -44.99 -4.27
C LYS B 855 23.80 -44.87 -3.44
N HIS B 856 23.28 -46.02 -3.01
CA HIS B 856 22.07 -46.08 -2.19
C HIS B 856 22.35 -45.44 -0.84
N ILE B 857 23.46 -45.84 -0.23
CA ILE B 857 23.86 -45.28 1.05
C ILE B 857 23.88 -43.74 0.96
N GLN B 858 24.27 -43.20 -0.19
CA GLN B 858 24.32 -41.76 -0.32
C GLN B 858 22.93 -41.21 -0.49
N ALA B 859 22.13 -41.86 -1.35
CA ALA B 859 20.76 -41.41 -1.58
C ALA B 859 20.09 -41.25 -0.24
N LEU B 860 20.21 -42.29 0.59
CA LEU B 860 19.63 -42.28 1.93
C LEU B 860 20.22 -41.14 2.73
N ALA B 861 21.54 -41.17 2.86
CA ALA B 861 22.30 -40.16 3.57
C ALA B 861 21.85 -38.74 3.22
N ILE B 862 21.71 -38.47 1.93
CA ILE B 862 21.28 -37.13 1.52
C ILE B 862 19.86 -36.85 2.02
N ARG B 863 18.95 -37.82 1.85
CA ARG B 863 17.58 -37.67 2.31
C ARG B 863 17.58 -37.30 3.79
N ARG B 864 18.22 -38.13 4.59
CA ARG B 864 18.27 -37.89 6.01
C ARG B 864 18.88 -36.55 6.40
N LEU B 865 19.74 -36.02 5.54
CA LEU B 865 20.41 -34.76 5.83
C LEU B 865 19.90 -33.51 5.14
N ASP B 866 18.92 -33.67 4.27
CA ASP B 866 18.34 -32.53 3.58
C ASP B 866 17.88 -31.58 4.67
N LYS B 867 18.26 -30.31 4.57
CA LYS B 867 17.89 -29.35 5.61
C LYS B 867 16.53 -28.69 5.54
N PRO B 868 15.98 -28.27 6.69
CA PRO B 868 14.67 -27.62 6.78
C PRO B 868 14.66 -26.27 6.07
N LYS B 869 13.65 -26.01 5.23
CA LYS B 869 13.59 -24.75 4.50
C LYS B 869 12.84 -23.66 5.25
N LYS B 870 11.94 -24.05 6.16
CA LYS B 870 11.16 -23.07 6.93
C LYS B 870 11.03 -23.43 8.39
N LEU B 871 10.94 -22.40 9.22
CA LEU B 871 10.81 -22.60 10.66
C LEU B 871 9.91 -23.79 11.02
N SER B 872 8.63 -23.72 10.64
CA SER B 872 7.70 -24.82 10.96
C SER B 872 8.28 -26.21 10.67
N ALA B 873 9.02 -26.33 9.57
CA ALA B 873 9.65 -27.60 9.19
C ALA B 873 10.67 -28.01 10.26
N GLU B 874 11.51 -27.08 10.67
CA GLU B 874 12.52 -27.33 11.68
C GLU B 874 11.80 -27.66 12.99
N CYS B 875 10.83 -26.83 13.38
CA CYS B 875 10.07 -27.04 14.62
C CYS B 875 9.53 -28.47 14.67
N ALA B 876 8.99 -28.95 13.56
CA ALA B 876 8.47 -30.30 13.49
C ALA B 876 9.53 -31.27 13.99
N LYS B 877 10.66 -31.32 13.27
CA LYS B 877 11.77 -32.21 13.65
C LYS B 877 12.06 -32.16 15.14
N TYR B 878 12.17 -30.97 15.72
CA TYR B 878 12.44 -30.88 17.15
C TYR B 878 11.25 -31.45 17.94
N TRP B 879 10.04 -31.06 17.55
CA TRP B 879 8.85 -31.56 18.26
C TRP B 879 8.78 -33.08 18.19
N GLY B 880 9.21 -33.64 17.07
CA GLY B 880 9.20 -35.08 16.92
C GLY B 880 9.97 -35.73 18.04
N GLU B 881 11.21 -35.28 18.22
CA GLU B 881 12.10 -35.82 19.26
C GLU B 881 11.51 -35.65 20.66
N ILE B 882 10.92 -34.49 20.94
CA ILE B 882 10.32 -34.23 22.25
C ILE B 882 9.09 -35.11 22.47
N ILE B 883 8.29 -35.24 21.42
CA ILE B 883 7.08 -36.05 21.49
C ILE B 883 7.39 -37.52 21.75
N SER B 884 8.31 -38.09 21.00
CA SER B 884 8.68 -39.48 21.16
C SER B 884 9.57 -39.62 22.36
N GLN B 885 9.74 -38.51 23.08
CA GLN B 885 10.57 -38.51 24.26
C GLN B 885 11.93 -39.15 24.08
N GLN B 886 12.57 -38.86 22.95
CA GLN B 886 13.89 -39.38 22.65
C GLN B 886 14.88 -38.21 22.66
N TYR B 887 14.39 -37.01 22.39
CA TYR B 887 15.22 -35.81 22.42
C TYR B 887 16.57 -35.89 21.71
N ASN B 888 16.69 -36.71 20.68
CA ASN B 888 17.97 -36.82 19.98
C ASN B 888 18.04 -35.79 18.84
N PHE B 889 18.12 -34.52 19.22
CA PHE B 889 18.15 -33.41 18.27
C PHE B 889 19.24 -33.41 17.22
N ASP B 890 20.32 -34.16 17.46
CA ASP B 890 21.41 -34.24 16.51
C ASP B 890 21.37 -35.61 15.84
N ARG B 891 20.22 -36.26 15.91
CA ARG B 891 20.03 -37.58 15.34
C ARG B 891 20.63 -37.79 13.94
N ASP B 892 20.25 -36.92 13.00
CA ASP B 892 20.71 -37.00 11.62
C ASP B 892 22.21 -37.20 11.45
N ASN B 893 23.00 -36.35 12.08
CA ASN B 893 24.45 -36.47 11.99
C ASN B 893 24.85 -37.86 12.42
N THR B 894 24.49 -38.18 13.66
CA THR B 894 24.76 -39.47 14.24
C THR B 894 24.39 -40.60 13.30
N GLU B 895 23.10 -40.75 13.05
CA GLU B 895 22.63 -41.83 12.22
C GLU B 895 23.23 -41.90 10.82
N VAL B 896 23.50 -40.76 10.19
CA VAL B 896 24.08 -40.80 8.84
C VAL B 896 25.53 -41.27 8.90
N ALA B 897 26.25 -40.79 9.91
CA ALA B 897 27.63 -41.19 10.10
C ALA B 897 27.65 -42.71 10.19
N TYR B 898 26.90 -43.24 11.14
CA TYR B 898 26.83 -44.69 11.34
C TYR B 898 26.35 -45.46 10.09
N LEU B 899 25.44 -44.86 9.33
CA LEU B 899 24.92 -45.48 8.12
C LEU B 899 26.09 -45.70 7.17
N LYS B 900 26.87 -44.64 6.96
CA LYS B 900 28.03 -44.70 6.06
C LYS B 900 29.01 -45.84 6.41
N THR B 901 28.83 -46.44 7.58
CA THR B 901 29.68 -47.53 8.03
C THR B 901 29.13 -48.87 7.57
N LEU B 902 27.82 -48.93 7.44
CA LEU B 902 27.13 -50.15 7.04
C LEU B 902 27.63 -50.73 5.74
N THR B 903 27.90 -52.03 5.78
CA THR B 903 28.40 -52.77 4.62
C THR B 903 27.29 -53.60 3.98
N LYS B 904 27.44 -53.87 2.68
CA LYS B 904 26.45 -54.65 1.95
C LYS B 904 26.22 -55.97 2.68
N GLU B 905 27.27 -56.46 3.33
CA GLU B 905 27.20 -57.72 4.06
C GLU B 905 26.32 -57.63 5.31
N ASP B 906 26.53 -56.56 6.08
CA ASP B 906 25.75 -56.32 7.29
C ASP B 906 24.26 -56.42 6.97
N ILE B 907 23.86 -55.82 5.85
CA ILE B 907 22.47 -55.85 5.44
C ILE B 907 22.00 -57.27 5.20
N ILE B 908 22.74 -58.04 4.42
CA ILE B 908 22.31 -59.41 4.15
C ILE B 908 22.07 -60.15 5.47
N LYS B 909 22.95 -59.97 6.45
CA LYS B 909 22.77 -60.62 7.74
C LYS B 909 21.45 -60.15 8.33
N PHE B 910 21.24 -58.83 8.35
CA PHE B 910 20.01 -58.24 8.85
C PHE B 910 18.79 -58.95 8.22
N TYR B 911 18.73 -58.98 6.88
CA TYR B 911 17.61 -59.64 6.21
C TYR B 911 17.54 -61.12 6.59
N LYS B 912 18.69 -61.79 6.49
CA LYS B 912 18.77 -63.20 6.81
C LYS B 912 18.30 -63.50 8.23
N GLU B 913 18.54 -62.60 9.18
CA GLU B 913 18.10 -62.86 10.55
C GLU B 913 16.74 -62.30 10.99
N MET B 914 16.25 -61.28 10.29
CA MET B 914 14.98 -60.68 10.70
C MET B 914 13.83 -60.77 9.72
N LEU B 915 14.11 -60.51 8.44
CA LEU B 915 13.07 -60.48 7.42
C LEU B 915 12.87 -61.73 6.57
N ALA B 916 13.96 -62.41 6.23
CA ALA B 916 13.89 -63.62 5.42
C ALA B 916 12.71 -64.52 5.81
N VAL B 917 12.00 -65.04 4.80
CA VAL B 917 10.84 -65.91 5.02
C VAL B 917 11.06 -66.96 6.12
N ASP B 918 12.31 -67.32 6.38
CA ASP B 918 12.61 -68.32 7.41
C ASP B 918 13.68 -67.84 8.38
N ALA B 919 13.67 -66.55 8.66
CA ALA B 919 14.61 -65.96 9.59
C ALA B 919 14.27 -66.46 10.99
N PRO B 920 15.29 -66.65 11.82
CA PRO B 920 15.07 -67.11 13.19
C PRO B 920 14.29 -66.10 14.04
N ARG B 921 14.20 -64.86 13.56
CA ARG B 921 13.51 -63.83 14.33
C ARG B 921 12.40 -63.09 13.58
N ARG B 922 11.87 -63.69 12.53
CA ARG B 922 10.82 -63.06 11.76
C ARG B 922 9.62 -62.78 12.69
N HIS B 923 9.02 -61.59 12.58
CA HIS B 923 7.87 -61.24 13.41
C HIS B 923 6.83 -60.65 12.48
N LYS B 924 6.11 -61.51 11.77
CA LYS B 924 5.12 -61.04 10.82
C LYS B 924 3.64 -60.95 11.24
N VAL B 925 3.04 -59.78 11.10
CA VAL B 925 1.60 -59.62 11.38
C VAL B 925 0.99 -59.10 10.10
N SER B 926 -0.23 -59.49 9.78
CA SER B 926 -0.85 -59.05 8.54
C SER B 926 -2.35 -58.78 8.64
N VAL B 927 -2.78 -57.58 8.22
CA VAL B 927 -4.20 -57.23 8.24
C VAL B 927 -4.69 -57.38 6.81
N HIS B 928 -5.81 -58.08 6.62
CA HIS B 928 -6.39 -58.33 5.30
C HIS B 928 -7.79 -57.73 5.28
N VAL B 929 -8.06 -56.86 4.33
CA VAL B 929 -9.40 -56.29 4.30
C VAL B 929 -10.09 -56.60 2.98
N LEU B 930 -10.92 -57.63 3.02
CA LEU B 930 -11.64 -58.07 1.83
C LEU B 930 -12.58 -57.04 1.28
N ALA B 931 -12.80 -57.12 -0.03
CA ALA B 931 -13.67 -56.22 -0.78
C ALA B 931 -15.15 -56.44 -0.50
N ARG B 932 -15.94 -55.40 -0.71
CA ARG B 932 -17.37 -55.49 -0.49
C ARG B 932 -17.94 -56.78 -1.07
N GLU B 933 -18.01 -56.86 -2.39
CA GLU B 933 -18.56 -58.03 -3.07
C GLU B 933 -17.70 -59.28 -2.92
N MET B 934 -16.44 -59.10 -2.57
CA MET B 934 -15.52 -60.23 -2.44
C MET B 934 -16.07 -61.40 -1.64
N ASP B 935 -15.53 -62.59 -1.90
CA ASP B 935 -15.94 -63.81 -1.21
C ASP B 935 -15.24 -63.81 0.16
N SER B 936 -15.38 -64.89 0.92
CA SER B 936 -14.70 -65.00 2.21
C SER B 936 -13.24 -65.15 1.79
N CYS B 937 -12.36 -65.64 2.66
CA CYS B 937 -10.97 -65.78 2.21
C CYS B 937 -9.99 -66.49 3.15
N PRO B 938 -8.94 -67.10 2.56
CA PRO B 938 -7.90 -67.83 3.27
C PRO B 938 -6.66 -66.92 3.53
N VAL B 939 -5.47 -67.54 3.53
CA VAL B 939 -4.22 -66.82 3.76
C VAL B 939 -3.07 -67.82 3.83
N SER B 952 7.25 -64.88 -11.30
CA SER B 952 8.23 -65.15 -10.25
C SER B 952 7.58 -65.85 -9.04
N GLN B 953 7.63 -67.19 -9.06
CA GLN B 953 7.04 -68.03 -8.00
C GLN B 953 7.40 -67.59 -6.58
N ALA B 954 6.36 -67.40 -5.77
CA ALA B 954 6.52 -66.98 -4.37
C ALA B 954 7.01 -68.16 -3.56
N PRO B 955 7.64 -67.90 -2.40
CA PRO B 955 8.13 -69.02 -1.58
C PRO B 955 6.99 -69.95 -1.11
N ALA B 956 7.06 -70.37 0.15
CA ALA B 956 6.04 -71.23 0.74
C ALA B 956 5.84 -70.69 2.15
N LEU B 957 4.62 -70.22 2.43
CA LEU B 957 4.32 -69.64 3.73
C LEU B 957 3.72 -70.59 4.77
N PRO B 958 3.98 -70.31 6.06
CA PRO B 958 3.48 -71.11 7.18
C PRO B 958 1.96 -70.97 7.34
N GLN B 959 1.44 -71.62 8.38
CA GLN B 959 0.03 -71.55 8.69
C GLN B 959 -0.09 -70.38 9.66
N PRO B 960 -0.79 -69.32 9.27
CA PRO B 960 -0.90 -68.20 10.19
C PRO B 960 -1.96 -68.42 11.25
N GLU B 961 -1.71 -67.85 12.43
CA GLU B 961 -2.68 -67.97 13.50
C GLU B 961 -3.68 -66.86 13.22
N VAL B 962 -4.94 -67.22 13.07
CA VAL B 962 -5.97 -66.22 12.81
C VAL B 962 -6.52 -65.51 14.04
N ILE B 963 -6.16 -64.24 14.18
CA ILE B 963 -6.62 -63.44 15.29
C ILE B 963 -8.13 -63.30 15.17
N GLN B 964 -8.83 -63.56 16.27
CA GLN B 964 -10.28 -63.45 16.26
C GLN B 964 -10.72 -62.47 17.33
N ASN B 965 -9.75 -61.88 18.02
CA ASN B 965 -10.07 -60.93 19.08
C ASN B 965 -8.85 -60.10 19.45
N MET B 966 -8.92 -58.80 19.26
CA MET B 966 -7.76 -57.97 19.57
C MET B 966 -7.36 -57.97 21.02
N THR B 967 -8.33 -58.01 21.92
CA THR B 967 -7.99 -58.03 23.33
C THR B 967 -7.32 -59.36 23.66
N GLU B 968 -7.96 -60.46 23.23
CA GLU B 968 -7.40 -61.79 23.44
C GLU B 968 -5.99 -61.80 22.87
N PHE B 969 -5.85 -61.28 21.65
CA PHE B 969 -4.56 -61.22 20.97
C PHE B 969 -3.50 -60.49 21.81
N LYS B 970 -3.78 -59.23 22.14
CA LYS B 970 -2.85 -58.41 22.93
C LYS B 970 -2.45 -59.03 24.28
N ARG B 971 -3.42 -59.61 25.00
CA ARG B 971 -3.14 -60.21 26.30
C ARG B 971 -2.21 -61.41 26.20
N GLY B 972 -2.32 -62.15 25.09
CA GLY B 972 -1.50 -63.33 24.90
C GLY B 972 -0.04 -63.05 24.63
N LEU B 973 0.32 -61.79 24.43
CA LEU B 973 1.70 -61.41 24.14
C LEU B 973 2.30 -60.46 25.13
N PRO B 974 3.64 -60.39 25.16
CA PRO B 974 4.32 -59.48 26.07
C PRO B 974 4.32 -58.10 25.45
N LEU B 975 4.91 -57.15 26.16
CA LEU B 975 4.98 -55.78 25.68
C LEU B 975 6.42 -55.30 25.74
N PHE B 976 6.85 -54.60 24.70
CA PHE B 976 8.21 -54.09 24.67
C PHE B 976 8.42 -53.05 25.75
N PRO B 977 9.69 -52.73 26.01
CA PRO B 977 9.93 -51.69 27.04
C PRO B 977 9.72 -50.36 26.28
N LEU B 978 10.03 -49.23 26.90
CA LEU B 978 9.88 -47.93 26.22
C LEU B 978 11.27 -47.40 25.93
N VAL B 979 11.47 -46.82 24.76
CA VAL B 979 12.79 -46.29 24.40
C VAL B 979 13.33 -45.29 25.43
N LYS B 980 14.57 -45.51 25.88
CA LYS B 980 15.16 -44.61 26.86
C LYS B 980 15.46 -43.22 26.26
N PRO B 981 15.16 -42.15 27.02
CA PRO B 981 15.42 -40.80 26.52
C PRO B 981 16.92 -40.53 26.37
N HIS B 982 17.28 -39.72 25.38
CA HIS B 982 18.67 -39.36 25.11
C HIS B 982 18.97 -38.11 25.95
N ILE B 983 18.87 -38.27 27.27
CA ILE B 983 19.10 -37.21 28.26
C ILE B 983 19.81 -35.93 27.79
N ASN B 984 19.12 -34.80 27.88
CA ASN B 984 19.67 -33.51 27.48
C ASN B 984 19.92 -32.60 28.69
N PHE B 985 21.20 -32.46 29.04
CA PHE B 985 21.65 -31.63 30.17
C PHE B 985 21.20 -30.18 29.98
N MET B 986 20.70 -29.60 31.07
CA MET B 986 20.20 -28.22 31.13
C MET B 986 18.88 -28.29 31.87
N ALA B 987 18.49 -27.19 32.51
CA ALA B 987 17.24 -27.11 33.25
C ALA B 987 17.14 -25.79 33.99
N ALA B 988 17.98 -24.91 33.68
N ALA C 1 -2.37 51.08 -0.16
CA ALA C 1 -3.21 49.87 -0.42
C ALA C 1 -4.31 49.71 0.65
N ALA C 2 -5.43 49.07 0.30
CA ALA C 2 -6.49 48.78 1.27
C ALA C 2 -6.08 47.40 1.77
N ALA C 3 -6.04 47.21 3.09
CA ALA C 3 -5.64 45.94 3.72
C ALA C 3 -6.30 44.73 3.07
N ALA C 4 -1.71 35.66 9.89
CA ALA C 4 -0.57 34.74 9.88
C ALA C 4 -1.01 33.38 10.48
N ALA C 5 -1.34 32.44 9.59
CA ALA C 5 -1.83 31.11 10.01
C ALA C 5 -0.80 29.99 9.88
N ALA C 6 -0.68 29.19 10.94
CA ALA C 6 0.27 28.07 10.98
C ALA C 6 -0.29 26.90 10.12
N ALA C 7 0.49 26.44 9.11
CA ALA C 7 0.07 25.36 8.21
C ALA C 7 0.65 23.96 8.52
N ALA C 8 0.27 22.96 7.71
CA ALA C 8 0.72 21.56 7.89
C ALA C 8 2.05 21.24 7.21
N ALA C 9 2.07 21.33 5.89
CA ALA C 9 3.27 21.06 5.11
C ALA C 9 3.85 22.37 4.59
N ALA C 10 5.18 22.47 4.64
CA ALA C 10 5.91 23.64 4.17
C ALA C 10 5.32 24.12 2.84
N ALA D 1 -15.16 -19.36 5.46
CA ALA D 1 -13.87 -19.44 4.74
C ALA D 1 -14.09 -19.15 3.26
N ALA D 2 -13.08 -18.52 2.64
CA ALA D 2 -13.10 -18.19 1.20
C ALA D 2 -12.67 -19.49 0.48
N ALA D 3 -13.15 -19.72 -0.74
CA ALA D 3 -12.81 -20.96 -1.47
C ALA D 3 -11.32 -21.11 -1.74
N ALA D 4 -11.02 -31.05 -9.20
CA ALA D 4 -10.23 -32.20 -8.79
C ALA D 4 -9.19 -32.61 -9.86
N ALA D 5 -7.91 -32.64 -9.47
CA ALA D 5 -6.83 -33.03 -10.38
C ALA D 5 -6.50 -34.52 -10.14
N ALA D 6 -6.07 -35.23 -11.19
CA ALA D 6 -5.77 -36.67 -11.11
C ALA D 6 -4.24 -36.97 -11.21
N ALA D 7 -3.63 -37.49 -10.13
CA ALA D 7 -2.17 -37.78 -10.06
C ALA D 7 -1.66 -39.15 -10.58
N ALA D 8 -0.34 -39.23 -10.81
CA ALA D 8 0.31 -40.45 -11.31
C ALA D 8 0.56 -41.43 -10.15
N ALA D 9 0.98 -40.88 -9.03
CA ALA D 9 1.24 -41.67 -7.86
C ALA D 9 0.47 -40.99 -6.73
N ALA D 10 -0.27 -41.77 -5.96
CA ALA D 10 -1.05 -41.24 -4.84
C ALA D 10 -0.18 -41.33 -3.60
C1 DIO E . 1.68 47.07 19.10
C2 DIO E . 3.29 45.36 19.05
C1' DIO E . 1.02 46.48 17.84
C2' DIO E . 2.64 44.77 17.79
O1 DIO E . 2.29 46.00 19.86
O1' DIO E . 2.03 45.83 17.02
C1 DIO F . -24.80 -28.95 -8.08
C2 DIO F . -24.99 -31.14 -8.93
C1' DIO F . -23.42 -29.29 -7.51
C2' DIO F . -23.60 -31.49 -8.36
O1 DIO F . -25.04 -29.75 -9.27
O1' DIO F . -23.36 -30.69 -7.17
#